data_5NWE
#
_entry.id   5NWE
#
_cell.length_a   85.474
_cell.length_b   126.608
_cell.length_c   96.560
_cell.angle_alpha   90.00
_cell.angle_beta   93.49
_cell.angle_gamma   90.00
#
_symmetry.space_group_name_H-M   'P 1 21 1'
#
loop_
_entity.id
_entity.type
_entity.pdbx_description
1 polymer Neuraminidase
2 branched alpha-D-mannopyranose-(1-6)-beta-D-mannopyranose-(1-4)-2-acetamido-2-deoxy-beta-D-glucopyranose-(1-4)-[alpha-L-fucopyranose-(1-6)]2-acetamido-2-deoxy-beta-D-glucopyranose
3 branched 2-acetamido-2-deoxy-beta-D-glucopyranose-(1-4)-2-acetamido-2-deoxy-beta-D-glucopyranose
4 non-polymer 'CALCIUM ION'
5 non-polymer '(3R,4R,5S)-4-(acetylamino)-5-amino-3-(pentan-3-yloxy)cyclohex-1-ene-1-carboxylic acid'
6 non-polymer 2-acetamido-2-deoxy-beta-D-glucopyranose
7 water water
#
_entity_poly.entity_id   1
_entity_poly.type   'polypeptide(L)'
_entity_poly.pdbx_seq_one_letter_code
;SVKLAGNSSLCPVSGWAIYSKDNSVRIGSKGDVFVIREPFISCSPLECRTFFLTQGALLNDKHSNGTIKDRSPYRTLMSC
PIGEVPSPYNSRFESVAWSASACHDGINWLTIGISGPDNGAVAVLKYNGIITDTIKSWRNNILRTQESECACVNGSCFTV
MTDGPSNGQASYKIFRIEKGKIVKSVEMNAPNYYYEECSCYPDSSEITCVCRDNWHGSNRPWVSFNQNLEYQIGYICSGI
FGDNPRPNDKTGSCGPVSSNGANGVKGFSFKYGNGVWIGRTKSISSRNGFEMIWDPNGWTGTDNNFSIKQDIVGINEWSG
YSGSFVQHPELTGLDCIRPCFWVELIRGRPKENTIWTSGSSISFCGVNSDTVGWSWPDGAELPFTIDK
;
_entity_poly.pdbx_strand_id   A,B,C,D
#
loop_
_chem_comp.id
_chem_comp.type
_chem_comp.name
_chem_comp.formula
BMA D-saccharide, beta linking beta-D-mannopyranose 'C6 H12 O6'
CA non-polymer 'CALCIUM ION' 'Ca 2'
FUC L-saccharide, alpha linking alpha-L-fucopyranose 'C6 H12 O5'
G39 non-polymer '(3R,4R,5S)-4-(acetylamino)-5-amino-3-(pentan-3-yloxy)cyclohex-1-ene-1-carboxylic acid' 'C14 H24 N2 O4'
MAN D-saccharide, alpha linking alpha-D-mannopyranose 'C6 H12 O6'
NAG D-saccharide, beta linking 2-acetamido-2-deoxy-beta-D-glucopyranose 'C8 H15 N O6'
#
# COMPACT_ATOMS: atom_id res chain seq x y z
N SER A 1 22.39 -0.24 -14.16
CA SER A 1 21.42 0.07 -15.24
C SER A 1 22.13 0.34 -16.55
N VAL A 2 21.55 -0.19 -17.62
CA VAL A 2 22.10 -0.07 -18.96
C VAL A 2 20.96 0.13 -19.95
N LYS A 3 21.24 0.87 -21.01
CA LYS A 3 20.26 1.12 -22.07
C LYS A 3 19.78 -0.19 -22.70
N LEU A 4 18.49 -0.27 -23.00
CA LEU A 4 17.99 -1.41 -23.77
C LEU A 4 18.62 -1.29 -25.18
N ALA A 5 19.17 -2.39 -25.68
CA ALA A 5 19.89 -2.42 -26.97
C ALA A 5 18.94 -2.26 -28.13
N GLY A 6 17.88 -3.07 -28.13
CA GLY A 6 16.80 -2.97 -29.11
C GLY A 6 17.22 -3.43 -30.51
N ASN A 7 18.27 -4.23 -30.58
CA ASN A 7 18.89 -4.60 -31.85
C ASN A 7 18.64 -6.04 -32.29
N SER A 8 17.99 -6.86 -31.46
CA SER A 8 17.63 -8.23 -31.86
C SER A 8 16.30 -8.23 -32.64
N SER A 9 15.92 -9.36 -33.22
CA SER A 9 14.67 -9.42 -33.96
C SER A 9 13.53 -9.83 -33.05
N LEU A 10 12.29 -9.60 -33.51
CA LEU A 10 11.10 -10.13 -32.83
C LEU A 10 11.19 -11.63 -32.73
N CYS A 11 10.86 -12.18 -31.56
CA CYS A 11 10.81 -13.63 -31.39
C CYS A 11 9.67 -14.15 -32.26
N PRO A 12 9.89 -15.23 -33.01
CA PRO A 12 8.79 -15.81 -33.78
C PRO A 12 7.88 -16.58 -32.85
N VAL A 13 6.58 -16.51 -33.06
CA VAL A 13 5.64 -17.10 -32.08
C VAL A 13 4.55 -17.85 -32.79
N SER A 14 4.12 -18.93 -32.17
CA SER A 14 3.06 -19.76 -32.73
C SER A 14 1.67 -19.51 -32.11
N GLY A 15 1.63 -18.92 -30.92
CA GLY A 15 0.40 -18.66 -30.21
C GLY A 15 0.61 -17.69 -29.06
N TRP A 16 -0.46 -17.41 -28.32
CA TRP A 16 -0.44 -16.41 -27.26
C TRP A 16 -0.88 -17.03 -25.91
N ALA A 17 -0.03 -16.88 -24.89
CA ALA A 17 -0.31 -17.33 -23.51
C ALA A 17 -0.82 -16.14 -22.73
N ILE A 18 -1.90 -16.35 -21.97
CA ILE A 18 -2.47 -15.28 -21.17
C ILE A 18 -1.52 -14.86 -20.07
N TYR A 19 -1.43 -13.55 -19.89
CA TYR A 19 -0.40 -12.99 -19.04
C TYR A 19 -1.03 -12.32 -17.82
N SER A 20 -2.08 -11.52 -18.04
CA SER A 20 -2.74 -10.82 -16.95
C SER A 20 -4.24 -10.62 -17.23
N LYS A 21 -5.01 -10.45 -16.16
CA LYS A 21 -6.40 -9.97 -16.22
C LYS A 21 -6.57 -9.25 -14.92
N ASP A 22 -7.20 -8.06 -14.92
CA ASP A 22 -7.25 -7.26 -13.65
C ASP A 22 -8.61 -7.24 -13.00
N ASN A 23 -9.65 -7.63 -13.76
CA ASN A 23 -11.04 -7.65 -13.33
C ASN A 23 -11.49 -6.29 -12.77
N SER A 24 -10.97 -5.16 -13.27
CA SER A 24 -11.16 -3.83 -12.61
C SER A 24 -12.64 -3.44 -12.39
N VAL A 25 -13.47 -3.69 -13.39
CA VAL A 25 -14.83 -3.21 -13.35
C VAL A 25 -15.61 -4.05 -12.32
N ARG A 26 -15.40 -5.38 -12.37
CA ARG A 26 -15.99 -6.32 -11.41
C ARG A 26 -15.71 -5.94 -9.94
N ILE A 27 -14.44 -5.65 -9.71
CA ILE A 27 -13.93 -5.24 -8.40
C ILE A 27 -14.34 -3.82 -8.02
N GLY A 28 -14.30 -2.88 -8.96
CA GLY A 28 -14.86 -1.53 -8.74
C GLY A 28 -16.37 -1.41 -8.39
N SER A 29 -17.15 -2.49 -8.59
CA SER A 29 -18.51 -2.57 -8.03
C SER A 29 -18.59 -2.27 -6.49
N LYS A 30 -17.57 -2.73 -5.76
CA LYS A 30 -17.43 -2.44 -4.34
C LYS A 30 -16.17 -1.63 -3.99
N GLY A 31 -15.01 -2.02 -4.52
CA GLY A 31 -13.74 -1.40 -4.09
C GLY A 31 -13.52 -0.05 -4.76
N ASP A 32 -12.40 0.62 -4.43
CA ASP A 32 -12.17 1.96 -4.92
C ASP A 32 -11.28 1.81 -6.13
N VAL A 33 -11.87 1.80 -7.30
CA VAL A 33 -11.16 1.56 -8.57
C VAL A 33 -11.47 2.76 -9.45
N PHE A 34 -10.44 3.29 -10.13
CA PHE A 34 -10.59 4.44 -10.98
C PHE A 34 -11.47 4.11 -12.09
N VAL A 35 -12.26 5.10 -12.52
CA VAL A 35 -12.81 5.06 -13.89
C VAL A 35 -11.61 5.37 -14.82
N ILE A 36 -11.41 4.50 -15.81
CA ILE A 36 -10.31 4.67 -16.75
C ILE A 36 -10.74 4.33 -18.15
N ARG A 37 -9.98 4.84 -19.11
CA ARG A 37 -9.91 4.25 -20.42
C ARG A 37 -8.48 4.38 -20.94
N GLU A 38 -8.23 3.88 -22.14
CA GLU A 38 -6.96 3.97 -22.82
C GLU A 38 -5.85 3.31 -21.98
N PRO A 39 -6.10 2.04 -21.54
CA PRO A 39 -5.06 1.38 -20.80
C PRO A 39 -3.97 0.90 -21.74
N PHE A 40 -2.78 0.71 -21.20
CA PHE A 40 -1.70 0.06 -21.93
C PHE A 40 -0.59 -0.48 -21.01
N ILE A 41 0.19 -1.42 -21.55
CA ILE A 41 1.27 -2.04 -20.77
C ILE A 41 2.62 -1.64 -21.31
N SER A 42 3.54 -1.42 -20.39
CA SER A 42 4.91 -1.16 -20.78
C SER A 42 5.81 -1.72 -19.70
N CYS A 43 6.99 -2.22 -20.11
CA CYS A 43 7.89 -2.93 -19.21
C CYS A 43 9.24 -2.23 -19.14
N SER A 44 9.83 -2.19 -17.92
CA SER A 44 11.23 -1.80 -17.70
C SER A 44 12.08 -3.09 -17.77
N PRO A 45 13.42 -3.00 -17.58
CA PRO A 45 14.17 -4.26 -17.42
C PRO A 45 13.83 -5.05 -16.15
N LEU A 46 13.05 -4.47 -15.22
CA LEU A 46 12.68 -5.13 -13.94
C LEU A 46 11.21 -5.53 -13.74
N GLU A 47 10.26 -4.80 -14.32
CA GLU A 47 8.84 -5.10 -14.08
C GLU A 47 7.99 -4.58 -15.23
N CYS A 48 6.73 -5.01 -15.28
CA CYS A 48 5.75 -4.54 -16.25
C CYS A 48 4.65 -3.85 -15.50
N ARG A 49 4.10 -2.78 -16.11
CA ARG A 49 3.17 -1.90 -15.49
C ARG A 49 2.04 -1.53 -16.42
N THR A 50 0.85 -1.34 -15.87
CA THR A 50 -0.30 -0.94 -16.63
C THR A 50 -0.38 0.57 -16.41
N PHE A 51 -0.38 1.29 -17.51
CA PHE A 51 -0.61 2.71 -17.63
C PHE A 51 -2.08 2.92 -18.04
N PHE A 52 -2.67 4.04 -17.66
CA PHE A 52 -4.07 4.29 -17.96
C PHE A 52 -4.47 5.74 -17.71
N LEU A 53 -5.47 6.21 -18.46
CA LEU A 53 -5.97 7.57 -18.29
C LEU A 53 -7.18 7.47 -17.40
N THR A 54 -7.05 8.06 -16.24
CA THR A 54 -8.13 8.06 -15.32
C THR A 54 -9.06 9.15 -15.72
N GLN A 55 -10.23 9.11 -15.13
CA GLN A 55 -11.18 10.17 -15.22
C GLN A 55 -11.31 10.95 -13.94
N GLY A 56 -10.37 10.79 -13.02
CA GLY A 56 -10.44 11.57 -11.73
C GLY A 56 -11.69 11.23 -10.91
N ALA A 57 -12.09 9.99 -11.03
CA ALA A 57 -13.34 9.54 -10.46
C ALA A 57 -13.22 8.03 -10.25
N LEU A 58 -13.99 7.52 -9.31
CA LEU A 58 -14.04 6.11 -9.02
C LEU A 58 -15.34 5.53 -9.49
N LEU A 59 -15.30 4.24 -9.74
CA LEU A 59 -16.47 3.49 -10.20
C LEU A 59 -17.52 3.49 -9.10
N ASN A 60 -18.76 3.59 -9.52
CA ASN A 60 -19.89 3.49 -8.63
C ASN A 60 -19.99 4.70 -7.71
N ASP A 61 -19.32 5.78 -8.07
CA ASP A 61 -19.51 7.05 -7.40
C ASP A 61 -20.10 7.96 -8.46
N LYS A 62 -20.82 8.99 -8.00
CA LYS A 62 -21.45 9.99 -8.87
C LYS A 62 -20.53 10.76 -9.85
N HIS A 63 -19.29 11.06 -9.45
CA HIS A 63 -18.35 11.71 -10.40
C HIS A 63 -17.97 10.85 -11.62
N SER A 64 -18.34 9.55 -11.65
CA SER A 64 -18.23 8.75 -12.84
C SER A 64 -19.19 9.18 -13.93
N ASN A 65 -20.12 10.05 -13.59
CA ASN A 65 -21.12 10.53 -14.55
C ASN A 65 -20.46 11.30 -15.68
N GLY A 66 -20.89 11.05 -16.90
CA GLY A 66 -20.37 11.78 -18.05
C GLY A 66 -19.00 11.33 -18.54
N THR A 67 -18.52 10.17 -18.10
CA THR A 67 -17.18 9.73 -18.50
C THR A 67 -17.05 9.13 -19.90
N ILE A 68 -18.13 9.17 -20.65
CA ILE A 68 -18.08 8.96 -22.09
C ILE A 68 -17.22 10.03 -22.73
N LYS A 69 -17.15 11.20 -22.10
CA LYS A 69 -16.36 12.30 -22.59
C LYS A 69 -14.84 12.04 -22.58
N ASP A 70 -14.17 12.34 -23.71
CA ASP A 70 -12.75 12.00 -23.91
C ASP A 70 -11.79 12.91 -23.18
N ARG A 71 -12.07 14.19 -23.18
CA ARG A 71 -11.07 15.16 -22.74
C ARG A 71 -11.65 16.10 -21.70
N SER A 72 -10.90 16.25 -20.64
CA SER A 72 -11.24 17.07 -19.55
C SER A 72 -9.94 17.39 -18.82
N PRO A 73 -9.94 18.41 -17.97
CA PRO A 73 -8.79 18.67 -17.10
C PRO A 73 -8.61 17.69 -15.90
N TYR A 74 -9.57 16.78 -15.69
CA TYR A 74 -9.56 15.85 -14.55
C TYR A 74 -8.78 14.59 -14.87
N ARG A 75 -8.55 14.34 -16.16
CA ARG A 75 -7.90 13.13 -16.57
C ARG A 75 -6.42 13.18 -16.25
N THR A 76 -5.92 12.07 -15.70
CA THR A 76 -4.51 11.96 -15.33
C THR A 76 -4.01 10.59 -15.86
N LEU A 77 -2.78 10.60 -16.39
CA LEU A 77 -2.02 9.36 -16.64
C LEU A 77 -1.48 8.85 -15.32
N MET A 78 -1.69 7.57 -15.03
CA MET A 78 -1.22 6.90 -13.83
C MET A 78 -0.85 5.46 -14.16
N SER A 79 -0.08 4.84 -13.29
CA SER A 79 0.32 3.45 -13.53
C SER A 79 0.27 2.61 -12.30
N CYS A 80 -0.05 1.29 -12.46
CA CYS A 80 0.11 0.29 -11.39
C CYS A 80 0.75 -1.03 -11.90
N PRO A 81 1.05 -1.98 -10.98
CA PRO A 81 1.63 -3.22 -11.41
C PRO A 81 0.67 -4.00 -12.28
N ILE A 82 1.21 -4.80 -13.18
CA ILE A 82 0.36 -5.48 -14.13
C ILE A 82 -0.62 -6.44 -13.43
N GLY A 83 -1.88 -6.49 -13.87
CA GLY A 83 -2.88 -7.36 -13.28
C GLY A 83 -3.60 -6.87 -12.03
N GLU A 84 -3.15 -5.75 -11.47
CA GLU A 84 -3.78 -5.16 -10.27
C GLU A 84 -4.82 -4.15 -10.72
N VAL A 85 -5.89 -3.98 -9.95
CA VAL A 85 -6.88 -2.99 -10.34
C VAL A 85 -6.27 -1.61 -10.17
N PRO A 86 -6.65 -0.65 -11.03
CA PRO A 86 -6.13 0.71 -10.89
C PRO A 86 -6.90 1.48 -9.77
N SER A 87 -6.31 1.48 -8.59
CA SER A 87 -6.88 2.12 -7.44
C SER A 87 -6.09 3.32 -7.01
N PRO A 88 -6.76 4.33 -6.39
CA PRO A 88 -5.99 5.40 -5.77
C PRO A 88 -4.96 4.91 -4.74
N TYR A 89 -5.10 3.68 -4.22
CA TYR A 89 -4.19 3.15 -3.17
C TYR A 89 -3.01 2.31 -3.71
N ASN A 90 -2.99 1.94 -4.98
CA ASN A 90 -1.86 1.18 -5.55
C ASN A 90 -1.21 1.82 -6.78
N SER A 91 -1.68 3.02 -7.18
CA SER A 91 -1.31 3.64 -8.46
C SER A 91 -0.36 4.87 -8.26
N ARG A 92 0.64 4.96 -9.12
CA ARG A 92 1.61 6.03 -9.09
C ARG A 92 1.12 7.04 -10.07
N PHE A 93 1.24 8.30 -9.69
CA PHE A 93 0.87 9.41 -10.52
C PHE A 93 1.98 9.62 -11.55
N GLU A 94 1.62 9.78 -12.83
CA GLU A 94 2.59 10.10 -13.91
C GLU A 94 2.44 11.54 -14.45
N SER A 95 1.25 11.95 -14.85
CA SER A 95 1.08 13.20 -15.62
C SER A 95 -0.37 13.56 -15.74
N VAL A 96 -0.62 14.85 -15.97
CA VAL A 96 -1.93 15.33 -16.30
C VAL A 96 -2.14 15.05 -17.81
N ALA A 97 -3.18 14.29 -18.15
CA ALA A 97 -3.26 13.75 -19.50
C ALA A 97 -4.60 13.19 -19.88
N TRP A 98 -5.03 13.61 -21.08
CA TRP A 98 -6.13 13.01 -21.82
C TRP A 98 -5.69 12.25 -23.11
N SER A 99 -4.37 12.25 -23.38
CA SER A 99 -3.73 11.35 -24.34
C SER A 99 -2.29 11.14 -23.89
N ALA A 100 -1.72 10.00 -24.20
CA ALA A 100 -0.53 9.57 -23.52
C ALA A 100 0.30 8.48 -24.20
N SER A 101 1.57 8.46 -23.80
CA SER A 101 2.47 7.32 -24.07
C SER A 101 3.50 7.24 -22.92
N ALA A 102 4.11 6.07 -22.79
CA ALA A 102 5.24 5.84 -21.86
C ALA A 102 6.05 4.67 -22.34
N CYS A 103 7.29 4.60 -21.86
CA CYS A 103 8.25 3.59 -22.21
C CYS A 103 9.56 3.77 -21.44
N HIS A 104 10.27 2.67 -21.23
CA HIS A 104 11.44 2.67 -20.38
C HIS A 104 12.66 2.41 -21.27
N ASP A 105 13.67 3.28 -21.20
CA ASP A 105 14.86 3.19 -22.08
C ASP A 105 15.92 2.21 -21.61
N GLY A 106 15.67 1.56 -20.48
CA GLY A 106 16.64 0.75 -19.75
C GLY A 106 17.16 1.43 -18.48
N ILE A 107 17.08 2.76 -18.43
CA ILE A 107 17.59 3.54 -17.30
C ILE A 107 16.43 4.19 -16.51
N ASN A 108 15.53 4.92 -17.20
CA ASN A 108 14.38 5.54 -16.56
C ASN A 108 13.14 5.54 -17.43
N TRP A 109 12.02 5.82 -16.78
CA TRP A 109 10.73 5.93 -17.47
C TRP A 109 10.66 7.27 -18.19
N LEU A 110 10.24 7.23 -19.45
CA LEU A 110 9.73 8.39 -20.17
C LEU A 110 8.22 8.34 -20.12
N THR A 111 7.59 9.49 -19.89
CA THR A 111 6.13 9.57 -19.98
C THR A 111 5.78 10.77 -20.76
N ILE A 112 4.69 10.70 -21.51
CA ILE A 112 4.20 11.77 -22.38
C ILE A 112 2.73 11.95 -22.10
N GLY A 113 2.35 13.17 -21.73
CA GLY A 113 1.02 13.46 -21.24
C GLY A 113 0.51 14.76 -21.87
N ILE A 114 -0.55 14.65 -22.63
CA ILE A 114 -1.13 15.80 -23.34
C ILE A 114 -2.34 16.27 -22.57
N SER A 115 -2.34 17.55 -22.24
CA SER A 115 -3.51 18.19 -21.66
C SER A 115 -3.66 19.57 -22.27
N GLY A 116 -4.59 20.35 -21.72
CA GLY A 116 -4.93 21.66 -22.27
C GLY A 116 -6.13 21.65 -23.20
N PRO A 117 -6.42 22.80 -23.84
CA PRO A 117 -7.55 22.96 -24.74
C PRO A 117 -7.36 22.30 -26.08
N ASP A 118 -8.48 21.95 -26.71
CA ASP A 118 -8.40 21.25 -28.01
C ASP A 118 -7.62 22.01 -29.10
N ASN A 119 -7.66 23.35 -29.04
CA ASN A 119 -7.06 24.23 -30.04
C ASN A 119 -5.59 24.62 -29.73
N GLY A 120 -5.03 24.15 -28.61
CA GLY A 120 -3.60 24.45 -28.27
C GLY A 120 -3.02 23.49 -27.24
N ALA A 121 -3.26 22.18 -27.42
CA ALA A 121 -2.85 21.19 -26.42
C ALA A 121 -1.33 21.12 -26.33
N VAL A 122 -0.84 20.65 -25.18
CA VAL A 122 0.57 20.51 -24.89
C VAL A 122 0.91 19.17 -24.32
N ALA A 123 1.89 18.54 -24.94
CA ALA A 123 2.50 17.33 -24.46
C ALA A 123 3.59 17.67 -23.48
N VAL A 124 3.45 17.19 -22.25
CA VAL A 124 4.51 17.34 -21.25
C VAL A 124 5.28 16.03 -21.18
N LEU A 125 6.61 16.07 -21.44
CA LEU A 125 7.47 14.89 -21.32
C LEU A 125 8.19 14.93 -19.97
N LYS A 126 8.24 13.78 -19.34
CA LYS A 126 8.96 13.62 -18.08
C LYS A 126 9.87 12.42 -18.17
N TYR A 127 11.06 12.55 -17.58
CA TYR A 127 12.02 11.45 -17.50
C TYR A 127 12.33 11.29 -16.04
N ASN A 128 12.13 10.06 -15.54
CA ASN A 128 12.13 9.80 -14.09
C ASN A 128 11.24 10.80 -13.32
N GLY A 129 10.08 11.14 -13.86
CA GLY A 129 9.13 12.00 -13.16
C GLY A 129 9.40 13.50 -13.19
N ILE A 130 10.49 13.92 -13.84
CA ILE A 130 10.89 15.31 -13.86
C ILE A 130 10.55 15.84 -15.26
N ILE A 131 9.95 17.02 -15.37
CA ILE A 131 9.64 17.59 -16.69
C ILE A 131 10.93 17.93 -17.42
N THR A 132 11.04 17.40 -18.63
CA THR A 132 12.25 17.50 -19.44
C THR A 132 11.99 18.14 -20.80
N ASP A 133 10.74 18.18 -21.25
CA ASP A 133 10.44 18.91 -22.46
C ASP A 133 8.94 19.10 -22.59
N THR A 134 8.54 19.99 -23.51
CA THR A 134 7.14 20.07 -23.91
C THR A 134 7.05 20.26 -25.38
N ILE A 135 5.88 19.97 -25.95
CA ILE A 135 5.65 20.23 -27.39
C ILE A 135 4.18 20.55 -27.63
N LYS A 136 3.95 21.66 -28.30
CA LYS A 136 2.62 22.20 -28.40
C LYS A 136 2.02 21.89 -29.75
N SER A 137 0.69 21.79 -29.75
CA SER A 137 -0.05 21.54 -30.95
C SER A 137 0.47 22.49 -32.04
N TRP A 138 0.68 21.95 -33.24
CA TRP A 138 1.14 22.74 -34.42
C TRP A 138 0.00 22.97 -35.44
N ARG A 139 -1.14 22.28 -35.31
CA ARG A 139 -2.27 22.53 -36.17
C ARG A 139 -3.49 22.96 -35.37
N ASN A 140 -3.37 23.02 -34.04
CA ASN A 140 -4.40 23.54 -33.17
C ASN A 140 -5.70 22.73 -33.21
N ASN A 141 -5.59 21.41 -33.38
CA ASN A 141 -6.74 20.55 -33.49
C ASN A 141 -6.47 19.18 -32.85
N ILE A 142 -6.45 19.20 -31.52
CA ILE A 142 -6.38 18.00 -30.66
C ILE A 142 -5.10 17.23 -30.91
N LEU A 143 -3.97 17.79 -30.48
CA LEU A 143 -2.72 17.06 -30.49
C LEU A 143 -2.96 15.72 -29.74
N ARG A 144 -2.66 14.61 -30.40
CA ARG A 144 -2.90 13.33 -29.80
C ARG A 144 -1.79 12.36 -30.07
N THR A 145 -1.68 11.34 -29.22
CA THR A 145 -0.61 10.36 -29.36
C THR A 145 -1.06 8.88 -29.22
N GLN A 146 -0.10 7.99 -29.03
CA GLN A 146 -0.29 6.55 -29.18
C GLN A 146 -1.42 5.87 -28.37
N GLU A 147 -1.55 6.23 -27.10
CA GLU A 147 -2.30 5.43 -26.09
C GLU A 147 -1.72 4.01 -25.98
N SER A 148 -0.41 3.90 -26.20
CA SER A 148 0.33 2.73 -25.91
C SER A 148 1.83 3.11 -25.78
N GLU A 149 2.62 2.10 -25.48
CA GLU A 149 4.00 2.32 -25.17
C GLU A 149 4.73 2.88 -26.39
N CYS A 150 5.56 3.86 -26.10
CA CYS A 150 6.61 4.27 -27.04
C CYS A 150 7.72 3.18 -27.18
N ALA A 151 8.67 3.36 -28.10
CA ALA A 151 9.63 2.28 -28.40
C ALA A 151 11.06 2.78 -28.28
N CYS A 152 11.92 1.97 -27.65
CA CYS A 152 13.28 2.39 -27.35
C CYS A 152 14.31 1.45 -27.98
N VAL A 153 15.33 2.09 -28.56
CA VAL A 153 16.51 1.45 -29.16
C VAL A 153 17.75 2.27 -28.78
N ASN A 154 18.63 1.66 -28.00
CA ASN A 154 19.95 2.21 -27.68
C ASN A 154 19.91 3.62 -27.13
N GLY A 155 19.03 3.83 -26.14
CA GLY A 155 18.93 5.11 -25.42
C GLY A 155 18.08 6.19 -26.02
N SER A 156 17.55 5.94 -27.21
CA SER A 156 16.60 6.82 -27.87
C SER A 156 15.22 6.15 -27.88
N CYS A 157 14.20 6.93 -27.54
CA CYS A 157 12.81 6.47 -27.57
C CYS A 157 12.03 7.21 -28.64
N PHE A 158 11.07 6.50 -29.24
CA PHE A 158 10.37 7.01 -30.41
C PHE A 158 8.86 6.92 -30.27
N THR A 159 8.17 8.00 -30.66
CA THR A 159 6.70 8.04 -30.69
C THR A 159 6.20 8.79 -31.92
N VAL A 160 4.90 8.68 -32.14
CA VAL A 160 4.20 9.33 -33.20
C VAL A 160 3.09 10.19 -32.58
N MET A 161 2.88 11.41 -33.10
CA MET A 161 1.72 12.21 -32.72
C MET A 161 1.02 12.75 -33.94
N THR A 162 -0.26 13.00 -33.79
CA THR A 162 -1.08 13.49 -34.89
C THR A 162 -1.75 14.77 -34.42
N ASP A 163 -1.94 15.69 -35.35
CA ASP A 163 -2.65 16.95 -35.07
C ASP A 163 -3.48 17.28 -36.31
N GLY A 164 -4.74 17.64 -36.11
CA GLY A 164 -5.61 17.91 -37.25
C GLY A 164 -6.95 17.23 -37.14
N PRO A 165 -7.73 17.19 -38.26
CA PRO A 165 -8.99 16.49 -38.38
C PRO A 165 -8.88 14.99 -38.12
N SER A 166 -9.99 14.38 -37.69
CA SER A 166 -10.13 12.91 -37.58
C SER A 166 -11.06 12.31 -38.68
N ASN A 167 -11.57 13.17 -39.57
CA ASN A 167 -12.50 12.75 -40.65
C ASN A 167 -11.96 13.15 -42.03
N GLY A 168 -10.66 13.41 -42.06
CA GLY A 168 -9.96 13.85 -43.25
C GLY A 168 -8.46 13.78 -43.03
N GLN A 169 -7.73 14.27 -44.03
CA GLN A 169 -6.26 14.37 -43.95
C GLN A 169 -5.79 15.15 -42.72
N ALA A 170 -4.86 14.58 -41.93
CA ALA A 170 -4.25 15.24 -40.76
C ALA A 170 -2.75 15.34 -40.93
N SER A 171 -2.06 15.79 -39.88
CA SER A 171 -0.63 15.92 -39.86
C SER A 171 -0.05 14.92 -38.87
N TYR A 172 0.98 14.21 -39.26
CA TYR A 172 1.55 13.12 -38.45
C TYR A 172 3.02 13.40 -38.33
N LYS A 173 3.53 13.35 -37.09
CA LYS A 173 4.94 13.58 -36.82
C LYS A 173 5.56 12.43 -36.02
N ILE A 174 6.81 12.11 -36.35
CA ILE A 174 7.62 11.12 -35.62
C ILE A 174 8.68 11.87 -34.82
N PHE A 175 8.90 11.46 -33.58
CA PHE A 175 9.84 12.08 -32.63
C PHE A 175 10.88 11.09 -32.18
N ARG A 176 12.11 11.60 -31.99
CA ARG A 176 13.19 10.91 -31.30
C ARG A 176 13.47 11.69 -30.00
N ILE A 177 13.50 10.95 -28.89
CA ILE A 177 13.53 11.52 -27.54
C ILE A 177 14.64 10.80 -26.79
N GLU A 178 15.57 11.56 -26.22
CA GLU A 178 16.67 11.01 -25.42
C GLU A 178 16.68 11.67 -24.05
N LYS A 179 16.61 10.86 -22.99
CA LYS A 179 16.44 11.34 -21.61
C LYS A 179 15.35 12.42 -21.47
N GLY A 180 14.24 12.17 -22.17
CA GLY A 180 13.07 13.01 -22.10
C GLY A 180 13.13 14.29 -22.91
N LYS A 181 14.18 14.48 -23.70
CA LYS A 181 14.37 15.69 -24.51
C LYS A 181 14.12 15.30 -25.96
N ILE A 182 13.25 16.03 -26.66
CA ILE A 182 13.08 15.80 -28.10
C ILE A 182 14.35 16.33 -28.82
N VAL A 183 15.09 15.42 -29.47
CA VAL A 183 16.29 15.75 -30.23
C VAL A 183 16.08 15.82 -31.75
N LYS A 184 15.03 15.19 -32.24
CA LYS A 184 14.66 15.29 -33.66
C LYS A 184 13.20 14.95 -33.85
N SER A 185 12.56 15.64 -34.79
CA SER A 185 11.22 15.28 -35.27
C SER A 185 11.12 15.55 -36.78
N VAL A 186 10.24 14.77 -37.40
CA VAL A 186 9.98 14.89 -38.82
C VAL A 186 8.50 14.78 -39.02
N GLU A 187 7.97 15.58 -39.94
CA GLU A 187 6.58 15.42 -40.34
C GLU A 187 6.51 14.49 -41.53
N MET A 188 5.59 13.52 -41.46
CA MET A 188 5.47 12.52 -42.51
C MET A 188 4.79 13.06 -43.75
N ASN A 189 5.41 12.82 -44.90
CA ASN A 189 4.73 13.02 -46.20
C ASN A 189 3.86 11.77 -46.39
N ALA A 190 2.55 11.94 -46.21
CA ALA A 190 1.61 10.81 -46.27
C ALA A 190 0.26 11.28 -46.82
N PRO A 191 0.23 11.64 -48.11
CA PRO A 191 -0.97 12.18 -48.68
C PRO A 191 -1.93 11.05 -48.93
N ASN A 192 -3.18 11.29 -48.57
CA ASN A 192 -4.22 10.30 -48.65
C ASN A 192 -4.13 9.18 -47.60
N TYR A 193 -3.19 9.32 -46.64
CA TYR A 193 -3.03 8.37 -45.53
C TYR A 193 -3.49 9.07 -44.23
N TYR A 194 -3.70 8.26 -43.19
CA TYR A 194 -4.09 8.76 -41.87
C TYR A 194 -3.57 7.83 -40.76
N TYR A 195 -2.86 8.41 -39.80
CA TYR A 195 -2.20 7.67 -38.74
C TYR A 195 -2.73 8.27 -37.46
N GLU A 196 -3.23 7.43 -36.58
CA GLU A 196 -3.41 7.80 -35.18
C GLU A 196 -3.32 6.58 -34.26
N GLU A 197 -3.03 6.86 -32.99
CA GLU A 197 -3.01 5.86 -31.95
C GLU A 197 -2.14 4.67 -32.38
N CYS A 198 -0.93 5.01 -32.78
CA CYS A 198 0.06 4.04 -33.26
C CYS A 198 0.53 3.02 -32.22
N SER A 199 0.50 1.74 -32.57
CA SER A 199 1.11 0.76 -31.73
C SER A 199 2.50 0.52 -32.32
N CYS A 200 3.53 0.97 -31.62
CA CYS A 200 4.92 0.95 -32.12
C CYS A 200 5.81 0.03 -31.30
N TYR A 201 6.67 -0.71 -32.02
CA TYR A 201 7.60 -1.64 -31.38
C TYR A 201 9.03 -1.61 -32.03
N PRO A 202 10.05 -1.94 -31.24
CA PRO A 202 11.38 -2.05 -31.82
C PRO A 202 11.58 -3.45 -32.39
N ASP A 203 12.40 -3.54 -33.43
CA ASP A 203 12.73 -4.79 -34.10
C ASP A 203 13.98 -4.51 -34.94
N SER A 204 15.10 -5.12 -34.54
CA SER A 204 16.40 -4.98 -35.26
C SER A 204 16.81 -3.52 -35.44
N SER A 205 16.79 -2.78 -34.34
CA SER A 205 17.21 -1.37 -34.30
C SER A 205 16.35 -0.39 -35.07
N GLU A 206 15.21 -0.85 -35.60
CA GLU A 206 14.27 0.03 -36.28
C GLU A 206 12.90 -0.11 -35.61
N ILE A 207 12.05 0.88 -35.83
CA ILE A 207 10.75 0.94 -35.17
C ILE A 207 9.69 0.63 -36.18
N THR A 208 8.71 -0.19 -35.83
CA THR A 208 7.55 -0.39 -36.70
C THR A 208 6.29 -0.03 -35.93
N CYS A 209 5.46 0.84 -36.52
CA CYS A 209 4.18 1.27 -35.96
C CYS A 209 3.03 0.85 -36.84
N VAL A 210 2.00 0.25 -36.25
CA VAL A 210 0.74 -0.07 -36.89
C VAL A 210 -0.31 0.75 -36.22
N CYS A 211 -1.10 1.44 -37.00
CA CYS A 211 -1.94 2.54 -36.48
C CYS A 211 -3.46 2.43 -36.86
N ARG A 212 -4.20 3.50 -36.64
CA ARG A 212 -5.62 3.59 -36.91
C ARG A 212 -5.89 4.67 -37.98
N ASP A 213 -6.48 4.28 -39.11
CA ASP A 213 -6.96 5.21 -40.14
C ASP A 213 -8.43 5.49 -39.85
N ASN A 214 -8.72 6.64 -39.25
CA ASN A 214 -10.08 7.02 -38.90
C ASN A 214 -10.84 7.72 -40.03
N TRP A 215 -10.11 8.02 -41.10
CA TRP A 215 -10.61 8.78 -42.23
C TRP A 215 -11.26 7.83 -43.25
N HIS A 216 -10.49 6.91 -43.82
CA HIS A 216 -11.02 6.12 -44.93
C HIS A 216 -10.36 4.82 -45.19
N GLY A 217 -10.01 4.11 -44.13
CA GLY A 217 -9.28 2.84 -44.21
C GLY A 217 -9.75 1.83 -43.17
N SER A 218 -10.20 0.67 -43.66
CA SER A 218 -10.61 -0.41 -42.79
C SER A 218 -9.49 -1.46 -42.59
N ASN A 219 -8.40 -1.34 -43.37
CA ASN A 219 -7.14 -1.97 -43.09
C ASN A 219 -6.30 -0.97 -42.32
N ARG A 220 -5.21 -1.43 -41.71
CA ARG A 220 -4.34 -0.54 -40.85
C ARG A 220 -3.18 0.06 -41.60
N PRO A 221 -3.01 1.38 -41.48
CA PRO A 221 -1.77 2.01 -41.96
C PRO A 221 -0.58 1.54 -41.12
N TRP A 222 0.61 1.54 -41.71
CA TRP A 222 1.88 1.35 -40.97
C TRP A 222 2.95 2.35 -41.41
N VAL A 223 3.87 2.64 -40.50
CA VAL A 223 5.05 3.45 -40.75
C VAL A 223 6.20 2.76 -40.03
N SER A 224 7.33 2.61 -40.70
CA SER A 224 8.52 2.12 -40.02
C SER A 224 9.59 3.15 -40.24
N PHE A 225 10.56 3.20 -39.33
CA PHE A 225 11.65 4.15 -39.44
C PHE A 225 12.88 3.73 -38.68
N ASN A 226 14.03 4.24 -39.12
CA ASN A 226 15.29 4.03 -38.43
C ASN A 226 15.53 5.13 -37.40
N GLN A 227 16.63 5.01 -36.67
CA GLN A 227 16.95 5.96 -35.59
C GLN A 227 17.11 7.38 -36.03
N ASN A 228 17.39 7.58 -37.32
CA ASN A 228 17.45 8.94 -37.92
C ASN A 228 16.12 9.51 -38.45
N LEU A 229 15.01 8.82 -38.16
CA LEU A 229 13.66 9.15 -38.64
C LEU A 229 13.48 9.13 -40.19
N GLU A 230 14.27 8.31 -40.88
CA GLU A 230 14.04 8.01 -42.28
C GLU A 230 13.01 6.92 -42.25
N TYR A 231 11.88 7.15 -42.91
CA TYR A 231 10.71 6.32 -42.73
C TYR A 231 10.20 5.69 -44.03
N GLN A 232 9.37 4.69 -43.88
CA GLN A 232 8.64 4.12 -44.98
C GLN A 232 7.23 4.00 -44.56
N ILE A 233 6.30 4.03 -45.51
CA ILE A 233 4.88 3.96 -45.19
C ILE A 233 4.12 2.97 -46.07
N GLY A 234 3.00 2.48 -45.52
CA GLY A 234 2.18 1.51 -46.22
C GLY A 234 0.92 1.25 -45.44
N TYR A 235 0.08 0.38 -46.01
CA TYR A 235 -1.08 -0.20 -45.31
C TYR A 235 -0.91 -1.71 -45.34
N ILE A 236 -1.44 -2.39 -44.32
CA ILE A 236 -1.39 -3.85 -44.30
C ILE A 236 -2.24 -4.35 -45.48
N CYS A 237 -1.62 -5.17 -46.32
CA CYS A 237 -2.27 -5.60 -47.58
C CYS A 237 -3.34 -6.68 -47.42
N SER A 238 -3.24 -7.48 -46.36
CA SER A 238 -4.16 -8.58 -46.12
C SER A 238 -5.65 -8.23 -46.28
N GLY A 239 -6.37 -9.16 -46.88
CA GLY A 239 -7.83 -9.12 -46.97
C GLY A 239 -8.54 -9.40 -45.66
N ILE A 240 -7.79 -9.91 -44.68
CA ILE A 240 -8.27 -9.99 -43.29
C ILE A 240 -8.11 -8.59 -42.71
N PHE A 241 -9.18 -7.80 -42.81
CA PHE A 241 -9.10 -6.36 -42.49
C PHE A 241 -9.01 -6.19 -40.97
N GLY A 242 -8.10 -5.30 -40.54
CA GLY A 242 -7.73 -5.18 -39.14
C GLY A 242 -8.52 -4.19 -38.29
N ASP A 243 -9.13 -3.17 -38.91
CA ASP A 243 -9.83 -2.11 -38.17
C ASP A 243 -11.26 -2.55 -37.75
N ASN A 244 -11.89 -1.74 -36.91
CA ASN A 244 -13.29 -1.84 -36.54
C ASN A 244 -13.85 -0.41 -36.60
N PRO A 245 -14.82 -0.10 -37.45
CA PRO A 245 -15.50 -1.05 -38.32
C PRO A 245 -14.69 -1.45 -39.54
N ARG A 246 -15.23 -2.39 -40.30
CA ARG A 246 -14.56 -2.96 -41.45
C ARG A 246 -15.59 -3.74 -42.25
N PRO A 247 -15.27 -4.10 -43.50
CA PRO A 247 -16.13 -5.06 -44.20
C PRO A 247 -15.79 -6.49 -43.80
N ASN A 248 -16.63 -7.43 -44.25
CA ASN A 248 -16.24 -8.83 -44.23
C ASN A 248 -15.00 -9.02 -45.10
N ASP A 249 -14.25 -10.06 -44.78
CA ASP A 249 -12.93 -10.30 -45.38
C ASP A 249 -13.11 -10.65 -46.85
N LYS A 250 -12.30 -9.98 -47.68
CA LYS A 250 -12.30 -10.17 -49.13
C LYS A 250 -10.92 -9.70 -49.61
N THR A 251 -10.71 -9.55 -50.92
CA THR A 251 -9.43 -9.03 -51.44
C THR A 251 -9.07 -7.67 -50.81
N GLY A 252 -7.90 -7.62 -50.19
CA GLY A 252 -7.43 -6.41 -49.54
C GLY A 252 -6.70 -5.47 -50.47
N SER A 253 -6.05 -4.47 -49.88
CA SER A 253 -5.30 -3.49 -50.62
C SER A 253 -4.07 -3.04 -49.89
N CYS A 254 -3.03 -2.69 -50.65
CA CYS A 254 -1.84 -2.11 -50.07
C CYS A 254 -1.95 -0.60 -49.85
N GLY A 255 -3.06 -0.02 -50.33
CA GLY A 255 -3.51 1.33 -49.94
C GLY A 255 -4.72 1.23 -49.03
N PRO A 256 -5.21 2.38 -48.55
CA PRO A 256 -6.35 2.33 -47.64
C PRO A 256 -7.56 1.73 -48.32
N VAL A 257 -8.22 0.81 -47.64
CA VAL A 257 -9.46 0.20 -48.10
C VAL A 257 -10.59 1.12 -47.66
N SER A 258 -11.21 1.82 -48.63
CA SER A 258 -12.29 2.77 -48.34
C SER A 258 -13.61 2.15 -47.81
N SER A 259 -13.92 0.90 -48.16
CA SER A 259 -15.17 0.29 -47.68
C SER A 259 -15.16 0.17 -46.15
N ASN A 260 -16.18 0.74 -45.49
CA ASN A 260 -16.28 0.83 -44.02
C ASN A 260 -15.05 1.51 -43.36
N GLY A 261 -14.43 2.45 -44.09
CA GLY A 261 -13.12 2.96 -43.73
C GLY A 261 -13.17 4.05 -42.67
N ALA A 262 -14.24 4.84 -42.65
CA ALA A 262 -14.40 5.87 -41.65
C ALA A 262 -14.57 5.27 -40.26
N ASN A 263 -14.18 6.08 -39.28
CA ASN A 263 -14.10 5.70 -37.89
C ASN A 263 -13.00 4.61 -37.73
N GLY A 264 -12.86 4.05 -36.53
CA GLY A 264 -11.81 3.07 -36.28
C GLY A 264 -11.77 2.65 -34.83
N VAL A 265 -10.78 1.81 -34.53
CA VAL A 265 -10.43 1.47 -33.14
C VAL A 265 -8.90 1.36 -33.07
N LYS A 266 -8.31 1.72 -31.91
CA LYS A 266 -6.88 1.55 -31.74
C LYS A 266 -6.62 0.03 -31.82
N GLY A 267 -5.63 -0.32 -32.65
CA GLY A 267 -5.18 -1.72 -32.79
C GLY A 267 -3.70 -1.83 -33.02
N PHE A 268 -3.25 -3.04 -33.32
CA PHE A 268 -1.82 -3.33 -33.52
C PHE A 268 -1.71 -4.54 -34.44
N SER A 269 -0.50 -4.78 -34.94
CA SER A 269 -0.14 -6.01 -35.62
C SER A 269 1.38 -6.16 -35.55
N PHE A 270 1.87 -7.38 -35.74
CA PHE A 270 3.32 -7.66 -35.73
C PHE A 270 3.75 -8.21 -37.09
N LYS A 271 4.70 -7.53 -37.70
CA LYS A 271 5.29 -7.94 -38.97
C LYS A 271 6.40 -9.00 -38.82
N TYR A 272 6.24 -10.11 -39.55
CA TYR A 272 7.28 -11.14 -39.71
C TYR A 272 7.52 -11.42 -41.22
N GLY A 273 8.56 -10.77 -41.77
CA GLY A 273 8.79 -10.70 -43.22
C GLY A 273 7.56 -10.31 -44.01
N ASN A 274 7.03 -11.23 -44.84
CA ASN A 274 5.82 -10.98 -45.59
C ASN A 274 4.55 -11.26 -44.79
N GLY A 275 4.70 -11.93 -43.64
CA GLY A 275 3.54 -12.31 -42.82
C GLY A 275 3.22 -11.33 -41.72
N VAL A 276 2.09 -11.59 -41.06
CA VAL A 276 1.54 -10.69 -40.08
C VAL A 276 0.68 -11.43 -39.07
N TRP A 277 0.93 -11.14 -37.81
CA TRP A 277 -0.01 -11.46 -36.75
C TRP A 277 -0.92 -10.26 -36.57
N ILE A 278 -2.21 -10.46 -36.84
CA ILE A 278 -3.23 -9.43 -36.73
C ILE A 278 -4.06 -9.69 -35.49
N GLY A 279 -4.21 -8.68 -34.64
CA GLY A 279 -5.16 -8.72 -33.55
C GLY A 279 -6.37 -7.92 -33.99
N ARG A 280 -7.57 -8.43 -33.81
CA ARG A 280 -8.73 -7.64 -34.15
C ARG A 280 -9.97 -8.05 -33.39
N THR A 281 -10.97 -7.20 -33.47
CA THR A 281 -12.29 -7.53 -32.93
C THR A 281 -12.87 -8.69 -33.72
N LYS A 282 -13.81 -9.43 -33.15
CA LYS A 282 -14.53 -10.47 -33.92
C LYS A 282 -15.68 -9.86 -34.74
N SER A 283 -16.38 -8.86 -34.19
CA SER A 283 -17.43 -8.17 -34.92
C SER A 283 -16.86 -7.19 -35.94
N ILE A 284 -17.50 -7.11 -37.10
CA ILE A 284 -17.13 -6.10 -38.13
C ILE A 284 -17.69 -4.72 -37.91
N SER A 285 -18.62 -4.58 -36.99
CA SER A 285 -19.34 -3.32 -36.81
C SER A 285 -19.23 -2.70 -35.41
N SER A 286 -18.90 -3.48 -34.39
CA SER A 286 -18.76 -2.92 -33.06
C SER A 286 -17.61 -3.55 -32.31
N ARG A 287 -17.24 -2.92 -31.21
CA ARG A 287 -16.10 -3.36 -30.41
C ARG A 287 -16.48 -4.58 -29.55
N ASN A 288 -16.61 -5.72 -30.23
CA ASN A 288 -17.00 -6.97 -29.60
C ASN A 288 -16.09 -8.09 -30.08
N GLY A 289 -15.64 -8.89 -29.13
CA GLY A 289 -14.79 -10.04 -29.40
C GLY A 289 -13.38 -9.66 -29.73
N PHE A 290 -12.51 -10.66 -29.74
CA PHE A 290 -11.13 -10.43 -30.10
C PHE A 290 -10.52 -11.73 -30.51
N GLU A 291 -9.60 -11.62 -31.46
CA GLU A 291 -8.93 -12.79 -32.02
C GLU A 291 -7.56 -12.42 -32.57
N MET A 292 -6.68 -13.40 -32.62
CA MET A 292 -5.34 -13.25 -33.16
C MET A 292 -5.25 -14.13 -34.39
N ILE A 293 -4.82 -13.55 -35.49
CA ILE A 293 -4.74 -14.26 -36.77
C ILE A 293 -3.32 -14.18 -37.29
N TRP A 294 -2.75 -15.33 -37.63
CA TRP A 294 -1.50 -15.39 -38.36
C TRP A 294 -1.75 -15.57 -39.85
N ASP A 295 -1.33 -14.56 -40.62
CA ASP A 295 -1.50 -14.55 -42.06
C ASP A 295 -0.14 -14.52 -42.69
N PRO A 296 0.37 -15.67 -43.14
CA PRO A 296 1.81 -15.73 -43.52
C PRO A 296 2.23 -14.88 -44.73
N ASN A 297 1.28 -14.35 -45.49
CA ASN A 297 1.63 -13.37 -46.51
C ASN A 297 0.86 -12.07 -46.39
N GLY A 298 0.31 -11.79 -45.21
CA GLY A 298 -0.66 -10.71 -45.05
C GLY A 298 -0.07 -9.32 -45.02
N TRP A 299 1.23 -9.18 -44.75
CA TRP A 299 1.80 -7.84 -44.74
C TRP A 299 1.77 -7.25 -46.15
N THR A 300 2.20 -8.05 -47.14
CA THR A 300 2.38 -7.60 -48.52
C THR A 300 1.38 -8.17 -49.55
N GLY A 301 0.63 -9.21 -49.18
CA GLY A 301 -0.33 -9.86 -50.08
C GLY A 301 -1.77 -9.56 -49.72
N THR A 302 -2.65 -9.57 -50.72
CA THR A 302 -4.01 -9.06 -50.59
C THR A 302 -5.10 -10.12 -50.46
N ASP A 303 -4.76 -11.41 -50.45
CA ASP A 303 -5.80 -12.42 -50.28
C ASP A 303 -6.34 -12.45 -48.84
N ASN A 304 -7.48 -13.11 -48.67
CA ASN A 304 -8.12 -13.24 -47.35
C ASN A 304 -7.92 -14.63 -46.76
N ASN A 305 -6.85 -15.32 -47.15
CA ASN A 305 -6.52 -16.65 -46.63
C ASN A 305 -5.60 -16.48 -45.43
N PHE A 306 -5.81 -17.27 -44.37
CA PHE A 306 -4.90 -17.25 -43.22
C PHE A 306 -4.59 -18.66 -42.76
N SER A 307 -3.59 -18.78 -41.90
CA SER A 307 -3.12 -20.09 -41.44
C SER A 307 -3.58 -20.48 -40.04
N ILE A 308 -3.59 -19.52 -39.09
CA ILE A 308 -3.97 -19.72 -37.67
C ILE A 308 -4.91 -18.61 -37.16
N LYS A 309 -5.90 -19.01 -36.36
CA LYS A 309 -6.74 -18.09 -35.59
C LYS A 309 -6.81 -18.58 -34.15
N GLN A 310 -6.66 -17.65 -33.21
CA GLN A 310 -6.76 -17.95 -31.77
C GLN A 310 -7.72 -17.00 -31.14
N ASP A 311 -8.82 -17.53 -30.60
CA ASP A 311 -9.82 -16.75 -29.91
C ASP A 311 -9.28 -16.19 -28.61
N ILE A 312 -9.66 -14.93 -28.35
CA ILE A 312 -9.26 -14.23 -27.12
C ILE A 312 -10.47 -13.72 -26.33
N VAL A 313 -11.41 -13.07 -27.01
CA VAL A 313 -12.70 -12.67 -26.43
C VAL A 313 -13.83 -13.09 -27.38
N GLY A 314 -14.89 -13.63 -26.81
CA GLY A 314 -15.97 -14.15 -27.62
C GLY A 314 -16.74 -13.03 -28.30
N ILE A 315 -17.39 -13.39 -29.40
CA ILE A 315 -18.05 -12.39 -30.25
C ILE A 315 -19.16 -11.62 -29.54
N ASN A 316 -19.83 -12.22 -28.57
CA ASN A 316 -20.87 -11.48 -27.83
C ASN A 316 -20.35 -10.68 -26.63
N GLU A 317 -19.04 -10.63 -26.41
CA GLU A 317 -18.47 -9.94 -25.26
C GLU A 317 -17.80 -8.66 -25.71
N TRP A 318 -17.79 -7.68 -24.81
CA TRP A 318 -17.22 -6.36 -25.08
C TRP A 318 -15.71 -6.40 -25.19
N SER A 319 -15.19 -5.76 -26.23
CA SER A 319 -13.76 -5.51 -26.32
C SER A 319 -13.58 -4.01 -26.45
N GLY A 320 -12.62 -3.56 -27.25
CA GLY A 320 -12.21 -2.16 -27.23
C GLY A 320 -10.82 -2.04 -27.82
N TYR A 321 -10.09 -1.04 -27.36
CA TYR A 321 -8.73 -0.80 -27.82
C TYR A 321 -7.83 -2.05 -27.60
N SER A 322 -6.77 -2.17 -28.41
CA SER A 322 -5.65 -3.10 -28.20
C SER A 322 -4.34 -2.49 -28.61
N GLY A 323 -3.27 -2.99 -28.05
CA GLY A 323 -1.98 -2.50 -28.45
C GLY A 323 -0.89 -3.48 -28.19
N SER A 324 0.23 -3.23 -28.85
CA SER A 324 1.42 -3.99 -28.65
C SER A 324 2.14 -3.49 -27.42
N PHE A 325 2.80 -4.47 -26.77
CA PHE A 325 3.98 -4.23 -25.95
C PHE A 325 5.06 -5.31 -26.15
N VAL A 326 6.28 -4.99 -25.75
CA VAL A 326 7.37 -5.92 -25.89
C VAL A 326 8.10 -6.17 -24.59
N GLN A 327 8.67 -7.38 -24.50
CA GLN A 327 9.63 -7.71 -23.49
C GLN A 327 11.03 -7.90 -24.14
N HIS A 328 11.95 -7.02 -23.75
CA HIS A 328 13.28 -6.96 -24.33
C HIS A 328 14.12 -8.08 -23.70
N PRO A 329 15.19 -8.54 -24.39
CA PRO A 329 16.13 -9.54 -23.86
C PRO A 329 16.73 -9.19 -22.51
N GLU A 330 16.94 -7.90 -22.25
CA GLU A 330 17.41 -7.45 -20.92
C GLU A 330 16.46 -7.85 -19.78
N LEU A 331 15.16 -8.00 -20.08
CA LEU A 331 14.14 -8.38 -19.08
C LEU A 331 13.95 -9.92 -19.00
N THR A 332 13.88 -10.59 -20.15
CA THR A 332 13.56 -12.02 -20.26
C THR A 332 14.78 -12.94 -20.24
N GLY A 333 15.92 -12.43 -20.66
CA GLY A 333 17.07 -13.28 -20.92
C GLY A 333 17.02 -14.07 -22.24
N LEU A 334 16.02 -13.84 -23.08
CA LEU A 334 15.98 -14.45 -24.40
C LEU A 334 17.02 -13.74 -25.30
N ASP A 335 17.11 -14.18 -26.54
CA ASP A 335 17.99 -13.53 -27.52
C ASP A 335 17.20 -12.79 -28.61
N CYS A 336 15.94 -12.48 -28.29
CA CYS A 336 15.04 -11.80 -29.20
C CYS A 336 14.04 -10.97 -28.40
N ILE A 337 13.41 -10.03 -29.09
CA ILE A 337 12.43 -9.13 -28.48
C ILE A 337 11.08 -9.87 -28.50
N ARG A 338 10.43 -10.02 -27.34
CA ARG A 338 9.21 -10.86 -27.30
C ARG A 338 7.97 -9.97 -27.53
N PRO A 339 7.08 -10.38 -28.42
CA PRO A 339 5.89 -9.59 -28.67
C PRO A 339 4.80 -9.98 -27.67
N CYS A 340 4.07 -8.98 -27.19
CA CYS A 340 2.92 -9.20 -26.29
C CYS A 340 1.83 -8.21 -26.71
N PHE A 341 0.62 -8.43 -26.22
CA PHE A 341 -0.45 -7.47 -26.44
C PHE A 341 -1.44 -7.39 -25.29
N TRP A 342 -2.15 -6.27 -25.24
CA TRP A 342 -3.21 -6.06 -24.26
C TRP A 342 -4.50 -5.78 -25.05
N VAL A 343 -5.62 -6.07 -24.40
CA VAL A 343 -6.92 -5.67 -24.88
C VAL A 343 -7.64 -4.92 -23.75
N GLU A 344 -8.19 -3.75 -24.11
CA GLU A 344 -9.11 -2.98 -23.30
C GLU A 344 -10.52 -3.56 -23.54
N LEU A 345 -11.19 -3.92 -22.45
CA LEU A 345 -12.56 -4.37 -22.50
C LEU A 345 -13.42 -3.20 -21.95
N ILE A 346 -14.02 -2.44 -22.87
CA ILE A 346 -14.79 -1.24 -22.57
C ILE A 346 -16.19 -1.62 -22.07
N ARG A 347 -16.55 -1.09 -20.90
CA ARG A 347 -17.90 -1.27 -20.37
C ARG A 347 -18.64 0.07 -20.18
N GLY A 348 -19.96 0.03 -20.29
CA GLY A 348 -20.80 1.21 -20.03
C GLY A 348 -21.23 1.90 -21.32
N ARG A 349 -21.17 3.23 -21.34
CA ARG A 349 -21.60 4.01 -22.51
C ARG A 349 -20.63 3.83 -23.68
N PRO A 350 -21.11 3.89 -24.93
CA PRO A 350 -22.50 4.19 -25.29
C PRO A 350 -23.42 2.96 -25.40
N LYS A 351 -22.88 1.76 -25.25
CA LYS A 351 -23.65 0.55 -25.54
C LYS A 351 -24.50 0.02 -24.39
N GLU A 352 -24.28 0.50 -23.18
CA GLU A 352 -24.97 -0.04 -22.01
C GLU A 352 -25.63 1.08 -21.23
N ASN A 353 -26.64 0.72 -20.43
CA ASN A 353 -27.44 1.72 -19.71
C ASN A 353 -26.83 2.22 -18.39
N THR A 354 -25.72 2.92 -18.53
CA THR A 354 -24.97 3.44 -17.39
C THR A 354 -24.80 4.93 -17.57
N ILE A 355 -24.38 5.60 -16.52
CA ILE A 355 -23.96 7.02 -16.57
C ILE A 355 -22.46 7.15 -16.89
N TRP A 356 -21.75 6.02 -16.94
CA TRP A 356 -20.28 5.99 -16.98
C TRP A 356 -19.74 5.10 -18.08
N THR A 357 -18.45 5.25 -18.34
CA THR A 357 -17.71 4.40 -19.28
C THR A 357 -16.36 4.06 -18.61
N SER A 358 -15.98 2.78 -18.62
CA SER A 358 -14.68 2.38 -18.06
C SER A 358 -14.21 1.09 -18.69
N GLY A 359 -12.96 0.71 -18.49
CA GLY A 359 -12.45 -0.50 -19.08
C GLY A 359 -11.64 -1.29 -18.10
N SER A 360 -11.65 -2.60 -18.23
CA SER A 360 -10.67 -3.48 -17.61
C SER A 360 -9.74 -3.97 -18.75
N SER A 361 -8.82 -4.89 -18.41
CA SER A 361 -7.85 -5.34 -19.37
C SER A 361 -7.47 -6.78 -19.20
N ILE A 362 -6.88 -7.27 -20.29
CA ILE A 362 -6.29 -8.57 -20.40
C ILE A 362 -5.03 -8.36 -21.25
N SER A 363 -4.03 -9.21 -21.02
CA SER A 363 -2.85 -9.25 -21.89
C SER A 363 -2.30 -10.69 -22.05
N PHE A 364 -1.52 -10.87 -23.11
CA PHE A 364 -1.03 -12.18 -23.55
C PHE A 364 0.41 -11.94 -24.07
N CYS A 365 1.27 -12.93 -23.96
CA CYS A 365 2.59 -12.87 -24.62
C CYS A 365 2.78 -13.98 -25.60
N GLY A 366 3.57 -13.65 -26.61
CA GLY A 366 3.83 -14.58 -27.70
C GLY A 366 4.72 -15.69 -27.23
N VAL A 367 4.37 -16.92 -27.56
CA VAL A 367 5.20 -18.08 -27.18
C VAL A 367 5.26 -19.07 -28.37
N ASN A 368 6.17 -20.04 -28.30
CA ASN A 368 6.17 -21.17 -29.22
C ASN A 368 5.77 -22.49 -28.63
N SER A 369 5.25 -22.46 -27.40
CA SER A 369 4.74 -23.63 -26.76
C SER A 369 3.22 -23.71 -27.01
N ASP A 370 2.59 -24.75 -26.50
CA ASP A 370 1.16 -24.95 -26.72
C ASP A 370 0.36 -23.82 -26.08
N THR A 371 -0.68 -23.42 -26.78
CA THR A 371 -1.63 -22.39 -26.30
C THR A 371 -3.05 -22.87 -26.63
N VAL A 372 -4.05 -22.08 -26.23
CA VAL A 372 -5.46 -22.36 -26.50
C VAL A 372 -6.29 -21.07 -26.65
N GLY A 373 -7.27 -21.13 -27.53
CA GLY A 373 -8.29 -20.11 -27.61
C GLY A 373 -9.35 -20.26 -26.52
N TRP A 374 -9.88 -19.14 -26.07
CA TRP A 374 -11.03 -19.13 -25.17
C TRP A 374 -11.61 -17.73 -25.20
N SER A 375 -12.44 -17.41 -24.22
CA SER A 375 -12.90 -16.06 -23.99
C SER A 375 -12.59 -15.69 -22.56
N TRP A 376 -11.80 -14.65 -22.40
CA TRP A 376 -11.61 -13.98 -21.09
C TRP A 376 -12.26 -12.55 -21.13
N PRO A 377 -13.58 -12.47 -20.92
CA PRO A 377 -14.24 -11.18 -21.01
C PRO A 377 -14.20 -10.43 -19.71
N ASP A 378 -14.81 -9.24 -19.68
CA ASP A 378 -14.76 -8.37 -18.50
C ASP A 378 -15.52 -8.97 -17.32
N GLY A 379 -16.74 -9.40 -17.59
CA GLY A 379 -17.55 -10.07 -16.60
C GLY A 379 -18.31 -9.25 -15.56
N ALA A 380 -18.26 -7.94 -15.63
CA ALA A 380 -19.10 -7.13 -14.75
C ALA A 380 -20.58 -7.23 -15.19
N GLU A 381 -21.50 -7.17 -14.23
CA GLU A 381 -22.92 -7.12 -14.48
C GLU A 381 -23.33 -5.68 -14.31
N LEU A 382 -23.65 -5.07 -15.44
CA LEU A 382 -24.19 -3.71 -15.48
C LEU A 382 -25.73 -3.77 -15.54
N PRO A 383 -26.41 -2.69 -15.16
CA PRO A 383 -25.84 -1.50 -14.52
C PRO A 383 -25.42 -1.73 -13.08
N PHE A 384 -24.76 -0.71 -12.56
CA PHE A 384 -24.27 -0.66 -11.23
C PHE A 384 -25.20 0.21 -10.37
N THR A 385 -24.97 0.19 -9.06
CA THR A 385 -25.77 0.89 -8.05
C THR A 385 -25.94 2.38 -8.34
N ILE A 386 -24.84 3.01 -8.78
CA ILE A 386 -24.84 4.44 -9.11
C ILE A 386 -25.72 4.79 -10.28
N ASP A 387 -25.97 3.83 -11.17
CA ASP A 387 -26.76 4.09 -12.36
C ASP A 387 -28.27 4.16 -12.09
N LYS A 388 -28.73 3.68 -10.93
CA LYS A 388 -30.13 3.25 -10.72
C LYS A 388 -30.92 4.09 -9.71
N SER B 1 24.57 9.81 0.09
CA SER B 1 23.71 11.04 0.15
C SER B 1 24.54 12.30 0.39
N VAL B 2 24.19 13.37 -0.30
CA VAL B 2 24.91 14.62 -0.20
C VAL B 2 23.94 15.78 0.01
N LYS B 3 24.44 16.76 0.74
CA LYS B 3 23.71 17.95 1.06
C LYS B 3 23.41 18.70 -0.22
N LEU B 4 22.22 19.30 -0.29
CA LEU B 4 21.87 20.15 -1.41
C LEU B 4 22.73 21.39 -1.29
N ALA B 5 23.37 21.76 -2.40
CA ALA B 5 24.31 22.88 -2.40
C ALA B 5 23.55 24.20 -2.27
N GLY B 6 22.54 24.38 -3.13
CA GLY B 6 21.68 25.54 -3.07
C GLY B 6 22.37 26.82 -3.53
N ASN B 7 23.46 26.69 -4.29
CA ASN B 7 24.27 27.85 -4.66
C ASN B 7 24.07 28.37 -6.06
N SER B 8 23.35 27.63 -6.91
CA SER B 8 23.07 28.09 -8.27
C SER B 8 21.89 29.06 -8.24
N SER B 9 21.68 29.76 -9.33
CA SER B 9 20.59 30.74 -9.41
C SER B 9 19.32 30.06 -9.95
N LEU B 10 18.18 30.75 -9.78
CA LEU B 10 16.87 30.26 -10.26
C LEU B 10 16.86 30.12 -11.79
N CYS B 11 16.37 29.00 -12.31
CA CYS B 11 16.22 28.84 -13.76
C CYS B 11 15.29 29.94 -14.32
N PRO B 12 15.73 30.65 -15.37
CA PRO B 12 14.79 31.60 -15.98
C PRO B 12 13.74 30.81 -16.74
N VAL B 13 12.49 31.23 -16.63
CA VAL B 13 11.42 30.47 -17.22
C VAL B 13 10.53 31.40 -18.00
N SER B 14 9.89 30.85 -19.03
CA SER B 14 9.02 31.61 -19.89
C SER B 14 7.56 31.20 -19.71
N GLY B 15 7.30 30.12 -18.97
CA GLY B 15 5.94 29.64 -18.76
C GLY B 15 5.90 28.40 -17.87
N TRP B 16 4.69 27.96 -17.55
CA TRP B 16 4.48 26.91 -16.55
C TRP B 16 3.81 25.68 -17.17
N ALA B 17 4.43 24.53 -17.00
CA ALA B 17 3.98 23.28 -17.55
C ALA B 17 3.30 22.55 -16.40
N ILE B 18 2.16 21.92 -16.65
CA ILE B 18 1.40 21.26 -15.56
C ILE B 18 2.11 19.99 -15.13
N TYR B 19 2.19 19.78 -13.83
CA TYR B 19 3.03 18.76 -13.24
C TYR B 19 2.16 17.72 -12.55
N SER B 20 1.16 18.15 -11.76
CA SER B 20 0.27 17.18 -11.12
C SER B 20 -1.11 17.72 -10.91
N LYS B 21 -1.98 16.78 -10.59
CA LYS B 21 -3.29 17.06 -10.14
C LYS B 21 -3.78 15.82 -9.44
N ASP B 22 -4.31 15.95 -8.23
CA ASP B 22 -4.67 14.75 -7.43
C ASP B 22 -6.17 14.39 -7.50
N ASN B 23 -7.04 15.32 -7.88
CA ASN B 23 -8.51 15.13 -7.88
C ASN B 23 -9.07 14.63 -6.54
N SER B 24 -8.55 15.13 -5.44
CA SER B 24 -8.80 14.48 -4.15
C SER B 24 -10.24 14.51 -3.68
N VAL B 25 -10.88 15.64 -3.90
CA VAL B 25 -12.27 15.81 -3.48
C VAL B 25 -13.22 14.93 -4.36
N ARG B 26 -12.98 14.91 -5.67
CA ARG B 26 -13.78 14.04 -6.57
C ARG B 26 -13.68 12.57 -6.18
N ILE B 27 -12.45 12.13 -5.86
CA ILE B 27 -12.20 10.77 -5.43
C ILE B 27 -12.76 10.47 -4.02
N GLY B 28 -12.66 11.43 -3.11
CA GLY B 28 -13.20 11.31 -1.72
C GLY B 28 -14.72 11.24 -1.58
N SER B 29 -15.45 11.55 -2.63
CA SER B 29 -16.85 11.24 -2.68
C SER B 29 -17.18 9.73 -2.36
N LYS B 30 -16.36 8.79 -2.82
CA LYS B 30 -16.48 7.38 -2.47
C LYS B 30 -15.24 6.79 -1.75
N GLY B 31 -14.05 7.19 -2.19
CA GLY B 31 -12.81 6.65 -1.64
C GLY B 31 -12.51 7.18 -0.26
N ASP B 32 -11.49 6.60 0.34
CA ASP B 32 -11.09 6.98 1.68
C ASP B 32 -10.03 8.04 1.58
N VAL B 33 -10.44 9.31 1.60
CA VAL B 33 -9.54 10.43 1.36
C VAL B 33 -9.68 11.34 2.56
N PHE B 34 -8.56 11.79 3.10
CA PHE B 34 -8.56 12.72 4.25
C PHE B 34 -9.19 14.06 3.88
N VAL B 35 -9.96 14.65 4.81
CA VAL B 35 -10.27 16.04 4.73
C VAL B 35 -8.96 16.74 5.05
N ILE B 36 -8.54 17.66 4.19
CA ILE B 36 -7.28 18.38 4.38
C ILE B 36 -7.46 19.83 4.05
N ARG B 37 -6.49 20.62 4.47
CA ARG B 37 -6.27 21.96 3.89
C ARG B 37 -4.79 22.22 4.04
N GLU B 38 -4.30 23.32 3.48
CA GLU B 38 -2.92 23.70 3.61
C GLU B 38 -1.92 22.63 3.07
N PRO B 39 -2.16 22.10 1.87
CA PRO B 39 -1.13 21.26 1.29
C PRO B 39 0.04 22.05 0.69
N PHE B 40 1.09 21.33 0.42
CA PHE B 40 2.24 21.93 -0.21
C PHE B 40 3.12 20.82 -0.73
N ILE B 41 4.02 21.16 -1.64
CA ILE B 41 4.90 20.17 -2.23
C ILE B 41 6.32 20.48 -1.82
N SER B 42 7.09 19.44 -1.55
CA SER B 42 8.52 19.57 -1.35
C SER B 42 9.22 18.34 -1.91
N CYS B 43 10.45 18.52 -2.42
CA CYS B 43 11.20 17.45 -3.06
C CYS B 43 12.51 17.12 -2.35
N SER B 44 12.89 15.85 -2.40
CA SER B 44 14.22 15.42 -1.97
C SER B 44 15.06 15.30 -3.25
N PRO B 45 16.33 14.88 -3.13
CA PRO B 45 17.04 14.50 -4.36
C PRO B 45 16.44 13.31 -5.15
N LEU B 46 15.52 12.53 -4.55
CA LEU B 46 14.90 11.36 -5.23
C LEU B 46 13.41 11.48 -5.63
N GLU B 47 12.58 12.20 -4.87
CA GLU B 47 11.13 12.29 -5.17
C GLU B 47 10.56 13.64 -4.74
N CYS B 48 9.34 13.92 -5.20
CA CYS B 48 8.55 15.05 -4.74
C CYS B 48 7.37 14.46 -4.00
N ARG B 49 7.04 15.04 -2.85
CA ARG B 49 5.89 14.59 -2.03
C ARG B 49 4.95 15.74 -1.76
N THR B 50 3.67 15.40 -1.55
CA THR B 50 2.69 16.37 -1.09
C THR B 50 2.53 16.25 0.41
N PHE B 51 2.75 17.34 1.11
CA PHE B 51 2.52 17.47 2.54
C PHE B 51 1.19 18.16 2.70
N PHE B 52 0.47 17.84 3.76
CA PHE B 52 -0.83 18.47 4.00
C PHE B 52 -1.23 18.29 5.44
N LEU B 53 -2.18 19.11 5.92
CA LEU B 53 -2.69 19.01 7.29
C LEU B 53 -4.06 18.43 7.22
N THR B 54 -4.19 17.17 7.67
CA THR B 54 -5.45 16.52 7.74
C THR B 54 -6.30 17.13 8.83
N GLN B 55 -7.59 16.81 8.83
CA GLN B 55 -8.43 17.17 9.97
C GLN B 55 -8.74 15.91 10.78
N GLY B 56 -7.95 14.83 10.58
CA GLY B 56 -8.17 13.62 11.33
C GLY B 56 -9.52 12.99 11.06
N ALA B 57 -10.04 13.19 9.82
CA ALA B 57 -11.41 12.82 9.33
C ALA B 57 -11.36 12.51 7.83
N LEU B 58 -12.23 11.65 7.37
CA LEU B 58 -12.33 11.35 5.95
C LEU B 58 -13.51 12.06 5.33
N LEU B 59 -13.38 12.42 4.05
CA LEU B 59 -14.49 13.00 3.27
C LEU B 59 -15.73 12.10 3.25
N ASN B 60 -16.86 12.77 3.25
CA ASN B 60 -18.17 12.14 3.27
C ASN B 60 -18.49 11.32 4.52
N ASP B 61 -17.73 11.51 5.61
CA ASP B 61 -17.99 10.88 6.90
C ASP B 61 -18.38 12.00 7.90
N LYS B 62 -19.16 11.66 8.94
CA LYS B 62 -19.70 12.70 9.84
C LYS B 62 -18.58 13.46 10.58
N HIS B 63 -17.40 12.83 10.75
CA HIS B 63 -16.28 13.55 11.40
C HIS B 63 -15.69 14.72 10.55
N SER B 64 -16.10 14.84 9.29
CA SER B 64 -15.72 16.01 8.48
C SER B 64 -16.55 17.24 8.87
N ASN B 65 -17.58 17.07 9.71
CA ASN B 65 -18.38 18.23 10.18
C ASN B 65 -17.53 19.25 10.95
N GLY B 66 -17.74 20.53 10.68
CA GLY B 66 -17.03 21.59 11.39
C GLY B 66 -15.59 21.80 10.96
N THR B 67 -15.19 21.25 9.80
CA THR B 67 -13.77 21.33 9.36
C THR B 67 -13.42 22.65 8.73
N ILE B 68 -14.35 23.61 8.70
CA ILE B 68 -13.92 25.01 8.53
C ILE B 68 -12.89 25.41 9.61
N LYS B 69 -13.00 24.83 10.80
CA LYS B 69 -12.22 25.25 11.96
C LYS B 69 -10.74 24.97 11.76
N ASP B 70 -9.91 25.99 11.98
CA ASP B 70 -8.49 25.87 11.65
C ASP B 70 -7.67 24.96 12.56
N ARG B 71 -7.91 25.05 13.89
CA ARG B 71 -7.01 24.47 14.85
C ARG B 71 -7.75 23.55 15.82
N SER B 72 -7.25 22.32 15.90
CA SER B 72 -7.82 21.31 16.78
C SER B 72 -6.69 20.36 17.14
N PRO B 73 -6.91 19.51 18.12
CA PRO B 73 -5.93 18.46 18.44
C PRO B 73 -5.91 17.27 17.48
N TYR B 74 -6.80 17.25 16.50
CA TYR B 74 -6.94 16.11 15.62
C TYR B 74 -6.08 16.30 14.38
N ARG B 75 -5.66 17.54 14.11
CA ARG B 75 -5.01 17.83 12.86
C ARG B 75 -3.61 17.24 12.86
N THR B 76 -3.27 16.53 11.79
CA THR B 76 -1.91 15.96 11.65
C THR B 76 -1.26 16.33 10.31
N LEU B 77 0.06 16.66 10.32
CA LEU B 77 0.89 16.76 9.13
C LEU B 77 1.25 15.36 8.60
N MET B 78 0.84 15.09 7.36
CA MET B 78 1.11 13.80 6.67
C MET B 78 1.63 14.15 5.27
N SER B 79 2.17 13.17 4.56
CA SER B 79 2.61 13.35 3.21
C SER B 79 2.33 12.10 2.36
N CYS B 80 2.19 12.30 1.07
CA CYS B 80 2.12 11.22 0.11
C CYS B 80 2.86 11.56 -1.16
N PRO B 81 2.92 10.64 -2.14
CA PRO B 81 3.60 11.00 -3.37
C PRO B 81 2.80 12.01 -4.16
N ILE B 82 3.49 12.86 -4.90
CA ILE B 82 2.83 13.93 -5.61
C ILE B 82 1.80 13.35 -6.59
N GLY B 83 0.66 14.02 -6.63
CA GLY B 83 -0.45 13.61 -7.49
C GLY B 83 -1.34 12.49 -7.00
N GLU B 84 -0.95 11.80 -5.93
CA GLU B 84 -1.86 10.81 -5.29
C GLU B 84 -2.80 11.50 -4.30
N VAL B 85 -4.01 10.96 -4.17
CA VAL B 85 -4.97 11.45 -3.18
C VAL B 85 -4.45 11.17 -1.79
N PRO B 86 -4.65 12.10 -0.85
CA PRO B 86 -4.21 11.88 0.52
C PRO B 86 -5.13 10.89 1.23
N SER B 87 -4.69 9.64 1.34
CA SER B 87 -5.51 8.59 1.98
C SER B 87 -4.83 7.98 3.23
N PRO B 88 -5.59 7.45 4.20
CA PRO B 88 -4.85 6.75 5.25
C PRO B 88 -4.00 5.58 4.70
N TYR B 89 -4.26 5.12 3.47
CA TYR B 89 -3.62 3.88 2.94
C TYR B 89 -2.42 4.19 2.12
N ASN B 90 -2.18 5.44 1.81
CA ASN B 90 -0.94 5.85 1.12
C ASN B 90 -0.14 6.96 1.82
N SER B 91 -0.56 7.37 3.01
CA SER B 91 0.05 8.59 3.57
C SER B 91 0.99 8.29 4.71
N ARG B 92 2.18 8.91 4.71
CA ARG B 92 3.15 8.84 5.82
C ARG B 92 2.74 9.77 6.89
N PHE B 93 2.70 9.30 8.12
CA PHE B 93 2.43 10.20 9.21
C PHE B 93 3.68 11.07 9.47
N GLU B 94 3.56 12.38 9.61
CA GLU B 94 4.77 13.18 9.92
C GLU B 94 4.81 13.80 11.32
N SER B 95 3.71 14.42 11.69
CA SER B 95 3.68 15.18 12.93
C SER B 95 2.28 15.52 13.24
N VAL B 96 2.05 15.86 14.51
CA VAL B 96 0.73 16.29 14.98
C VAL B 96 0.77 17.82 14.81
N ALA B 97 -0.20 18.40 14.09
CA ALA B 97 -0.08 19.80 13.70
C ALA B 97 -1.33 20.42 13.10
N TRP B 98 -1.54 21.67 13.52
CA TRP B 98 -2.42 22.57 12.89
C TRP B 98 -1.71 23.71 12.10
N SER B 99 -0.37 23.73 12.06
CA SER B 99 0.45 24.58 11.13
C SER B 99 1.84 23.92 10.91
N ALA B 100 2.45 24.07 9.74
CA ALA B 100 3.59 23.18 9.43
C ALA B 100 4.49 23.70 8.31
N SER B 101 5.70 23.14 8.27
CA SER B 101 6.61 23.29 7.16
C SER B 101 7.38 21.98 7.07
N ALA B 102 7.99 21.74 5.91
CA ALA B 102 8.94 20.64 5.75
C ALA B 102 9.84 20.92 4.57
N CYS B 103 11.06 20.38 4.62
CA CYS B 103 11.99 20.41 3.50
C CYS B 103 13.08 19.35 3.72
N HIS B 104 13.78 19.01 2.63
CA HIS B 104 14.79 17.99 2.63
C HIS B 104 16.15 18.66 2.36
N ASP B 105 17.15 18.37 3.18
CA ASP B 105 18.44 19.08 3.11
C ASP B 105 19.44 18.39 2.12
N GLY B 106 19.00 17.30 1.51
CA GLY B 106 19.80 16.42 0.68
C GLY B 106 20.14 15.10 1.35
N ILE B 107 20.05 15.05 2.67
CA ILE B 107 20.28 13.85 3.46
C ILE B 107 18.95 13.30 4.06
N ASN B 108 18.18 14.14 4.77
CA ASN B 108 16.90 13.72 5.41
C ASN B 108 15.87 14.82 5.36
N TRP B 109 14.62 14.44 5.62
CA TRP B 109 13.52 15.35 5.81
C TRP B 109 13.60 16.04 7.17
N LEU B 110 13.45 17.36 7.15
CA LEU B 110 13.05 18.16 8.29
C LEU B 110 11.52 18.39 8.22
N THR B 111 10.81 18.12 9.32
CA THR B 111 9.39 18.47 9.46
C THR B 111 9.18 19.31 10.71
N ILE B 112 8.27 20.26 10.57
CA ILE B 112 7.94 21.22 11.61
C ILE B 112 6.40 21.18 11.81
N GLY B 113 5.98 20.93 13.03
CA GLY B 113 4.59 20.69 13.35
C GLY B 113 4.24 21.42 14.59
N ILE B 114 3.39 22.44 14.44
CA ILE B 114 2.89 23.23 15.57
C ILE B 114 1.51 22.76 16.00
N SER B 115 1.39 22.36 17.27
CA SER B 115 0.12 22.03 17.92
C SER B 115 0.14 22.59 19.36
N GLY B 116 -0.88 22.21 20.14
CA GLY B 116 -1.16 22.84 21.43
C GLY B 116 -2.10 24.03 21.37
N PRO B 117 -2.27 24.70 22.53
CA PRO B 117 -3.28 25.77 22.62
C PRO B 117 -2.86 27.09 21.95
N ASP B 118 -3.87 27.91 21.58
CA ASP B 118 -3.59 29.22 20.95
C ASP B 118 -2.62 30.12 21.79
N ASN B 119 -2.70 30.06 23.12
CA ASN B 119 -1.85 30.86 24.02
C ASN B 119 -0.51 30.23 24.48
N GLY B 120 -0.11 29.11 23.88
CA GLY B 120 1.13 28.42 24.21
C GLY B 120 1.51 27.32 23.23
N ALA B 121 1.43 27.61 21.93
CA ALA B 121 1.70 26.58 20.92
C ALA B 121 3.20 26.18 20.83
N VAL B 122 3.45 24.91 20.51
CA VAL B 122 4.80 24.40 20.36
C VAL B 122 4.98 23.79 18.99
N ALA B 123 5.98 24.29 18.29
CA ALA B 123 6.59 23.69 17.12
C ALA B 123 7.48 22.51 17.51
N VAL B 124 7.16 21.32 16.98
CA VAL B 124 7.96 20.11 17.17
C VAL B 124 8.74 19.90 15.88
N LEU B 125 10.07 19.87 16.00
CA LEU B 125 10.95 19.70 14.85
C LEU B 125 11.48 18.27 14.82
N LYS B 126 11.43 17.70 13.66
CA LYS B 126 11.86 16.33 13.47
C LYS B 126 12.83 16.28 12.32
N TYR B 127 13.82 15.43 12.48
CA TYR B 127 14.78 15.18 11.40
C TYR B 127 14.78 13.68 11.22
N ASN B 128 14.48 13.23 9.99
CA ASN B 128 14.26 11.79 9.70
C ASN B 128 13.19 11.19 10.66
N GLY B 129 12.16 11.94 10.97
CA GLY B 129 11.11 11.41 11.85
C GLY B 129 11.47 11.31 13.33
N ILE B 130 12.65 11.79 13.72
CA ILE B 130 13.02 11.82 15.13
C ILE B 130 12.92 13.24 15.64
N ILE B 131 12.32 13.42 16.81
CA ILE B 131 12.26 14.71 17.42
C ILE B 131 13.69 15.19 17.77
N THR B 132 14.05 16.36 17.26
CA THR B 132 15.34 16.96 17.44
C THR B 132 15.32 18.35 18.07
N ASP B 133 14.15 18.99 18.13
CA ASP B 133 13.97 20.25 18.86
C ASP B 133 12.51 20.66 19.02
N THR B 134 12.30 21.72 19.81
CA THR B 134 11.02 22.37 19.92
C THR B 134 11.17 23.89 20.11
N ILE B 135 10.16 24.63 19.69
CA ILE B 135 10.12 26.01 20.04
C ILE B 135 8.69 26.41 20.34
N LYS B 136 8.54 27.16 21.41
CA LYS B 136 7.27 27.48 21.93
C LYS B 136 6.96 28.93 21.61
N SER B 137 5.66 29.19 21.57
CA SER B 137 5.10 30.54 21.39
C SER B 137 5.78 31.56 22.33
N TRP B 138 6.25 32.66 21.77
CA TRP B 138 6.93 33.72 22.53
C TRP B 138 6.04 35.00 22.65
N ARG B 139 4.86 35.04 22.00
CA ARG B 139 3.85 36.09 22.21
C ARG B 139 2.49 35.55 22.64
N ASN B 140 2.39 34.23 22.82
CA ASN B 140 1.19 33.56 23.30
C ASN B 140 -0.01 33.80 22.40
N ASN B 141 0.20 33.90 21.11
CA ASN B 141 -0.92 34.23 20.25
C ASN B 141 -0.85 33.56 18.91
N ILE B 142 -1.18 32.29 18.94
CA ILE B 142 -1.15 31.40 17.76
C ILE B 142 0.20 31.44 17.02
N LEU B 143 1.22 30.83 17.61
CA LEU B 143 2.46 30.52 16.88
C LEU B 143 2.08 29.85 15.56
N ARG B 144 2.64 30.32 14.46
CA ARG B 144 2.28 29.77 13.15
C ARG B 144 3.39 29.91 12.09
N THR B 145 3.44 28.97 11.15
CA THR B 145 4.53 28.98 10.18
C THR B 145 4.07 28.90 8.72
N GLN B 146 4.92 28.42 7.81
CA GLN B 146 4.76 28.65 6.38
C GLN B 146 3.54 28.06 5.67
N GLU B 147 3.22 26.80 5.97
CA GLU B 147 2.25 26.00 5.19
C GLU B 147 2.86 25.77 3.77
N SER B 148 4.16 25.76 3.70
CA SER B 148 4.85 25.50 2.45
C SER B 148 6.25 25.09 2.84
N GLU B 149 7.04 24.69 1.86
CA GLU B 149 8.32 24.10 2.15
C GLU B 149 9.31 25.13 2.65
N CYS B 150 10.08 24.72 3.66
CA CYS B 150 11.27 25.45 4.07
C CYS B 150 12.32 25.38 2.95
N ALA B 151 13.41 26.12 3.12
CA ALA B 151 14.42 26.25 2.09
C ALA B 151 15.77 25.85 2.63
N CYS B 152 16.55 25.09 1.82
CA CYS B 152 17.83 24.56 2.30
C CYS B 152 19.00 24.98 1.41
N VAL B 153 20.13 25.29 2.07
CA VAL B 153 21.41 25.65 1.46
C VAL B 153 22.55 25.04 2.26
N ASN B 154 23.30 24.16 1.61
CA ASN B 154 24.50 23.57 2.19
C ASN B 154 24.29 23.03 3.59
N GLY B 155 23.22 22.25 3.78
CA GLY B 155 22.96 21.58 5.03
C GLY B 155 22.31 22.39 6.12
N SER B 156 21.97 23.63 5.83
CA SER B 156 21.16 24.44 6.73
C SER B 156 19.81 24.61 6.07
N CYS B 157 18.73 24.55 6.86
CA CYS B 157 17.39 24.83 6.38
C CYS B 157 16.79 25.99 7.12
N PHE B 158 15.95 26.74 6.42
CA PHE B 158 15.48 28.02 6.92
C PHE B 158 13.97 28.10 6.86
N THR B 159 13.38 28.75 7.86
CA THR B 159 11.92 28.99 7.84
C THR B 159 11.58 30.27 8.59
N VAL B 160 10.33 30.70 8.46
CA VAL B 160 9.81 31.91 9.14
C VAL B 160 8.56 31.51 9.98
N MET B 161 8.46 32.03 11.19
CA MET B 161 7.29 31.82 12.02
C MET B 161 6.78 33.15 12.52
N THR B 162 5.48 33.21 12.75
CA THR B 162 4.84 34.43 13.24
C THR B 162 4.14 34.16 14.56
N ASP B 163 4.14 35.14 15.45
CA ASP B 163 3.36 35.04 16.69
C ASP B 163 2.81 36.41 17.03
N GLY B 164 1.51 36.47 17.37
CA GLY B 164 0.83 37.73 17.65
C GLY B 164 -0.44 37.84 16.86
N PRO B 165 -1.09 39.03 16.90
CA PRO B 165 -2.31 39.35 16.18
C PRO B 165 -2.22 39.19 14.66
N SER B 166 -3.32 38.77 14.03
CA SER B 166 -3.46 38.67 12.58
C SER B 166 -4.16 39.90 11.95
N ASN B 167 -4.45 40.91 12.77
CA ASN B 167 -5.07 42.16 12.32
C ASN B 167 -4.28 43.37 12.83
N GLY B 168 -2.97 43.20 12.90
CA GLY B 168 -2.12 44.26 13.39
C GLY B 168 -0.68 43.82 13.42
N GLN B 169 0.16 44.68 13.98
CA GLN B 169 1.58 44.39 14.15
C GLN B 169 1.72 43.06 14.88
N ALA B 170 2.56 42.14 14.37
CA ALA B 170 2.89 40.92 15.12
C ALA B 170 4.41 40.76 15.16
N SER B 171 4.89 39.62 15.67
CA SER B 171 6.29 39.32 15.71
C SER B 171 6.69 38.24 14.67
N TYR B 172 7.84 38.43 14.03
CA TYR B 172 8.27 37.53 12.94
C TYR B 172 9.69 37.14 13.19
N LYS B 173 9.95 35.84 13.16
CA LYS B 173 11.27 35.31 13.46
C LYS B 173 11.69 34.41 12.31
N ILE B 174 12.97 34.45 11.99
CA ILE B 174 13.60 33.58 11.01
C ILE B 174 14.52 32.63 11.75
N PHE B 175 14.61 31.40 11.26
CA PHE B 175 15.33 30.32 11.96
C PHE B 175 16.28 29.61 10.97
N ARG B 176 17.48 29.32 11.47
CA ARG B 176 18.43 28.43 10.82
C ARG B 176 18.43 27.13 11.57
N ILE B 177 18.26 26.04 10.82
CA ILE B 177 18.06 24.70 11.39
C ILE B 177 19.01 23.72 10.68
N GLU B 178 19.83 23.02 11.47
CA GLU B 178 20.76 22.02 10.93
C GLU B 178 20.49 20.70 11.61
N LYS B 179 20.12 19.73 10.79
CA LYS B 179 19.78 18.40 11.25
C LYS B 179 18.68 18.45 12.30
N GLY B 180 17.71 19.33 12.06
CA GLY B 180 16.55 19.50 12.96
C GLY B 180 16.78 20.31 14.24
N LYS B 181 18.00 20.78 14.43
CA LYS B 181 18.34 21.55 15.59
C LYS B 181 18.41 23.03 15.20
N ILE B 182 17.72 23.86 15.97
CA ILE B 182 17.73 25.28 15.72
C ILE B 182 19.12 25.74 16.17
N VAL B 183 19.91 26.24 15.23
CA VAL B 183 21.22 26.79 15.56
C VAL B 183 21.25 28.32 15.63
N LYS B 184 20.31 29.00 14.97
CA LYS B 184 20.14 30.44 15.16
C LYS B 184 18.71 30.90 14.85
N SER B 185 18.27 31.96 15.53
CA SER B 185 16.97 32.63 15.24
C SER B 185 17.12 34.15 15.42
N VAL B 186 16.41 34.93 14.64
CA VAL B 186 16.54 36.39 14.71
C VAL B 186 15.12 36.90 14.68
N GLU B 187 14.81 37.90 15.48
CA GLU B 187 13.50 38.52 15.38
C GLU B 187 13.59 39.65 14.38
N MET B 188 12.68 39.67 13.42
CA MET B 188 12.68 40.72 12.43
C MET B 188 12.23 42.08 13.01
N ASN B 189 13.05 43.11 12.80
CA ASN B 189 12.69 44.49 13.09
C ASN B 189 11.86 44.95 11.88
N ALA B 190 10.52 44.88 11.99
CA ALA B 190 9.66 45.17 10.84
C ALA B 190 8.44 46.00 11.17
N PRO B 191 8.67 47.22 11.67
CA PRO B 191 7.53 48.01 12.12
C PRO B 191 6.70 48.47 10.94
N ASN B 192 5.38 48.32 11.06
CA ASN B 192 4.40 48.57 10.01
C ASN B 192 4.36 47.52 8.87
N TYR B 193 5.06 46.41 9.08
CA TYR B 193 5.08 45.28 8.14
C TYR B 193 4.32 44.18 8.82
N TYR B 194 3.73 43.29 8.03
CA TYR B 194 3.21 42.03 8.53
C TYR B 194 3.57 40.83 7.62
N TYR B 195 4.08 39.78 8.21
CA TYR B 195 4.47 38.57 7.48
C TYR B 195 3.83 37.36 8.13
N GLU B 196 3.28 36.50 7.30
CA GLU B 196 2.91 35.13 7.69
C GLU B 196 2.77 34.23 6.46
N GLU B 197 2.56 32.94 6.68
CA GLU B 197 2.46 31.93 5.59
C GLU B 197 3.45 32.17 4.42
N CYS B 198 4.70 32.42 4.81
CA CYS B 198 5.77 32.73 3.84
C CYS B 198 6.10 31.60 2.87
N SER B 199 6.20 31.95 1.58
CA SER B 199 6.75 31.01 0.59
C SER B 199 8.22 31.38 0.36
N CYS B 200 9.12 30.48 0.77
CA CYS B 200 10.57 30.73 0.73
C CYS B 200 11.28 29.76 -0.20
N TYR B 201 12.26 30.26 -0.95
CA TYR B 201 13.07 29.41 -1.83
C TYR B 201 14.54 29.83 -1.82
N PRO B 202 15.45 28.90 -2.12
CA PRO B 202 16.87 29.23 -2.22
C PRO B 202 17.20 29.74 -3.61
N ASP B 203 18.19 30.62 -3.69
CA ASP B 203 18.59 31.21 -4.95
C ASP B 203 19.97 31.82 -4.71
N SER B 204 21.01 31.22 -5.30
CA SER B 204 22.40 31.69 -5.13
C SER B 204 22.84 31.73 -3.65
N SER B 205 22.57 30.66 -2.92
CA SER B 205 22.97 30.54 -1.48
C SER B 205 22.21 31.45 -0.48
N GLU B 206 21.18 32.16 -0.94
CA GLU B 206 20.41 33.07 -0.10
C GLU B 206 18.92 32.71 -0.21
N ILE B 207 18.15 33.13 0.78
CA ILE B 207 16.73 32.74 0.87
C ILE B 207 15.90 33.95 0.52
N THR B 208 14.91 33.79 -0.36
CA THR B 208 13.89 34.81 -0.58
C THR B 208 12.49 34.28 -0.20
N CYS B 209 11.81 35.01 0.67
CA CYS B 209 10.44 34.67 1.09
C CYS B 209 9.48 35.74 0.61
N VAL B 210 8.32 35.29 0.11
CA VAL B 210 7.19 36.13 -0.26
C VAL B 210 6.00 35.63 0.53
N CYS B 211 5.36 36.58 1.21
CA CYS B 211 4.45 36.22 2.30
C CYS B 211 3.09 36.89 2.16
N ARG B 212 2.29 36.79 3.21
CA ARG B 212 0.97 37.35 3.30
C ARG B 212 0.93 38.43 4.38
N ASP B 213 0.64 39.67 3.95
CA ASP B 213 0.24 40.73 4.87
C ASP B 213 -1.28 40.67 5.12
N ASN B 214 -1.68 40.14 6.28
CA ASN B 214 -3.08 40.04 6.68
C ASN B 214 -3.62 41.31 7.34
N TRP B 215 -2.71 42.24 7.66
CA TRP B 215 -3.06 43.43 8.41
C TRP B 215 -3.56 44.53 7.48
N HIS B 216 -2.70 44.98 6.58
CA HIS B 216 -2.99 46.18 5.81
C HIS B 216 -2.18 46.26 4.52
N GLY B 217 -2.07 45.15 3.81
CA GLY B 217 -1.30 45.10 2.58
C GLY B 217 -1.97 44.23 1.55
N SER B 218 -2.24 44.80 0.39
CA SER B 218 -2.82 44.05 -0.71
C SER B 218 -1.81 43.69 -1.77
N ASN B 219 -0.61 44.23 -1.64
CA ASN B 219 0.59 43.67 -2.26
C ASN B 219 1.25 42.71 -1.28
N ARG B 220 2.25 41.95 -1.76
CA ARG B 220 2.94 41.01 -0.86
C ARG B 220 4.25 41.52 -0.25
N PRO B 221 4.40 41.36 1.07
CA PRO B 221 5.69 41.57 1.68
C PRO B 221 6.73 40.50 1.30
N TRP B 222 8.01 40.89 1.33
CA TRP B 222 9.12 39.92 1.17
C TRP B 222 10.23 40.13 2.19
N VAL B 223 11.01 39.09 2.44
CA VAL B 223 12.22 39.16 3.31
C VAL B 223 13.18 38.21 2.65
N SER B 224 14.42 38.67 2.49
CA SER B 224 15.47 37.82 2.03
C SER B 224 16.64 37.84 3.02
N PHE B 225 17.37 36.75 3.07
CA PHE B 225 18.41 36.65 4.07
C PHE B 225 19.50 35.66 3.67
N ASN B 226 20.69 35.86 4.25
CA ASN B 226 21.81 34.95 4.02
C ASN B 226 21.83 33.91 5.10
N GLN B 227 22.82 33.02 5.03
CA GLN B 227 22.90 31.90 5.96
C GLN B 227 23.09 32.31 7.41
N ASN B 228 23.56 33.53 7.67
CA ASN B 228 23.69 34.06 9.04
C ASN B 228 22.44 34.81 9.53
N LEU B 229 21.39 34.80 8.72
CA LEU B 229 20.12 35.43 9.03
C LEU B 229 20.18 36.94 9.05
N GLU B 230 21.16 37.50 8.34
CA GLU B 230 21.21 38.95 8.12
C GLU B 230 20.25 39.18 6.98
N TYR B 231 19.28 40.06 7.19
CA TYR B 231 18.12 40.12 6.31
C TYR B 231 17.85 41.50 5.73
N GLN B 232 17.08 41.53 4.65
CA GLN B 232 16.53 42.76 4.07
C GLN B 232 15.02 42.57 3.91
N ILE B 233 14.27 43.65 3.93
CA ILE B 233 12.79 43.55 3.92
C ILE B 233 12.15 44.53 2.96
N GLY B 234 10.93 44.23 2.53
CA GLY B 234 10.23 45.13 1.60
C GLY B 234 8.92 44.56 1.15
N TYR B 235 8.27 45.24 0.20
CA TYR B 235 7.03 44.74 -0.43
C TYR B 235 7.20 44.82 -1.94
N ILE B 236 6.54 43.89 -2.64
CA ILE B 236 6.60 43.80 -4.09
C ILE B 236 5.93 45.06 -4.67
N CYS B 237 6.67 45.82 -5.48
CA CYS B 237 6.26 47.19 -5.88
C CYS B 237 5.19 47.21 -6.96
N SER B 238 5.10 46.13 -7.75
CA SER B 238 4.17 46.03 -8.87
C SER B 238 2.76 46.48 -8.50
N GLY B 239 2.17 47.24 -9.42
CA GLY B 239 0.74 47.56 -9.43
C GLY B 239 -0.20 46.44 -9.81
N ILE B 240 0.38 45.29 -10.15
CA ILE B 240 -0.32 43.99 -10.25
C ILE B 240 -0.31 43.35 -8.84
N PHE B 241 -1.35 43.67 -8.08
CA PHE B 241 -1.39 43.33 -6.65
C PHE B 241 -1.57 41.82 -6.48
N GLY B 242 -0.78 41.26 -5.58
CA GLY B 242 -0.68 39.80 -5.41
C GLY B 242 -1.59 39.12 -4.40
N ASP B 243 -2.10 39.87 -3.41
CA ASP B 243 -2.90 39.28 -2.35
C ASP B 243 -4.36 39.12 -2.78
N ASN B 244 -5.15 38.44 -1.95
CA ASN B 244 -6.59 38.36 -2.10
C ASN B 244 -7.22 38.46 -0.70
N PRO B 245 -8.05 39.48 -0.41
CA PRO B 245 -8.52 40.46 -1.39
C PRO B 245 -7.50 41.54 -1.76
N ARG B 246 -7.88 42.35 -2.74
CA ARG B 246 -7.02 43.39 -3.27
C ARG B 246 -7.89 44.33 -4.08
N PRO B 247 -7.34 45.49 -4.48
CA PRO B 247 -8.13 46.33 -5.37
C PRO B 247 -7.83 45.92 -6.79
N ASN B 248 -8.47 46.61 -7.74
CA ASN B 248 -8.14 46.50 -9.17
C ASN B 248 -6.76 47.05 -9.35
N ASP B 249 -6.09 46.63 -10.41
CA ASP B 249 -4.68 47.00 -10.66
C ASP B 249 -4.59 48.48 -10.97
N LYS B 250 -3.54 49.11 -10.44
CA LYS B 250 -3.26 50.55 -10.59
C LYS B 250 -1.83 50.77 -10.14
N THR B 251 -1.40 51.98 -9.79
CA THR B 251 -0.02 52.18 -9.31
C THR B 251 0.21 51.47 -7.98
N GLY B 252 1.35 50.79 -7.88
CA GLY B 252 1.68 50.02 -6.70
C GLY B 252 2.42 50.83 -5.66
N SER B 253 2.92 50.15 -4.63
CA SER B 253 3.74 50.77 -3.60
C SER B 253 4.81 49.80 -3.19
N CYS B 254 5.98 50.35 -2.82
CA CYS B 254 7.06 49.55 -2.30
C CYS B 254 6.93 49.27 -0.79
N GLY B 255 5.96 49.92 -0.12
CA GLY B 255 5.47 49.51 1.21
C GLY B 255 4.06 48.93 1.12
N PRO B 256 3.43 48.64 2.28
CA PRO B 256 2.10 48.00 2.21
C PRO B 256 1.02 48.86 1.52
N VAL B 257 0.25 48.25 0.60
CA VAL B 257 -0.89 48.91 -0.05
C VAL B 257 -2.15 48.68 0.82
N SER B 258 -2.65 49.73 1.49
CA SER B 258 -3.69 49.57 2.50
C SER B 258 -5.10 49.28 1.92
N SER B 259 -5.35 49.71 0.67
CA SER B 259 -6.62 49.46 -0.01
C SER B 259 -6.88 47.99 -0.13
N ASN B 260 -7.97 47.55 0.48
CA ASN B 260 -8.31 46.14 0.62
C ASN B 260 -7.20 45.31 1.32
N GLY B 261 -6.39 45.98 2.16
CA GLY B 261 -5.19 45.36 2.69
C GLY B 261 -5.43 44.29 3.73
N ALA B 262 -6.47 44.48 4.54
CA ALA B 262 -6.76 43.55 5.63
C ALA B 262 -7.13 42.20 5.01
N ASN B 263 -6.88 41.14 5.75
CA ASN B 263 -7.11 39.80 5.27
C ASN B 263 -6.12 39.48 4.13
N GLY B 264 -6.27 38.33 3.49
CA GLY B 264 -5.31 37.88 2.46
C GLY B 264 -5.45 36.40 2.17
N VAL B 265 -4.48 35.87 1.47
CA VAL B 265 -4.41 34.46 1.19
C VAL B 265 -2.91 34.15 1.10
N LYS B 266 -2.50 32.95 1.51
CA LYS B 266 -1.11 32.50 1.31
C LYS B 266 -0.80 32.50 -0.18
N GLY B 267 0.37 33.01 -0.52
CA GLY B 267 0.84 33.07 -1.90
C GLY B 267 2.34 33.10 -2.05
N PHE B 268 2.75 33.32 -3.29
CA PHE B 268 4.16 33.28 -3.61
C PHE B 268 4.50 34.22 -4.79
N SER B 269 5.78 34.46 -4.99
CA SER B 269 6.29 35.06 -6.21
C SER B 269 7.78 34.73 -6.36
N PHE B 270 8.31 34.82 -7.57
CA PHE B 270 9.73 34.51 -7.85
C PHE B 270 10.37 35.76 -8.41
N LYS B 271 11.47 36.15 -7.76
CA LYS B 271 12.24 37.34 -8.12
C LYS B 271 13.32 36.97 -9.11
N TYR B 272 13.34 37.72 -10.22
CA TYR B 272 14.38 37.62 -11.22
C TYR B 272 14.89 39.06 -11.47
N GLY B 273 15.97 39.44 -10.76
CA GLY B 273 16.46 40.83 -10.76
C GLY B 273 15.39 41.85 -10.35
N ASN B 274 15.09 42.78 -11.24
CA ASN B 274 14.01 43.76 -11.10
C ASN B 274 12.64 43.19 -11.52
N GLY B 275 12.63 42.00 -12.14
CA GLY B 275 11.35 41.38 -12.54
C GLY B 275 10.79 40.37 -11.52
N VAL B 276 9.56 39.94 -11.75
CA VAL B 276 8.84 39.10 -10.81
C VAL B 276 7.79 38.26 -11.57
N TRP B 277 7.76 36.97 -11.30
CA TRP B 277 6.65 36.06 -11.70
C TRP B 277 5.69 36.04 -10.54
N ILE B 278 4.47 36.51 -10.79
CA ILE B 278 3.45 36.63 -9.74
C ILE B 278 2.43 35.53 -9.97
N GLY B 279 2.13 34.73 -8.95
CA GLY B 279 0.91 33.89 -8.92
C GLY B 279 -0.18 34.57 -8.10
N ARG B 280 -1.39 34.62 -8.62
CA ARG B 280 -2.45 35.22 -7.83
C ARG B 280 -3.80 34.72 -8.27
N THR B 281 -4.78 34.98 -7.44
CA THR B 281 -6.17 34.63 -7.78
C THR B 281 -6.58 35.53 -8.96
N LYS B 282 -7.65 35.16 -9.68
CA LYS B 282 -8.21 36.00 -10.77
C LYS B 282 -9.28 36.98 -10.27
N SER B 283 -9.99 36.60 -9.21
CA SER B 283 -10.90 37.49 -8.54
C SER B 283 -10.16 38.41 -7.56
N ILE B 284 -10.57 39.68 -7.47
CA ILE B 284 -10.04 40.65 -6.49
C ILE B 284 -10.64 40.53 -5.07
N SER B 285 -11.76 39.82 -4.95
CA SER B 285 -12.51 39.77 -3.71
C SER B 285 -12.72 38.41 -3.11
N SER B 286 -12.61 37.33 -3.88
CA SER B 286 -12.70 35.97 -3.31
C SER B 286 -11.67 34.99 -3.87
N ARG B 287 -11.56 33.83 -3.23
CA ARG B 287 -10.53 32.89 -3.66
C ARG B 287 -11.00 32.13 -4.91
N ASN B 288 -11.01 32.81 -6.05
CA ASN B 288 -11.43 32.20 -7.32
C ASN B 288 -10.43 32.46 -8.43
N GLY B 289 -10.15 31.42 -9.19
CA GLY B 289 -9.28 31.55 -10.34
C GLY B 289 -7.83 31.53 -9.87
N PHE B 290 -6.97 31.35 -10.83
CA PHE B 290 -5.57 31.55 -10.62
C PHE B 290 -4.86 31.86 -11.94
N GLU B 291 -3.82 32.69 -11.89
CA GLU B 291 -3.04 33.06 -13.08
C GLU B 291 -1.61 33.33 -12.69
N MET B 292 -0.68 33.12 -13.61
CA MET B 292 0.70 33.53 -13.45
C MET B 292 0.98 34.71 -14.37
N ILE B 293 1.71 35.71 -13.85
CA ILE B 293 1.95 36.99 -14.57
C ILE B 293 3.42 37.31 -14.47
N TRP B 294 4.08 37.48 -15.63
CA TRP B 294 5.46 37.98 -15.65
C TRP B 294 5.48 39.49 -15.80
N ASP B 295 6.05 40.15 -14.80
CA ASP B 295 6.21 41.59 -14.83
C ASP B 295 7.72 41.85 -14.76
N PRO B 296 8.33 42.22 -15.91
CA PRO B 296 9.78 42.37 -15.98
C PRO B 296 10.39 43.48 -15.10
N ASN B 297 9.57 44.39 -14.53
CA ASN B 297 10.06 45.36 -13.55
C ASN B 297 9.20 45.42 -12.27
N GLY B 298 8.49 44.33 -11.99
CA GLY B 298 7.50 44.32 -10.92
C GLY B 298 8.04 44.11 -9.52
N TRP B 299 9.26 43.62 -9.37
CA TRP B 299 9.83 43.58 -8.02
C TRP B 299 9.98 44.99 -7.46
N THR B 300 10.60 45.87 -8.25
CA THR B 300 11.00 47.23 -7.82
C THR B 300 10.24 48.41 -8.47
N GLY B 301 9.49 48.15 -9.54
CA GLY B 301 8.65 49.15 -10.20
C GLY B 301 7.18 49.10 -9.82
N THR B 302 6.55 50.27 -9.78
CA THR B 302 5.18 50.45 -9.28
C THR B 302 4.07 50.56 -10.35
N ASP B 303 4.43 50.52 -11.63
CA ASP B 303 3.42 50.50 -12.67
C ASP B 303 2.64 49.17 -12.71
N ASN B 304 1.50 49.19 -13.39
CA ASN B 304 0.65 48.03 -13.52
C ASN B 304 0.75 47.43 -14.93
N ASN B 305 1.91 47.55 -15.56
CA ASN B 305 2.11 47.00 -16.89
C ASN B 305 2.88 45.68 -16.76
N PHE B 306 2.45 44.65 -17.47
CA PHE B 306 3.09 43.31 -17.44
C PHE B 306 3.24 42.79 -18.85
N SER B 307 4.11 41.80 -18.99
CA SER B 307 4.45 41.23 -20.28
C SER B 307 3.67 39.96 -20.60
N ILE B 308 3.65 38.98 -19.68
CA ILE B 308 2.99 37.65 -19.91
C ILE B 308 1.96 37.31 -18.82
N LYS B 309 0.83 36.76 -19.24
CA LYS B 309 -0.18 36.19 -18.33
C LYS B 309 -0.50 34.78 -18.84
N GLN B 310 -0.53 33.81 -17.93
CA GLN B 310 -0.86 32.45 -18.25
C GLN B 310 -1.96 32.03 -17.30
N ASP B 311 -3.09 31.66 -17.87
CA ASP B 311 -4.23 31.11 -17.11
C ASP B 311 -3.95 29.71 -16.50
N ILE B 312 -4.36 29.54 -15.25
CA ILE B 312 -4.21 28.28 -14.50
C ILE B 312 -5.57 27.70 -13.99
N VAL B 313 -6.42 28.54 -13.41
CA VAL B 313 -7.76 28.14 -13.00
C VAL B 313 -8.65 29.28 -13.46
N GLY B 314 -9.80 28.94 -14.03
CA GLY B 314 -10.77 29.91 -14.55
C GLY B 314 -11.45 30.74 -13.47
N ILE B 315 -11.79 31.98 -13.77
CA ILE B 315 -12.26 32.93 -12.77
C ILE B 315 -13.49 32.46 -11.98
N ASN B 316 -14.36 31.66 -12.58
CA ASN B 316 -15.54 31.16 -11.84
C ASN B 316 -15.26 29.90 -10.99
N GLU B 317 -13.99 29.46 -10.95
CA GLU B 317 -13.63 28.23 -10.24
C GLU B 317 -12.93 28.55 -8.92
N TRP B 318 -13.18 27.73 -7.92
CA TRP B 318 -12.57 27.93 -6.59
C TRP B 318 -11.06 27.71 -6.65
N SER B 319 -10.31 28.65 -6.04
CA SER B 319 -8.85 28.52 -5.86
C SER B 319 -8.57 28.47 -4.36
N GLY B 320 -7.50 29.13 -3.89
CA GLY B 320 -7.14 29.05 -2.49
C GLY B 320 -5.67 29.34 -2.31
N TYR B 321 -5.06 28.65 -1.34
CA TYR B 321 -3.61 28.81 -1.12
C TYR B 321 -2.81 28.50 -2.36
N SER B 322 -1.63 29.11 -2.44
CA SER B 322 -0.63 28.72 -3.43
C SER B 322 0.71 28.87 -2.78
N GLY B 323 1.69 28.11 -3.25
CA GLY B 323 3.07 28.22 -2.70
C GLY B 323 4.13 27.82 -3.68
N SER B 324 5.32 28.38 -3.51
CA SER B 324 6.50 27.91 -4.26
C SER B 324 7.00 26.52 -3.80
N PHE B 325 7.56 25.75 -4.73
CA PHE B 325 8.55 24.71 -4.39
C PHE B 325 9.61 24.68 -5.46
N VAL B 326 10.81 24.22 -5.09
CA VAL B 326 11.91 24.13 -6.04
C VAL B 326 12.36 22.69 -6.28
N GLN B 327 12.96 22.50 -7.45
CA GLN B 327 13.66 21.28 -7.78
C GLN B 327 15.12 21.70 -7.96
N HIS B 328 15.97 21.18 -7.07
CA HIS B 328 17.39 21.45 -7.08
C HIS B 328 18.11 20.69 -8.20
N PRO B 329 19.28 21.20 -8.66
CA PRO B 329 20.15 20.48 -9.61
C PRO B 329 20.42 19.02 -9.24
N GLU B 330 20.54 18.75 -7.94
CA GLU B 330 20.75 17.39 -7.43
C GLU B 330 19.61 16.41 -7.84
N LEU B 331 18.40 16.93 -7.97
CA LEU B 331 17.23 16.16 -8.45
C LEU B 331 17.14 16.13 -9.96
N THR B 332 17.36 17.27 -10.61
CA THR B 332 17.02 17.46 -12.02
C THR B 332 18.18 17.24 -12.99
N GLY B 333 19.41 17.37 -12.50
CA GLY B 333 20.58 17.41 -13.36
C GLY B 333 20.78 18.71 -14.12
N LEU B 334 19.96 19.73 -13.86
CA LEU B 334 20.14 21.03 -14.50
C LEU B 334 21.25 21.80 -13.78
N ASP B 335 21.63 22.97 -14.28
CA ASP B 335 22.65 23.81 -13.64
C ASP B 335 22.05 25.01 -12.91
N CYS B 336 20.75 24.95 -12.62
CA CYS B 336 20.04 26.03 -11.95
C CYS B 336 18.95 25.43 -11.09
N ILE B 337 18.43 26.22 -10.15
CA ILE B 337 17.31 25.81 -9.29
C ILE B 337 16.00 26.07 -10.07
N ARG B 338 15.24 25.02 -10.34
CA ARG B 338 13.97 25.14 -11.09
C ARG B 338 12.80 25.56 -10.18
N PRO B 339 12.08 26.64 -10.50
CA PRO B 339 10.91 27.03 -9.72
C PRO B 339 9.70 26.27 -10.17
N CYS B 340 8.89 25.86 -9.21
CA CYS B 340 7.61 25.22 -9.43
C CYS B 340 6.65 25.91 -8.46
N PHE B 341 5.36 25.63 -8.62
CA PHE B 341 4.33 26.09 -7.67
C PHE B 341 3.14 25.11 -7.62
N TRP B 342 2.34 25.26 -6.58
CA TRP B 342 1.18 24.45 -6.37
C TRP B 342 0.04 25.44 -6.08
N VAL B 343 -1.18 24.98 -6.28
CA VAL B 343 -2.35 25.73 -5.91
C VAL B 343 -3.28 24.79 -5.19
N GLU B 344 -3.74 25.24 -4.04
CA GLU B 344 -4.76 24.55 -3.27
C GLU B 344 -6.14 24.99 -3.81
N LEU B 345 -6.94 24.02 -4.20
CA LEU B 345 -8.28 24.25 -4.70
C LEU B 345 -9.26 23.91 -3.58
N ILE B 346 -9.77 24.95 -2.93
CA ILE B 346 -10.52 24.72 -1.70
C ILE B 346 -11.96 24.55 -2.03
N ARG B 347 -12.58 23.54 -1.43
CA ARG B 347 -14.03 23.31 -1.56
C ARG B 347 -14.75 23.30 -0.24
N GLY B 348 -16.04 23.64 -0.27
CA GLY B 348 -16.88 23.59 0.90
C GLY B 348 -17.06 24.94 1.57
N ARG B 349 -17.08 24.94 2.90
CA ARG B 349 -17.28 26.21 3.66
C ARG B 349 -16.08 27.12 3.53
N PRO B 350 -16.26 28.44 3.51
CA PRO B 350 -17.51 29.11 3.84
C PRO B 350 -18.38 29.36 2.59
N LYS B 351 -17.82 29.18 1.41
CA LYS B 351 -18.48 29.58 0.17
C LYS B 351 -19.52 28.63 -0.36
N GLU B 352 -19.51 27.39 0.07
CA GLU B 352 -20.46 26.37 -0.41
C GLU B 352 -21.22 25.80 0.76
N ASN B 353 -22.36 25.19 0.46
CA ASN B 353 -23.29 24.78 1.51
C ASN B 353 -23.03 23.34 1.95
N THR B 354 -22.01 23.18 2.78
CA THR B 354 -21.55 21.86 3.22
C THR B 354 -21.26 21.91 4.71
N ILE B 355 -21.07 20.74 5.34
CA ILE B 355 -20.66 20.71 6.73
C ILE B 355 -19.14 20.78 6.85
N TRP B 356 -18.43 20.76 5.72
CA TRP B 356 -17.00 20.49 5.67
C TRP B 356 -16.24 21.47 4.75
N THR B 357 -14.93 21.56 4.95
CA THR B 357 -14.05 22.25 4.08
C THR B 357 -12.87 21.32 3.80
N SER B 358 -12.51 21.19 2.53
CA SER B 358 -11.37 20.36 2.13
C SER B 358 -10.84 20.92 0.84
N GLY B 359 -9.73 20.38 0.39
CA GLY B 359 -8.93 20.97 -0.69
C GLY B 359 -8.33 19.89 -1.57
N SER B 360 -8.23 20.13 -2.90
CA SER B 360 -7.42 19.27 -3.73
C SER B 360 -6.25 20.15 -4.18
N SER B 361 -5.33 19.60 -4.95
CA SER B 361 -4.18 20.41 -5.45
C SER B 361 -3.94 20.26 -6.89
N ILE B 362 -3.27 21.27 -7.44
CA ILE B 362 -2.62 21.22 -8.79
C ILE B 362 -1.22 21.85 -8.69
N SER B 363 -0.26 21.38 -9.50
CA SER B 363 1.06 21.93 -9.52
C SER B 363 1.69 21.96 -10.92
N PHE B 364 2.61 22.90 -11.07
CA PHE B 364 3.11 23.35 -12.32
C PHE B 364 4.62 23.59 -12.14
N CYS B 365 5.42 23.29 -13.16
CA CYS B 365 6.86 23.62 -13.14
C CYS B 365 7.22 24.57 -14.25
N GLY B 366 8.19 25.45 -13.94
CA GLY B 366 8.68 26.41 -14.87
C GLY B 366 9.51 25.78 -15.95
N VAL B 367 9.25 26.20 -17.20
CA VAL B 367 10.03 25.76 -18.34
C VAL B 367 10.27 26.93 -19.29
N ASN B 368 11.18 26.72 -20.24
CA ASN B 368 11.39 27.62 -21.37
C ASN B 368 10.90 27.04 -22.69
N SER B 369 10.14 25.95 -22.62
CA SER B 369 9.55 25.39 -23.80
C SER B 369 8.10 25.88 -23.83
N ASP B 370 7.38 25.45 -24.84
CA ASP B 370 6.03 25.94 -25.10
C ASP B 370 5.03 25.45 -24.08
N THR B 371 4.12 26.34 -23.71
CA THR B 371 3.13 26.06 -22.69
C THR B 371 1.81 26.64 -23.16
N VAL B 372 0.76 26.42 -22.36
CA VAL B 372 -0.56 26.96 -22.63
C VAL B 372 -1.35 27.31 -21.37
N GLY B 373 -2.16 28.36 -21.49
CA GLY B 373 -3.17 28.68 -20.50
C GLY B 373 -4.35 27.75 -20.56
N TRP B 374 -4.93 27.42 -19.41
CA TRP B 374 -6.20 26.63 -19.41
C TRP B 374 -6.89 26.76 -18.06
N SER B 375 -7.88 25.90 -17.80
CA SER B 375 -8.40 25.79 -16.45
C SER B 375 -8.37 24.32 -15.99
N TRP B 376 -7.59 24.05 -14.94
CA TRP B 376 -7.56 22.74 -14.24
C TRP B 376 -8.19 22.88 -12.84
N PRO B 377 -9.56 22.98 -12.73
CA PRO B 377 -10.18 23.23 -11.44
C PRO B 377 -10.35 21.95 -10.60
N ASP B 378 -10.91 22.05 -9.41
CA ASP B 378 -11.09 20.90 -8.50
C ASP B 378 -11.99 19.80 -9.12
N GLY B 379 -13.17 20.25 -9.55
CA GLY B 379 -14.07 19.42 -10.30
C GLY B 379 -15.12 18.66 -9.56
N ALA B 380 -15.12 18.70 -8.23
CA ALA B 380 -16.10 17.99 -7.46
C ALA B 380 -17.49 18.64 -7.59
N GLU B 381 -18.54 17.84 -7.44
CA GLU B 381 -19.93 18.29 -7.44
C GLU B 381 -20.41 18.32 -6.01
N LEU B 382 -20.57 19.51 -5.49
CA LEU B 382 -21.10 19.71 -4.13
C LEU B 382 -22.58 20.08 -4.19
N PRO B 383 -23.37 19.77 -3.15
CA PRO B 383 -22.90 19.08 -1.94
C PRO B 383 -22.70 17.57 -2.11
N PHE B 384 -22.18 16.97 -1.05
CA PHE B 384 -21.93 15.52 -0.97
C PHE B 384 -23.04 14.88 -0.16
N THR B 385 -23.12 13.56 -0.21
CA THR B 385 -24.09 12.76 0.58
C THR B 385 -24.20 13.17 2.07
N ILE B 386 -23.05 13.40 2.69
CA ILE B 386 -23.00 13.73 4.12
C ILE B 386 -23.65 15.09 4.47
N ASP B 387 -23.75 15.97 3.48
CA ASP B 387 -24.33 17.28 3.65
C ASP B 387 -25.87 17.30 3.61
N LYS B 388 -26.51 16.18 3.26
CA LYS B 388 -27.90 16.12 2.75
C LYS B 388 -28.83 15.25 3.61
N SER C 1 24.51 -3.77 10.27
CA SER C 1 23.49 -4.13 11.31
C SER C 1 24.14 -4.64 12.58
N VAL C 2 23.91 -3.94 13.69
CA VAL C 2 24.60 -4.20 14.96
C VAL C 2 23.61 -4.22 16.12
N LYS C 3 23.93 -4.99 17.15
CA LYS C 3 23.13 -5.07 18.38
C LYS C 3 23.01 -3.69 19.04
N LEU C 4 21.83 -3.38 19.60
CA LEU C 4 21.69 -2.19 20.43
C LEU C 4 22.53 -2.41 21.71
N ALA C 5 23.32 -1.42 22.09
CA ALA C 5 24.21 -1.54 23.25
C ALA C 5 23.40 -1.57 24.54
N GLY C 6 22.57 -0.55 24.74
CA GLY C 6 21.70 -0.46 25.91
C GLY C 6 22.45 -0.14 27.21
N ASN C 7 23.63 0.45 27.07
CA ASN C 7 24.50 0.70 28.22
C ASN C 7 24.58 2.15 28.65
N SER C 8 23.98 3.08 27.90
CA SER C 8 23.93 4.48 28.31
C SER C 8 22.75 4.68 29.30
N SER C 9 22.71 5.81 29.99
CA SER C 9 21.63 6.07 30.94
C SER C 9 20.46 6.74 30.24
N LEU C 10 19.29 6.74 30.90
CA LEU C 10 18.12 7.47 30.40
C LEU C 10 18.45 8.95 30.24
N CYS C 11 17.98 9.56 29.16
CA CYS C 11 18.14 11.00 28.98
C CYS C 11 17.29 11.75 30.02
N PRO C 12 17.86 12.79 30.62
CA PRO C 12 17.13 13.67 31.51
C PRO C 12 16.10 14.46 30.73
N VAL C 13 14.87 14.56 31.21
CA VAL C 13 13.83 15.27 30.43
C VAL C 13 13.06 16.21 31.31
N SER C 14 12.76 17.39 30.80
CA SER C 14 12.00 18.37 31.52
C SER C 14 10.49 18.43 31.09
N GLY C 15 10.15 17.81 29.96
CA GLY C 15 8.80 17.81 29.46
C GLY C 15 8.66 16.85 28.29
N TRP C 16 7.46 16.78 27.75
CA TRP C 16 7.11 15.81 26.70
C TRP C 16 6.57 16.51 25.43
N ALA C 17 7.24 16.28 24.28
CA ALA C 17 6.76 16.78 22.97
C ALA C 17 5.91 15.73 22.30
N ILE C 18 4.79 16.15 21.71
CA ILE C 18 3.89 15.20 21.04
C ILE C 18 4.55 14.62 19.79
N TYR C 19 4.47 13.32 19.70
CA TYR C 19 5.19 12.58 18.67
C TYR C 19 4.22 12.08 17.58
N SER C 20 3.11 11.46 18.01
CA SER C 20 2.15 10.93 17.03
C SER C 20 0.72 10.96 17.54
N LYS C 21 -0.24 10.94 16.60
CA LYS C 21 -1.66 10.74 16.90
C LYS C 21 -2.19 10.07 15.65
N ASP C 22 -3.04 9.05 15.76
CA ASP C 22 -3.46 8.32 14.53
C ASP C 22 -4.93 8.50 14.13
N ASN C 23 -5.71 9.04 15.05
CA ASN C 23 -7.15 9.28 14.91
C ASN C 23 -7.89 8.03 14.42
N SER C 24 -7.46 6.83 14.84
CA SER C 24 -7.97 5.56 14.27
C SER C 24 -9.51 5.46 14.29
N VAL C 25 -10.14 5.84 15.39
CA VAL C 25 -11.56 5.60 15.57
C VAL C 25 -12.37 6.56 14.69
N ARG C 26 -11.94 7.83 14.68
CA ARG C 26 -12.47 8.89 13.81
C ARG C 26 -12.48 8.51 12.31
N ILE C 27 -11.32 8.01 11.88
CA ILE C 27 -11.11 7.50 10.55
C ILE C 27 -11.84 6.18 10.27
N GLY C 28 -11.85 5.22 11.20
CA GLY C 28 -12.66 3.99 11.03
C GLY C 28 -14.21 4.13 11.01
N SER C 29 -14.74 5.32 11.31
CA SER C 29 -16.15 5.69 11.00
C SER C 29 -16.56 5.42 9.54
N LYS C 30 -15.66 5.72 8.61
CA LYS C 30 -15.80 5.36 7.18
C LYS C 30 -14.79 4.38 6.64
N GLY C 31 -13.51 4.55 6.94
CA GLY C 31 -12.49 3.70 6.31
C GLY C 31 -12.40 2.34 6.98
N ASP C 32 -11.54 1.50 6.44
CA ASP C 32 -11.35 0.16 6.93
C ASP C 32 -10.22 0.18 7.97
N VAL C 33 -10.60 0.28 9.23
CA VAL C 33 -9.64 0.30 10.33
C VAL C 33 -10.00 -0.83 11.26
N PHE C 34 -8.97 -1.49 11.80
CA PHE C 34 -9.19 -2.61 12.68
C PHE C 34 -9.78 -2.15 13.99
N VAL C 35 -10.70 -2.96 14.52
CA VAL C 35 -10.99 -2.90 15.95
C VAL C 35 -9.74 -3.45 16.66
N ILE C 36 -9.20 -2.65 17.57
CA ILE C 36 -7.96 -3.00 18.29
C ILE C 36 -8.05 -2.60 19.75
N ARG C 37 -7.32 -3.29 20.59
CA ARG C 37 -6.90 -2.73 21.85
C ARG C 37 -5.48 -3.16 22.15
N GLU C 38 -4.95 -2.66 23.25
CA GLU C 38 -3.64 -2.97 23.74
C GLU C 38 -2.62 -2.55 22.67
N PRO C 39 -2.67 -1.25 22.26
CA PRO C 39 -1.63 -0.79 21.34
C PRO C 39 -0.33 -0.54 22.09
N PHE C 40 0.78 -0.55 21.36
CA PHE C 40 2.05 -0.10 21.91
C PHE C 40 3.03 0.24 20.81
N ILE C 41 4.04 1.03 21.17
CA ILE C 41 5.07 1.48 20.22
C ILE C 41 6.39 0.82 20.53
N SER C 42 7.11 0.50 19.48
CA SER C 42 8.47 -0.01 19.63
C SER C 42 9.28 0.34 18.39
N CYS C 43 10.57 0.63 18.58
CA CYS C 43 11.42 1.15 17.52
C CYS C 43 12.56 0.18 17.21
N SER C 44 12.95 0.11 15.93
CA SER C 44 14.22 -0.50 15.53
C SER C 44 15.27 0.63 15.41
N PRO C 45 16.53 0.31 15.01
CA PRO C 45 17.46 1.44 14.75
C PRO C 45 17.08 2.31 13.54
N LEU C 46 16.04 1.92 12.79
CA LEU C 46 15.60 2.62 11.57
C LEU C 46 14.17 3.23 11.58
N GLU C 47 13.26 2.70 12.37
CA GLU C 47 11.89 3.23 12.35
C GLU C 47 11.17 2.86 13.65
N CYS C 48 10.03 3.54 13.89
CA CYS C 48 9.14 3.22 14.99
C CYS C 48 7.83 2.75 14.41
N ARG C 49 7.21 1.78 15.11
CA ARG C 49 6.04 1.09 14.68
C ARG C 49 5.06 0.91 15.83
N THR C 50 3.78 0.87 15.49
CA THR C 50 2.71 0.67 16.42
C THR C 50 2.28 -0.78 16.28
N PHE C 51 2.22 -1.45 17.42
CA PHE C 51 1.89 -2.87 17.55
C PHE C 51 0.52 -2.85 18.22
N PHE C 52 -0.35 -3.80 17.89
CA PHE C 52 -1.69 -3.77 18.45
C PHE C 52 -2.39 -5.11 18.32
N LEU C 53 -3.32 -5.38 19.22
CA LEU C 53 -4.11 -6.60 19.18
C LEU C 53 -5.42 -6.30 18.51
N THR C 54 -5.56 -6.86 17.31
CA THR C 54 -6.77 -6.70 16.58
C THR C 54 -7.80 -7.64 17.16
N GLN C 55 -9.03 -7.39 16.77
CA GLN C 55 -10.13 -8.27 17.05
C GLN C 55 -10.61 -8.98 15.81
N GLY C 56 -9.81 -8.96 14.76
CA GLY C 56 -10.15 -9.70 13.52
C GLY C 56 -11.44 -9.18 12.93
N ALA C 57 -11.63 -7.88 13.11
CA ALA C 57 -12.86 -7.20 12.71
C ALA C 57 -12.53 -5.73 12.46
N LEU C 58 -13.33 -5.11 11.61
CA LEU C 58 -13.22 -3.69 11.37
C LEU C 58 -14.31 -2.89 12.06
N LEU C 59 -13.97 -1.66 12.38
CA LEU C 59 -14.88 -0.68 12.92
C LEU C 59 -16.09 -0.44 12.01
N ASN C 60 -17.21 -0.27 12.68
CA ASN C 60 -18.48 -0.01 11.99
C ASN C 60 -18.96 -1.18 11.12
N ASP C 61 -18.43 -2.37 11.37
CA ASP C 61 -18.97 -3.59 10.81
C ASP C 61 -19.50 -4.44 11.95
N LYS C 62 -20.45 -5.31 11.63
CA LYS C 62 -21.12 -6.21 12.60
C LYS C 62 -20.18 -7.13 13.39
N HIS C 63 -19.06 -7.54 12.80
CA HIS C 63 -18.12 -8.39 13.54
C HIS C 63 -17.40 -7.66 14.67
N SER C 64 -17.55 -6.32 14.75
CA SER C 64 -17.10 -5.56 15.92
C SER C 64 -17.95 -5.81 17.16
N ASN C 65 -19.09 -6.48 16.98
CA ASN C 65 -20.00 -6.76 18.10
C ASN C 65 -19.32 -7.62 19.14
N GLY C 66 -19.46 -7.26 20.41
CA GLY C 66 -18.89 -8.07 21.50
C GLY C 66 -17.41 -7.94 21.75
N THR C 67 -16.78 -6.92 21.17
CA THR C 67 -15.32 -6.78 21.28
C THR C 67 -14.81 -6.23 22.61
N ILE C 68 -15.73 -6.07 23.57
CA ILE C 68 -15.40 -5.95 24.98
C ILE C 68 -14.63 -7.18 25.46
N LYS C 69 -14.92 -8.32 24.84
CA LYS C 69 -14.25 -9.58 25.15
C LYS C 69 -12.74 -9.55 24.90
N ASP C 70 -11.98 -9.94 25.92
CA ASP C 70 -10.51 -9.88 25.87
C ASP C 70 -9.84 -10.97 25.05
N ARG C 71 -10.35 -12.19 25.10
CA ARG C 71 -9.63 -13.33 24.53
C ARG C 71 -10.53 -14.16 23.60
N SER C 72 -10.01 -14.40 22.43
CA SER C 72 -10.70 -15.11 21.39
C SER C 72 -9.64 -15.64 20.44
N PRO C 73 -10.00 -16.61 19.58
CA PRO C 73 -9.07 -17.09 18.57
C PRO C 73 -8.87 -16.14 17.36
N TYR C 74 -9.68 -15.08 17.29
CA TYR C 74 -9.66 -14.15 16.16
C TYR C 74 -8.64 -13.05 16.36
N ARG C 75 -8.16 -12.86 17.59
CA ARG C 75 -7.23 -11.80 17.88
C ARG C 75 -5.87 -12.09 17.33
N THR C 76 -5.28 -11.08 16.68
CA THR C 76 -3.96 -11.20 16.06
C THR C 76 -3.15 -9.96 16.42
N LEU C 77 -1.89 -10.19 16.75
CA LEU C 77 -0.89 -9.11 16.89
C LEU C 77 -0.44 -8.68 15.49
N MET C 78 -0.52 -7.37 15.21
CA MET C 78 -0.14 -6.78 13.93
C MET C 78 0.56 -5.44 14.17
N SER C 79 1.29 -4.96 13.18
CA SER C 79 1.99 -3.67 13.31
C SER C 79 1.91 -2.79 12.10
N CYS C 80 1.91 -1.46 12.32
CA CYS C 80 1.98 -0.48 11.22
C CYS C 80 2.89 0.70 11.62
N PRO C 81 3.24 1.60 10.67
CA PRO C 81 4.11 2.71 10.97
C PRO C 81 3.44 3.64 11.95
N ILE C 82 4.24 4.33 12.74
CA ILE C 82 3.69 5.12 13.80
C ILE C 82 2.81 6.24 13.25
N GLY C 83 1.65 6.46 13.87
CA GLY C 83 0.77 7.53 13.48
C GLY C 83 -0.21 7.19 12.37
N GLU C 84 -0.07 6.03 11.74
CA GLU C 84 -0.99 5.61 10.69
C GLU C 84 -2.11 4.82 11.33
N VAL C 85 -3.30 4.88 10.75
CA VAL C 85 -4.40 4.05 11.29
C VAL C 85 -4.06 2.58 11.07
N PRO C 86 -4.41 1.69 12.02
CA PRO C 86 -4.21 0.26 11.79
C PRO C 86 -5.28 -0.33 10.82
N SER C 87 -4.91 -0.48 9.56
CA SER C 87 -5.81 -0.97 8.56
C SER C 87 -5.33 -2.31 8.01
N PRO C 88 -6.26 -3.15 7.48
CA PRO C 88 -5.77 -4.33 6.76
C PRO C 88 -4.89 -4.00 5.58
N TYR C 89 -4.92 -2.78 5.06
CA TYR C 89 -4.12 -2.40 3.87
C TYR C 89 -2.73 -1.80 4.16
N ASN C 90 -2.43 -1.43 5.40
CA ASN C 90 -1.11 -0.90 5.76
C ASN C 90 -0.38 -1.68 6.89
N SER C 91 -1.01 -2.76 7.39
CA SER C 91 -0.56 -3.48 8.58
C SER C 91 0.08 -4.86 8.27
N ARG C 92 1.16 -5.15 8.99
CA ARG C 92 1.93 -6.37 8.81
C ARG C 92 1.49 -7.27 9.88
N PHE C 93 1.30 -8.51 9.52
CA PHE C 93 0.87 -9.55 10.42
C PHE C 93 2.10 -9.97 11.23
N GLU C 94 1.92 -10.13 12.55
CA GLU C 94 3.01 -10.62 13.41
C GLU C 94 2.69 -12.01 13.97
N SER C 95 1.54 -12.20 14.61
CA SER C 95 1.29 -13.42 15.40
C SER C 95 -0.15 -13.50 15.78
N VAL C 96 -0.63 -14.73 16.02
CA VAL C 96 -1.95 -14.94 16.56
C VAL C 96 -1.83 -14.72 18.08
N ALA C 97 -2.61 -13.77 18.63
CA ALA C 97 -2.35 -13.26 19.96
C ALA C 97 -3.49 -12.52 20.57
N TRP C 98 -3.81 -12.91 21.82
CA TRP C 98 -4.63 -12.11 22.74
C TRP C 98 -3.85 -11.44 23.91
N SER C 99 -2.53 -11.63 23.94
CA SER C 99 -1.61 -10.91 24.80
C SER C 99 -0.22 -10.95 24.12
N ALA C 100 0.57 -9.92 24.29
CA ALA C 100 1.72 -9.72 23.40
C ALA C 100 2.80 -8.82 23.91
N SER C 101 3.96 -8.96 23.27
CA SER C 101 5.11 -8.04 23.41
C SER C 101 5.92 -8.10 22.09
N ALA C 102 6.72 -7.06 21.84
CA ALA C 102 7.69 -7.00 20.72
C ALA C 102 8.78 -6.02 21.06
N CYS C 103 9.91 -6.17 20.36
CA CYS C 103 11.11 -5.36 20.55
C CYS C 103 12.19 -5.80 19.56
N HIS C 104 13.03 -4.83 19.21
CA HIS C 104 14.03 -5.02 18.19
C HIS C 104 15.37 -4.99 18.89
N ASP C 105 16.22 -6.00 18.65
CA ASP C 105 17.50 -6.16 19.36
C ASP C 105 18.66 -5.38 18.72
N GLY C 106 18.37 -4.64 17.65
CA GLY C 106 19.33 -4.02 16.75
C GLY C 106 19.48 -4.75 15.41
N ILE C 107 19.15 -6.04 15.38
CA ILE C 107 19.32 -6.88 14.19
C ILE C 107 17.97 -7.32 13.62
N ASN C 108 17.09 -7.90 14.44
CA ASN C 108 15.76 -8.32 13.99
C ASN C 108 14.69 -8.08 15.04
N TRP C 109 13.45 -8.19 14.60
CA TRP C 109 12.29 -8.02 15.47
C TRP C 109 12.07 -9.31 16.22
N LEU C 110 11.90 -9.19 17.54
CA LEU C 110 11.33 -10.26 18.36
C LEU C 110 9.88 -9.93 18.61
N THR C 111 9.02 -10.93 18.48
CA THR C 111 7.61 -10.76 18.82
C THR C 111 7.18 -11.92 19.66
N ILE C 112 6.29 -11.66 20.62
CA ILE C 112 5.74 -12.67 21.53
C ILE C 112 4.24 -12.56 21.51
N GLY C 113 3.59 -13.67 21.17
CA GLY C 113 2.13 -13.72 20.96
C GLY C 113 1.52 -14.91 21.69
N ILE C 114 0.61 -14.63 22.61
CA ILE C 114 -0.05 -15.68 23.43
C ILE C 114 -1.45 -15.94 22.90
N SER C 115 -1.73 -17.19 22.60
CA SER C 115 -3.07 -17.60 22.22
C SER C 115 -3.36 -18.93 22.88
N GLY C 116 -4.48 -19.54 22.50
CA GLY C 116 -4.95 -20.77 23.14
C GLY C 116 -5.95 -20.56 24.26
N PRO C 117 -6.32 -21.66 24.94
CA PRO C 117 -7.34 -21.64 25.99
C PRO C 117 -6.82 -21.02 27.29
N ASP C 118 -7.73 -20.51 28.11
CA ASP C 118 -7.32 -19.87 29.38
C ASP C 118 -6.52 -20.80 30.30
N ASN C 119 -6.82 -22.09 30.27
CA ASN C 119 -6.20 -23.07 31.15
C ASN C 119 -4.92 -23.72 30.60
N GLY C 120 -4.44 -23.31 29.42
CA GLY C 120 -3.16 -23.83 28.86
C GLY C 120 -2.60 -23.02 27.70
N ALA C 121 -2.56 -21.69 27.87
CA ALA C 121 -2.15 -20.79 26.80
C ALA C 121 -0.66 -20.96 26.49
N VAL C 122 -0.30 -20.60 25.26
CA VAL C 122 1.05 -20.72 24.77
C VAL C 122 1.51 -19.45 24.13
N ALA C 123 2.69 -19.00 24.55
CA ALA C 123 3.38 -17.92 23.95
C ALA C 123 4.21 -18.44 22.79
N VAL C 124 4.00 -17.88 21.60
CA VAL C 124 4.82 -18.23 20.44
C VAL C 124 5.80 -17.07 20.24
N LEU C 125 7.11 -17.37 20.23
CA LEU C 125 8.12 -16.35 19.98
C LEU C 125 8.59 -16.46 18.54
N LYS C 126 8.69 -15.31 17.89
CA LYS C 126 9.24 -15.21 16.55
C LYS C 126 10.37 -14.20 16.50
N TYR C 127 11.41 -14.53 15.73
CA TYR C 127 12.55 -13.65 15.47
C TYR C 127 12.64 -13.55 13.97
N ASN C 128 12.56 -12.32 13.45
CA ASN C 128 12.37 -12.04 12.03
C ASN C 128 11.21 -12.83 11.42
N GLY C 129 10.13 -12.96 12.17
CA GLY C 129 8.93 -13.62 11.68
C GLY C 129 8.94 -15.13 11.65
N ILE C 130 10.02 -15.75 12.13
CA ILE C 130 10.18 -17.21 12.09
C ILE C 130 10.00 -17.69 13.53
N ILE C 131 9.21 -18.74 13.76
CA ILE C 131 9.03 -19.25 15.13
C ILE C 131 10.33 -19.83 15.66
N THR C 132 10.76 -19.29 16.81
CA THR C 132 12.03 -19.64 17.41
C THR C 132 11.88 -20.25 18.79
N ASP C 133 10.72 -20.09 19.45
CA ASP C 133 10.48 -20.77 20.72
C ASP C 133 9.02 -20.71 21.09
N THR C 134 8.62 -21.55 22.04
CA THR C 134 7.32 -21.39 22.68
C THR C 134 7.42 -21.54 24.15
N ILE C 135 6.47 -20.97 24.87
CA ILE C 135 6.40 -21.27 26.33
C ILE C 135 4.94 -21.35 26.80
N LYS C 136 4.65 -22.39 27.55
CA LYS C 136 3.29 -22.71 27.89
C LYS C 136 2.99 -22.32 29.30
N SER C 137 1.70 -22.03 29.53
CA SER C 137 1.21 -21.65 30.83
C SER C 137 1.76 -22.68 31.83
N TRP C 138 2.26 -22.19 32.96
CA TRP C 138 2.73 -23.05 34.08
C TRP C 138 1.77 -23.06 35.29
N ARG C 139 0.77 -22.17 35.33
CA ARG C 139 -0.27 -22.22 36.36
C ARG C 139 -1.67 -22.43 35.77
N ASN C 140 -1.78 -22.55 34.45
CA ASN C 140 -3.03 -22.88 33.78
C ASN C 140 -4.10 -21.84 34.03
N ASN C 141 -3.71 -20.58 34.15
CA ASN C 141 -4.63 -19.51 34.45
C ASN C 141 -4.21 -18.19 33.77
N ILE C 142 -4.45 -18.18 32.45
CA ILE C 142 -4.28 -17.01 31.56
C ILE C 142 -2.84 -16.49 31.61
N LEU C 143 -1.93 -17.26 31.02
CA LEU C 143 -0.57 -16.80 30.78
C LEU C 143 -0.72 -15.44 30.09
N ARG C 144 -0.10 -14.39 30.65
CA ARG C 144 -0.20 -13.08 30.05
C ARG C 144 1.08 -12.30 30.16
N THR C 145 1.27 -11.32 29.26
CA THR C 145 2.49 -10.55 29.22
C THR C 145 2.29 -8.98 29.13
N GLN C 146 3.34 -8.27 28.76
CA GLN C 146 3.43 -6.81 28.90
C GLN C 146 2.35 -5.94 28.26
N GLU C 147 1.92 -6.26 27.04
CA GLU C 147 1.17 -5.35 26.14
C GLU C 147 1.97 -4.07 25.92
N SER C 148 3.30 -4.22 25.92
CA SER C 148 4.17 -3.18 25.50
C SER C 148 5.54 -3.81 25.17
N GLU C 149 6.45 -2.94 24.79
CA GLU C 149 7.70 -3.40 24.23
C GLU C 149 8.51 -4.10 25.30
N CYS C 150 9.11 -5.20 24.88
CA CYS C 150 10.22 -5.80 25.64
C CYS C 150 11.49 -4.92 25.58
N ALA C 151 12.54 -5.28 26.33
CA ALA C 151 13.70 -4.37 26.48
C ALA C 151 14.95 -5.12 26.11
N CYS C 152 15.84 -4.46 25.36
CA CYS C 152 17.02 -5.11 24.79
C CYS C 152 18.32 -4.41 25.20
N VAL C 153 19.27 -5.25 25.65
CA VAL C 153 20.63 -4.84 26.04
C VAL C 153 21.64 -5.84 25.44
N ASN C 154 22.43 -5.35 24.52
CA ASN C 154 23.56 -6.12 23.97
C ASN C 154 23.17 -7.50 23.46
N GLY C 155 22.13 -7.58 22.65
CA GLY C 155 21.77 -8.82 22.00
C GLY C 155 20.79 -9.72 22.74
N SER C 156 20.53 -9.40 24.01
CA SER C 156 19.52 -10.10 24.79
C SER C 156 18.31 -9.18 24.98
N CYS C 157 17.13 -9.77 24.90
CA CYS C 157 15.89 -9.07 25.12
C CYS C 157 15.17 -9.68 26.33
N PHE C 158 14.52 -8.81 27.10
CA PHE C 158 13.91 -9.18 28.37
C PHE C 158 12.44 -8.82 28.46
N THR C 159 11.62 -9.73 28.98
CA THR C 159 10.21 -9.52 29.26
C THR C 159 9.79 -10.20 30.57
N VAL C 160 8.56 -9.90 30.98
CA VAL C 160 7.93 -10.43 32.15
C VAL C 160 6.59 -11.06 31.74
N MET C 161 6.26 -12.22 32.30
CA MET C 161 4.93 -12.78 32.14
C MET C 161 4.38 -13.21 33.51
N THR C 162 3.06 -13.25 33.58
CA THR C 162 2.32 -13.59 34.79
C THR C 162 1.38 -14.73 34.45
N ASP C 163 1.16 -15.59 35.40
CA ASP C 163 0.18 -16.70 35.23
C ASP C 163 -0.46 -16.94 36.58
N GLY C 164 -1.79 -17.04 36.62
CA GLY C 164 -2.50 -17.17 37.90
C GLY C 164 -3.67 -16.21 38.00
N PRO C 165 -4.25 -16.05 39.22
CA PRO C 165 -5.33 -15.16 39.55
C PRO C 165 -5.03 -13.69 39.26
N SER C 166 -6.06 -12.92 38.91
CA SER C 166 -5.95 -11.46 38.76
C SER C 166 -6.46 -10.71 40.01
N ASN C 167 -6.96 -11.47 41.00
CA ASN C 167 -7.57 -10.93 42.22
C ASN C 167 -6.91 -11.45 43.48
N GLY C 168 -5.68 -11.93 43.32
CA GLY C 168 -4.93 -12.52 44.39
C GLY C 168 -3.51 -12.75 43.95
N GLN C 169 -2.75 -13.36 44.84
CA GLN C 169 -1.36 -13.71 44.55
C GLN C 169 -1.26 -14.58 43.29
N ALA C 170 -0.37 -14.20 42.37
CA ALA C 170 -0.14 -14.94 41.14
C ALA C 170 1.34 -15.26 41.04
N SER C 171 1.75 -15.80 39.89
CA SER C 171 3.14 -16.15 39.66
C SER C 171 3.70 -15.25 38.59
N TYR C 172 4.90 -14.74 38.80
CA TYR C 172 5.55 -13.78 37.90
C TYR C 172 6.89 -14.33 37.50
N LYS C 173 7.20 -14.30 36.20
CA LYS C 173 8.49 -14.78 35.69
C LYS C 173 9.17 -13.76 34.80
N ILE C 174 10.49 -13.69 34.89
CA ILE C 174 11.32 -12.86 34.04
C ILE C 174 12.07 -13.76 33.08
N PHE C 175 12.19 -13.33 31.83
CA PHE C 175 12.82 -14.10 30.75
C PHE C 175 13.93 -13.33 30.07
N ARG C 176 14.99 -14.04 29.70
CA ARG C 176 16.06 -13.54 28.86
C ARG C 176 15.99 -14.33 27.53
N ILE C 177 15.95 -13.60 26.42
CA ILE C 177 15.67 -14.16 25.09
C ILE C 177 16.78 -13.65 24.15
N GLU C 178 17.44 -14.55 23.44
CA GLU C 178 18.44 -14.18 22.43
C GLU C 178 18.10 -14.81 21.10
N LYS C 179 17.95 -13.97 20.08
CA LYS C 179 17.50 -14.39 18.75
C LYS C 179 16.23 -15.23 18.83
N GLY C 180 15.30 -14.78 19.67
CA GLY C 180 14.01 -15.41 19.86
C GLY C 180 13.99 -16.73 20.62
N LYS C 181 15.11 -17.12 21.20
CA LYS C 181 15.23 -18.36 21.99
C LYS C 181 15.32 -17.97 23.46
N ILE C 182 14.44 -18.52 24.30
CA ILE C 182 14.55 -18.29 25.75
C ILE C 182 15.81 -19.03 26.26
N VAL C 183 16.76 -18.26 26.79
CA VAL C 183 18.01 -18.78 27.32
C VAL C 183 18.05 -18.86 28.84
N LYS C 184 17.21 -18.07 29.50
CA LYS C 184 17.08 -18.13 30.95
C LYS C 184 15.73 -17.55 31.37
N SER C 185 15.18 -18.10 32.45
CA SER C 185 13.95 -17.57 33.08
C SER C 185 14.02 -17.86 34.58
N VAL C 186 13.49 -16.93 35.37
CA VAL C 186 13.42 -17.07 36.83
C VAL C 186 12.05 -16.68 37.28
N GLU C 187 11.57 -17.35 38.32
CA GLU C 187 10.31 -16.97 38.94
C GLU C 187 10.62 -16.07 40.10
N MET C 188 9.90 -14.96 40.21
CA MET C 188 10.19 -13.94 41.22
C MET C 188 9.65 -14.38 42.58
N ASN C 189 10.46 -14.24 43.62
CA ASN C 189 9.97 -14.37 45.01
C ASN C 189 9.41 -12.98 45.32
N ALA C 190 8.08 -12.90 45.33
CA ALA C 190 7.36 -11.64 45.53
C ALA C 190 6.02 -11.85 46.26
N PRO C 191 6.10 -12.33 47.51
CA PRO C 191 4.90 -12.60 48.28
C PRO C 191 4.25 -11.31 48.68
N ASN C 192 2.93 -11.27 48.57
CA ASN C 192 2.14 -10.06 48.82
C ASN C 192 2.26 -8.97 47.75
N TYR C 193 3.06 -9.20 46.70
CA TYR C 193 3.20 -8.28 45.55
C TYR C 193 2.44 -8.88 44.36
N TYR C 194 2.14 -8.04 43.38
CA TYR C 194 1.48 -8.50 42.14
C TYR C 194 1.95 -7.67 40.93
N TYR C 195 2.32 -8.37 39.87
CA TYR C 195 2.92 -7.75 38.67
C TYR C 195 2.13 -8.24 37.49
N GLU C 196 1.63 -7.31 36.69
CA GLU C 196 1.16 -7.64 35.34
C GLU C 196 1.27 -6.45 34.39
N GLU C 197 1.29 -6.76 33.11
CA GLU C 197 1.35 -5.76 32.06
C GLU C 197 2.47 -4.76 32.33
N CYS C 198 3.67 -5.31 32.53
CA CYS C 198 4.85 -4.51 32.82
C CYS C 198 5.36 -3.58 31.71
N SER C 199 5.64 -2.32 32.05
CA SER C 199 6.26 -1.46 31.09
C SER C 199 7.77 -1.47 31.44
N CYS C 200 8.57 -2.05 30.56
CA CYS C 200 9.98 -2.31 30.84
C CYS C 200 10.88 -1.54 29.87
N TYR C 201 11.94 -0.93 30.42
CA TYR C 201 12.91 -0.19 29.61
C TYR C 201 14.38 -0.47 30.08
N PRO C 202 15.32 -0.33 29.14
CA PRO C 202 16.72 -0.48 29.50
C PRO C 202 17.29 0.86 29.98
N ASP C 203 18.26 0.79 30.87
CA ASP C 203 18.88 1.96 31.47
C ASP C 203 20.22 1.47 32.06
N SER C 204 21.33 1.88 31.45
CA SER C 204 22.68 1.49 31.91
C SER C 204 22.86 -0.01 32.07
N SER C 205 22.47 -0.75 31.03
CA SER C 205 22.62 -2.22 30.94
C SER C 205 21.75 -3.07 31.86
N GLU C 206 20.83 -2.43 32.56
CA GLU C 206 19.89 -3.13 33.42
C GLU C 206 18.48 -2.79 32.97
N ILE C 207 17.50 -3.58 33.39
CA ILE C 207 16.10 -3.39 32.95
C ILE C 207 15.29 -2.92 34.13
N THR C 208 14.45 -1.90 33.95
CA THR C 208 13.49 -1.48 34.97
C THR C 208 12.08 -1.61 34.43
N CYS C 209 11.21 -2.32 35.15
CA CYS C 209 9.81 -2.53 34.81
C CYS C 209 8.90 -1.91 35.85
N VAL C 210 7.93 -1.11 35.41
CA VAL C 210 6.86 -0.58 36.25
C VAL C 210 5.58 -1.23 35.78
N CYS C 211 4.78 -1.75 36.71
CA CYS C 211 3.72 -2.67 36.36
C CYS C 211 2.34 -2.33 37.00
N ARG C 212 1.39 -3.24 36.85
CA ARG C 212 0.01 -3.10 37.38
C ARG C 212 -0.24 -4.12 38.50
N ASP C 213 -0.54 -3.63 39.71
CA ASP C 213 -1.03 -4.47 40.80
C ASP C 213 -2.56 -4.51 40.74
N ASN C 214 -3.13 -5.59 40.21
CA ASN C 214 -4.58 -5.75 40.09
C ASN C 214 -5.26 -6.35 41.33
N TRP C 215 -4.42 -6.80 42.26
CA TRP C 215 -4.84 -7.45 43.47
C TRP C 215 -5.18 -6.42 44.56
N HIS C 216 -4.18 -5.66 44.98
CA HIS C 216 -4.38 -4.80 46.16
C HIS C 216 -3.47 -3.63 46.28
N GLY C 217 -3.10 -3.02 45.17
CA GLY C 217 -2.21 -1.87 45.17
C GLY C 217 -2.67 -0.76 44.21
N SER C 218 -2.87 0.46 44.73
CA SER C 218 -3.17 1.62 43.92
C SER C 218 -1.91 2.43 43.50
N ASN C 219 -0.75 2.13 44.12
CA ASN C 219 0.55 2.53 43.63
C ASN C 219 1.07 1.41 42.77
N ARG C 220 2.13 1.68 42.00
CA ARG C 220 2.63 0.69 41.00
C ARG C 220 3.80 -0.13 41.54
N PRO C 221 3.73 -1.45 41.37
CA PRO C 221 4.89 -2.28 41.67
C PRO C 221 6.01 -2.02 40.64
N TRP C 222 7.24 -2.19 41.06
CA TRP C 222 8.39 -2.24 40.11
C TRP C 222 9.31 -3.43 40.35
N VAL C 223 10.03 -3.81 39.32
CA VAL C 223 11.06 -4.86 39.39
C VAL C 223 12.16 -4.41 38.45
N SER C 224 13.40 -4.48 38.91
CA SER C 224 14.51 -4.18 38.06
C SER C 224 15.43 -5.39 38.10
N PHE C 225 16.23 -5.58 37.06
CA PHE C 225 17.14 -6.71 37.01
C PHE C 225 18.28 -6.50 36.06
N ASN C 226 19.34 -7.26 36.29
CA ASN C 226 20.51 -7.25 35.43
C ASN C 226 20.38 -8.35 34.37
N GLN C 227 21.35 -8.42 33.46
CA GLN C 227 21.32 -9.39 32.36
C GLN C 227 21.30 -10.84 32.78
N ASN C 228 21.73 -11.09 34.02
CA ASN C 228 21.65 -12.42 34.64
C ASN C 228 20.34 -12.75 35.37
N LEU C 229 19.32 -11.88 35.26
CA LEU C 229 18.02 -12.01 35.96
C LEU C 229 18.09 -12.00 37.50
N GLU C 230 19.15 -11.41 38.04
CA GLU C 230 19.19 -11.07 39.47
C GLU C 230 18.36 -9.79 39.60
N TYR C 231 17.37 -9.83 40.47
CA TYR C 231 16.32 -8.79 40.49
C TYR C 231 16.12 -8.12 41.83
N GLN C 232 15.54 -6.93 41.80
CA GLN C 232 15.10 -6.26 42.98
C GLN C 232 13.68 -5.88 42.78
N ILE C 233 12.93 -5.73 43.87
CA ILE C 233 11.50 -5.43 43.78
C ILE C 233 11.10 -4.37 44.79
N GLY C 234 9.96 -3.75 44.51
CA GLY C 234 9.46 -2.64 45.31
C GLY C 234 8.17 -2.09 44.73
N TYR C 235 7.63 -1.07 45.39
CA TYR C 235 6.50 -0.28 44.88
C TYR C 235 6.93 1.17 44.86
N ILE C 236 6.34 1.95 43.94
CA ILE C 236 6.63 3.36 43.87
C ILE C 236 6.10 3.98 45.16
N CYS C 237 6.99 4.66 45.87
CA CYS C 237 6.63 5.19 47.20
C CYS C 237 5.78 6.44 47.18
N SER C 238 5.86 7.22 46.11
CA SER C 238 5.11 8.48 46.00
C SER C 238 3.62 8.37 46.38
N GLY C 239 3.15 9.39 47.11
CA GLY C 239 1.76 9.59 47.42
C GLY C 239 0.91 10.07 46.26
N ILE C 240 1.57 10.44 45.16
CA ILE C 240 0.90 10.65 43.89
C ILE C 240 0.68 9.25 43.30
N PHE C 241 -0.44 8.62 43.68
CA PHE C 241 -0.72 7.21 43.32
C PHE C 241 -0.89 7.09 41.79
N GLY C 242 -0.27 6.07 41.18
CA GLY C 242 -0.16 5.96 39.73
C GLY C 242 -1.17 5.06 39.02
N ASP C 243 -1.84 4.15 39.77
CA ASP C 243 -2.81 3.20 39.18
C ASP C 243 -4.20 3.87 38.98
N ASN C 244 -5.09 3.18 38.30
CA ASN C 244 -6.48 3.57 38.18
C ASN C 244 -7.29 2.28 38.35
N PRO C 245 -8.14 2.16 39.37
CA PRO C 245 -8.48 3.22 40.30
C PRO C 245 -7.43 3.45 41.38
N ARG C 246 -7.65 4.47 42.17
CA ARG C 246 -6.74 4.86 43.23
C ARG C 246 -7.52 5.80 44.16
N PRO C 247 -6.96 6.08 45.36
CA PRO C 247 -7.50 7.18 46.15
C PRO C 247 -6.96 8.52 45.66
N ASN C 248 -7.52 9.60 46.17
CA ASN C 248 -6.89 10.90 46.04
C ASN C 248 -5.51 10.89 46.70
N ASP C 249 -4.64 11.80 46.27
CA ASP C 249 -3.22 11.76 46.66
C ASP C 249 -3.05 12.10 48.15
N LYS C 250 -2.27 11.27 48.84
CA LYS C 250 -2.02 11.46 50.27
C LYS C 250 -0.67 10.77 50.55
N THR C 251 -0.37 10.43 51.81
CA THR C 251 0.88 9.75 52.11
C THR C 251 0.89 8.37 51.46
N GLY C 252 1.93 8.15 50.68
CA GLY C 252 2.13 6.88 49.97
C GLY C 252 2.79 5.81 50.80
N SER C 253 3.16 4.72 50.13
CA SER C 253 3.81 3.59 50.78
C SER C 253 4.81 2.92 49.85
N CYS C 254 5.89 2.40 50.44
CA CYS C 254 6.85 1.62 49.68
C CYS C 254 6.43 0.16 49.51
N GLY C 255 5.34 -0.23 50.17
CA GLY C 255 4.61 -1.48 49.88
C GLY C 255 3.28 -1.16 49.18
N PRO C 256 2.52 -2.19 48.82
CA PRO C 256 1.28 -1.93 48.08
C PRO C 256 0.30 -1.12 48.91
N VAL C 257 -0.28 -0.09 48.31
CA VAL C 257 -1.35 0.70 48.95
C VAL C 257 -2.69 0.02 48.72
N SER C 258 -3.28 -0.53 49.80
CA SER C 258 -4.54 -1.28 49.69
C SER C 258 -5.77 -0.42 49.37
N SER C 259 -5.79 0.85 49.78
CA SER C 259 -6.97 1.71 49.49
C SER C 259 -7.20 1.83 47.96
N ASN C 260 -8.39 1.42 47.49
CA ASN C 260 -8.77 1.36 46.07
C ASN C 260 -7.82 0.48 45.24
N GLY C 261 -7.25 -0.55 45.88
CA GLY C 261 -6.09 -1.24 45.33
C GLY C 261 -6.47 -2.28 44.30
N ALA C 262 -7.67 -2.85 44.44
CA ALA C 262 -8.13 -3.87 43.50
C ALA C 262 -8.38 -3.24 42.13
N ASN C 263 -8.26 -4.08 41.10
CA ASN C 263 -8.37 -3.69 39.73
C ASN C 263 -7.17 -2.77 39.38
N GLY C 264 -7.16 -2.19 38.19
CA GLY C 264 -6.01 -1.43 37.74
C GLY C 264 -6.11 -1.05 36.29
N VAL C 265 -5.01 -0.50 35.80
CA VAL C 265 -4.85 -0.15 34.39
C VAL C 265 -3.36 -0.28 34.10
N LYS C 266 -3.01 -0.77 32.90
CA LYS C 266 -1.63 -0.81 32.50
C LYS C 266 -1.15 0.65 32.49
N GLY C 267 0.04 0.84 33.10
CA GLY C 267 0.75 2.11 33.15
C GLY C 267 2.27 1.98 33.11
N PHE C 268 2.95 3.10 33.25
CA PHE C 268 4.41 3.12 33.24
C PHE C 268 4.88 4.25 34.16
N SER C 269 6.17 4.25 34.44
CA SER C 269 6.89 5.37 35.07
C SER C 269 8.38 5.25 34.74
N PHE C 270 9.09 6.36 34.80
CA PHE C 270 10.53 6.41 34.55
C PHE C 270 11.27 6.86 35.80
N LYS C 271 12.22 6.04 36.26
CA LYS C 271 13.05 6.32 37.43
C LYS C 271 14.32 7.14 37.09
N TYR C 272 14.55 8.19 37.88
CA TYR C 272 15.73 9.04 37.81
C TYR C 272 16.28 9.24 39.24
N GLY C 273 17.16 8.35 39.65
CA GLY C 273 17.62 8.31 41.04
C GLY C 273 16.47 8.12 42.04
N ASN C 274 16.30 9.07 42.96
CA ASN C 274 15.16 9.07 43.87
C ASN C 274 13.87 9.62 43.25
N GLY C 275 13.97 10.27 42.09
CA GLY C 275 12.79 10.86 41.44
C GLY C 275 12.06 9.92 40.49
N VAL C 276 10.92 10.40 40.00
CA VAL C 276 10.07 9.63 39.14
C VAL C 276 9.18 10.52 38.28
N TRP C 277 9.16 10.19 37.00
CA TRP C 277 8.15 10.70 36.07
C TRP C 277 7.03 9.69 36.07
N ILE C 278 5.86 10.08 36.58
CA ILE C 278 4.65 9.24 36.61
C ILE C 278 3.70 9.68 35.49
N GLY C 279 3.26 8.74 34.66
CA GLY C 279 2.17 9.01 33.75
C GLY C 279 0.93 8.46 34.39
N ARG C 280 -0.18 9.17 34.43
CA ARG C 280 -1.40 8.58 34.99
C ARG C 280 -2.67 9.17 34.45
N THR C 281 -3.79 8.52 34.74
CA THR C 281 -5.10 9.10 34.43
C THR C 281 -5.33 10.36 35.27
N LYS C 282 -6.23 11.22 34.86
CA LYS C 282 -6.63 12.36 35.71
C LYS C 282 -7.74 11.96 36.69
N SER C 283 -8.64 11.06 36.27
CA SER C 283 -9.68 10.54 37.15
C SER C 283 -9.13 9.46 38.09
N ILE C 284 -9.62 9.47 39.33
CA ILE C 284 -9.20 8.45 40.31
C ILE C 284 -10.00 7.16 40.19
N SER C 285 -11.11 7.16 39.44
CA SER C 285 -11.97 5.97 39.39
C SER C 285 -12.21 5.40 38.01
N SER C 286 -11.95 6.14 36.93
CA SER C 286 -12.14 5.59 35.59
C SER C 286 -11.01 6.04 34.69
N ARG C 287 -10.93 5.39 33.54
CA ARG C 287 -9.86 5.67 32.58
C ARG C 287 -10.16 6.92 31.77
N ASN C 288 -9.97 8.07 32.41
CA ASN C 288 -10.26 9.38 31.85
C ASN C 288 -9.14 10.34 32.18
N GLY C 289 -8.71 11.09 31.17
CA GLY C 289 -7.62 12.05 31.27
C GLY C 289 -6.26 11.42 31.38
N PHE C 290 -5.26 12.26 31.23
CA PHE C 290 -3.90 11.80 31.36
C PHE C 290 -3.02 12.96 31.67
N GLU C 291 -2.03 12.70 32.52
CA GLU C 291 -1.05 13.70 32.91
C GLU C 291 0.29 13.06 33.24
N MET C 292 1.34 13.83 33.03
CA MET C 292 2.70 13.45 33.37
C MET C 292 3.13 14.30 34.56
N ILE C 293 3.63 13.65 35.58
CA ILE C 293 4.08 14.34 36.78
C ILE C 293 5.53 13.99 37.08
N TRP C 294 6.35 15.02 37.34
CA TRP C 294 7.69 14.85 37.81
C TRP C 294 7.72 15.04 39.32
N ASP C 295 8.08 13.97 40.03
CA ASP C 295 8.16 13.97 41.49
C ASP C 295 9.58 13.66 41.87
N PRO C 296 10.34 14.70 42.26
CA PRO C 296 11.79 14.50 42.39
C PRO C 296 12.25 13.56 43.52
N ASN C 297 11.37 13.20 44.43
CA ASN C 297 11.67 12.14 45.42
C ASN C 297 10.63 11.03 45.45
N GLY C 298 9.82 10.91 44.40
CA GLY C 298 8.69 9.96 44.39
C GLY C 298 9.06 8.50 44.24
N TRP C 299 10.27 8.16 43.77
CA TRP C 299 10.60 6.73 43.71
C TRP C 299 10.68 6.16 45.12
N THR C 300 11.33 6.89 46.03
CA THR C 300 11.64 6.39 47.38
C THR C 300 10.97 7.14 48.54
N GLY C 301 10.40 8.32 48.28
CA GLY C 301 9.70 9.11 49.30
C GLY C 301 8.18 9.05 49.18
N THR C 302 7.50 9.15 50.31
CA THR C 302 6.06 8.88 50.39
C THR C 302 5.16 10.13 50.44
N ASP C 303 5.73 11.32 50.37
CA ASP C 303 4.90 12.52 50.33
C ASP C 303 4.13 12.66 49.00
N ASN C 304 3.16 13.56 48.98
CA ASN C 304 2.33 13.76 47.78
C ASN C 304 2.62 15.10 47.13
N ASN C 305 3.85 15.59 47.32
CA ASN C 305 4.33 16.81 46.69
C ASN C 305 5.06 16.43 45.41
N PHE C 306 4.90 17.27 44.39
CA PHE C 306 5.61 17.10 43.10
C PHE C 306 6.10 18.45 42.62
N SER C 307 6.98 18.44 41.62
CA SER C 307 7.51 19.68 41.07
C SER C 307 6.88 20.14 39.78
N ILE C 308 6.52 19.21 38.87
CA ILE C 308 6.00 19.55 37.52
C ILE C 308 4.81 18.65 37.16
N LYS C 309 3.79 19.26 36.54
CA LYS C 309 2.74 18.51 35.86
C LYS C 309 2.45 19.05 34.47
N GLN C 310 2.36 18.13 33.51
CA GLN C 310 2.08 18.41 32.10
C GLN C 310 0.84 17.66 31.69
N ASP C 311 -0.23 18.38 31.43
CA ASP C 311 -1.46 17.77 30.92
C ASP C 311 -1.26 17.14 29.56
N ILE C 312 -1.93 16.01 29.36
CA ILE C 312 -1.86 15.27 28.08
C ILE C 312 -3.27 15.02 27.47
N VAL C 313 -4.21 14.53 28.28
CA VAL C 313 -5.63 14.37 27.91
C VAL C 313 -6.50 14.93 29.05
N GLY C 314 -7.60 15.59 28.69
CA GLY C 314 -8.34 16.35 29.66
C GLY C 314 -9.17 15.37 30.47
N ILE C 315 -9.53 15.82 31.65
CA ILE C 315 -10.20 14.94 32.61
C ILE C 315 -11.52 14.37 32.09
N ASN C 316 -12.23 15.10 31.23
CA ASN C 316 -13.50 14.56 30.71
C ASN C 316 -13.37 13.69 29.45
N GLU C 317 -12.14 13.43 29.00
CA GLU C 317 -11.91 12.67 27.77
C GLU C 317 -11.42 11.28 28.12
N TRP C 318 -11.66 10.34 27.20
CA TRP C 318 -11.33 8.94 27.43
C TRP C 318 -9.81 8.70 27.31
N SER C 319 -9.26 7.97 28.28
CA SER C 319 -7.88 7.51 28.15
C SER C 319 -7.93 6.00 28.27
N GLY C 320 -6.93 5.39 28.89
CA GLY C 320 -6.82 3.94 28.82
C GLY C 320 -5.43 3.52 29.21
N TYR C 321 -4.99 2.42 28.63
CA TYR C 321 -3.66 1.92 28.86
C TYR C 321 -2.59 2.97 28.48
N SER C 322 -1.43 2.88 29.13
CA SER C 322 -0.21 3.62 28.70
C SER C 322 1.01 2.78 28.88
N GLY C 323 2.06 3.15 28.16
CA GLY C 323 3.29 2.44 28.34
C GLY C 323 4.48 3.18 27.85
N SER C 324 5.63 2.78 28.38
CA SER C 324 6.88 3.27 27.94
C SER C 324 7.27 2.65 26.62
N PHE C 325 8.01 3.48 25.86
CA PHE C 325 8.97 3.04 24.85
C PHE C 325 10.23 3.93 24.84
N VAL C 326 11.31 3.37 24.30
CA VAL C 326 12.55 4.11 24.22
C VAL C 326 13.07 4.26 22.81
N GLN C 327 13.89 5.30 22.65
CA GLN C 327 14.68 5.50 21.44
C GLN C 327 16.16 5.47 21.82
N HIS C 328 16.83 4.44 21.32
CA HIS C 328 18.20 4.13 21.68
C HIS C 328 19.11 5.07 20.87
N PRO C 329 20.32 5.39 21.38
CA PRO C 329 21.33 6.20 20.66
C PRO C 329 21.65 5.73 19.25
N GLU C 330 21.61 4.43 19.00
CA GLU C 330 21.77 3.88 17.63
C GLU C 330 20.72 4.46 16.66
N LEU C 331 19.54 4.84 17.15
CA LEU C 331 18.46 5.45 16.33
C LEU C 331 18.58 7.00 16.26
N THR C 332 18.77 7.65 17.41
CA THR C 332 18.71 9.12 17.53
C THR C 332 20.05 9.82 17.29
N GLY C 333 21.16 9.12 17.50
CA GLY C 333 22.46 9.76 17.54
C GLY C 333 22.77 10.52 18.83
N LEU C 334 21.89 10.47 19.83
CA LEU C 334 22.16 11.04 21.13
C LEU C 334 23.19 10.16 21.88
N ASP C 335 23.57 10.57 23.08
CA ASP C 335 24.47 9.75 23.94
C ASP C 335 23.75 9.13 25.15
N CYS C 336 22.43 9.00 25.04
CA CYS C 336 21.60 8.49 26.13
C CYS C 336 20.34 7.84 25.54
N ILE C 337 19.65 7.05 26.36
CA ILE C 337 18.41 6.37 25.92
C ILE C 337 17.23 7.31 26.13
N ARG C 338 16.49 7.64 25.06
CA ARG C 338 15.45 8.67 25.18
C ARG C 338 14.14 8.02 25.65
N PRO C 339 13.51 8.58 26.69
CA PRO C 339 12.23 8.00 27.12
C PRO C 339 11.10 8.59 26.30
N CYS C 340 10.11 7.76 26.01
CA CYS C 340 8.93 8.18 25.28
C CYS C 340 7.77 7.38 25.91
N PHE C 341 6.54 7.81 25.64
CA PHE C 341 5.37 7.03 26.04
C PHE C 341 4.22 7.16 25.06
N TRP C 342 3.34 6.17 25.11
CA TRP C 342 2.10 6.16 24.35
C TRP C 342 0.92 6.09 25.33
N VAL C 343 -0.23 6.61 24.89
CA VAL C 343 -1.48 6.43 25.61
C VAL C 343 -2.50 5.85 24.64
N GLU C 344 -3.20 4.81 25.12
CA GLU C 344 -4.39 4.24 24.46
C GLU C 344 -5.61 5.05 24.94
N LEU C 345 -6.37 5.53 23.96
CA LEU C 345 -7.63 6.19 24.18
C LEU C 345 -8.75 5.20 23.80
N ILE C 346 -9.33 4.59 24.84
CA ILE C 346 -10.33 3.52 24.69
C ILE C 346 -11.70 4.14 24.45
N ARG C 347 -12.34 3.73 23.36
CA ARG C 347 -13.73 4.10 23.07
C ARG C 347 -14.67 2.91 23.06
N GLY C 348 -15.93 3.17 23.38
CA GLY C 348 -17.00 2.17 23.33
C GLY C 348 -17.29 1.53 24.69
N ARG C 349 -17.44 0.21 24.71
CA ARG C 349 -17.80 -0.50 25.96
C ARG C 349 -16.61 -0.55 26.94
N PRO C 350 -16.86 -0.56 28.24
CA PRO C 350 -18.18 -0.58 28.86
C PRO C 350 -18.81 0.78 29.08
N LYS C 351 -18.07 1.88 28.88
CA LYS C 351 -18.57 3.20 29.26
C LYS C 351 -19.52 3.89 28.29
N GLU C 352 -19.58 3.44 27.04
CA GLU C 352 -20.38 4.11 26.03
C GLU C 352 -21.33 3.13 25.40
N ASN C 353 -22.33 3.68 24.70
CA ASN C 353 -23.46 2.88 24.23
C ASN C 353 -23.24 2.34 22.82
N THR C 354 -22.31 1.38 22.73
CA THR C 354 -21.91 0.77 21.49
C THR C 354 -21.92 -0.74 21.63
N ILE C 355 -21.84 -1.44 20.52
CA ILE C 355 -21.69 -2.90 20.54
C ILE C 355 -20.21 -3.32 20.64
N TRP C 356 -19.29 -2.34 20.57
CA TRP C 356 -17.86 -2.58 20.34
C TRP C 356 -16.97 -1.80 21.30
N THR C 357 -15.71 -2.22 21.36
CA THR C 357 -14.65 -1.52 22.10
C THR C 357 -13.44 -1.41 21.18
N SER C 358 -12.86 -0.21 21.09
CA SER C 358 -11.64 -0.03 20.32
C SER C 358 -10.82 1.15 20.84
N GLY C 359 -9.61 1.34 20.35
CA GLY C 359 -8.80 2.41 20.85
C GLY C 359 -8.05 3.06 19.72
N SER C 360 -7.79 4.35 19.87
CA SER C 360 -6.78 5.07 19.09
C SER C 360 -5.61 5.37 20.04
N SER C 361 -4.59 6.06 19.52
CA SER C 361 -3.43 6.36 20.31
C SER C 361 -2.82 7.73 20.07
N ILE C 362 -2.00 8.10 21.05
CA ILE C 362 -1.15 9.27 21.03
C ILE C 362 0.18 8.84 21.64
N SER C 363 1.26 9.52 21.25
CA SER C 363 2.57 9.31 21.88
C SER C 363 3.38 10.61 21.91
N PHE C 364 4.36 10.61 22.81
CA PHE C 364 5.13 11.78 23.17
C PHE C 364 6.58 11.35 23.39
N CYS C 365 7.53 12.23 23.19
CA CYS C 365 8.94 11.90 23.52
C CYS C 365 9.49 12.91 24.46
N GLY C 366 10.36 12.41 25.33
CA GLY C 366 10.89 13.25 26.41
C GLY C 366 11.89 14.19 25.81
N VAL C 367 11.83 15.46 26.16
CA VAL C 367 12.84 16.43 25.65
C VAL C 367 13.29 17.36 26.81
N ASN C 368 14.32 18.16 26.55
CA ASN C 368 14.73 19.24 27.45
C ASN C 368 14.40 20.63 26.97
N SER C 369 13.74 20.72 25.83
CA SER C 369 13.34 21.98 25.26
C SER C 369 11.93 22.35 25.75
N ASP C 370 11.40 23.46 25.27
CA ASP C 370 10.09 23.91 25.75
C ASP C 370 8.97 23.00 25.28
N THR C 371 7.97 22.81 26.15
CA THR C 371 6.82 21.95 25.86
C THR C 371 5.57 22.64 26.40
N VAL C 372 4.40 21.99 26.25
CA VAL C 372 3.14 22.53 26.72
C VAL C 372 2.12 21.42 27.04
N GLY C 373 1.30 21.67 28.04
CA GLY C 373 0.21 20.83 28.37
C GLY C 373 -0.95 21.16 27.45
N TRP C 374 -1.68 20.13 27.05
CA TRP C 374 -2.95 20.36 26.34
C TRP C 374 -3.80 19.12 26.51
N SER C 375 -4.82 18.96 25.68
CA SER C 375 -5.58 17.74 25.53
C SER C 375 -5.55 17.35 24.07
N TRP C 376 -5.03 16.19 23.78
CA TRP C 376 -5.18 15.51 22.48
C TRP C 376 -6.04 14.20 22.69
N PRO C 377 -7.37 14.35 22.76
CA PRO C 377 -8.25 13.21 22.93
C PRO C 377 -8.57 12.52 21.65
N ASP C 378 -9.47 11.51 21.71
CA ASP C 378 -9.71 10.63 20.59
C ASP C 378 -10.51 11.36 19.54
N GLY C 379 -11.61 11.97 19.95
CA GLY C 379 -12.41 12.79 19.07
C GLY C 379 -13.48 12.12 18.23
N ALA C 380 -13.65 10.81 18.31
CA ALA C 380 -14.72 10.17 17.60
C ALA C 380 -16.05 10.52 18.32
N GLU C 381 -17.08 10.76 17.53
CA GLU C 381 -18.45 10.88 18.00
C GLU C 381 -19.06 9.52 17.98
N LEU C 382 -19.41 9.03 19.17
CA LEU C 382 -20.15 7.77 19.36
C LEU C 382 -21.63 8.06 19.69
N PRO C 383 -22.54 7.10 19.43
CA PRO C 383 -22.30 5.85 18.72
C PRO C 383 -22.09 6.02 17.23
N PHE C 384 -21.73 4.89 16.62
CA PHE C 384 -21.48 4.77 15.21
C PHE C 384 -22.71 4.16 14.56
N THR C 385 -22.74 4.20 13.23
CA THR C 385 -23.78 3.59 12.39
C THR C 385 -24.15 2.17 12.79
N ILE C 386 -23.15 1.34 13.12
CA ILE C 386 -23.38 -0.07 13.43
C ILE C 386 -24.10 -0.27 14.77
N ASP C 387 -24.01 0.72 15.65
CA ASP C 387 -24.65 0.66 16.93
C ASP C 387 -26.19 0.89 16.89
N LYS C 388 -26.75 1.33 15.75
CA LYS C 388 -28.09 2.01 15.70
C LYS C 388 -29.16 1.40 14.75
N SER D 1 22.51 -14.09 -3.60
CA SER D 1 21.27 -14.91 -3.82
C SER D 1 21.60 -16.32 -4.33
N VAL D 2 21.10 -17.35 -3.64
CA VAL D 2 21.54 -18.72 -3.83
C VAL D 2 20.37 -19.73 -3.81
N LYS D 3 20.54 -20.79 -4.62
CA LYS D 3 19.57 -21.86 -4.75
C LYS D 3 19.33 -22.56 -3.42
N LEU D 4 18.09 -22.95 -3.15
CA LEU D 4 17.77 -23.75 -1.99
C LEU D 4 18.38 -25.14 -2.19
N ALA D 5 19.11 -25.62 -1.19
CA ALA D 5 19.83 -26.89 -1.32
C ALA D 5 18.85 -28.07 -1.30
N GLY D 6 18.02 -28.09 -0.27
CA GLY D 6 16.93 -29.04 -0.16
C GLY D 6 17.44 -30.44 0.14
N ASN D 7 18.64 -30.52 0.72
CA ASN D 7 19.31 -31.80 0.93
C ASN D 7 19.25 -32.31 2.37
N SER D 8 18.77 -31.50 3.31
CA SER D 8 18.66 -31.93 4.70
C SER D 8 17.34 -32.64 4.89
N SER D 9 17.18 -33.30 6.03
CA SER D 9 15.95 -34.04 6.29
C SER D 9 14.91 -33.16 7.00
N LEU D 10 13.67 -33.61 6.99
CA LEU D 10 12.59 -32.95 7.73
C LEU D 10 12.93 -32.86 9.22
N CYS D 11 12.76 -31.68 9.83
CA CYS D 11 12.87 -31.54 11.28
C CYS D 11 11.84 -32.44 11.98
N PRO D 12 12.28 -33.22 12.98
CA PRO D 12 11.29 -33.95 13.77
C PRO D 12 10.54 -32.99 14.67
N VAL D 13 9.23 -33.21 14.80
CA VAL D 13 8.41 -32.27 15.53
C VAL D 13 7.51 -33.02 16.47
N SER D 14 7.20 -32.40 17.60
CA SER D 14 6.32 -32.98 18.62
C SER D 14 4.93 -32.33 18.65
N GLY D 15 4.78 -31.18 18.00
CA GLY D 15 3.49 -30.48 17.95
C GLY D 15 3.56 -29.27 17.03
N TRP D 16 2.45 -28.56 16.97
CA TRP D 16 2.24 -27.48 16.00
C TRP D 16 1.91 -26.17 16.70
N ALA D 17 2.73 -25.17 16.45
CA ALA D 17 2.57 -23.87 17.04
C ALA D 17 1.84 -23.03 15.99
N ILE D 18 0.90 -22.19 16.42
CA ILE D 18 0.11 -21.40 15.46
C ILE D 18 0.97 -20.28 14.87
N TYR D 19 0.92 -20.11 13.55
CA TYR D 19 1.80 -19.22 12.83
C TYR D 19 1.03 -18.04 12.27
N SER D 20 -0.14 -18.27 11.67
CA SER D 20 -0.95 -17.14 11.15
C SER D 20 -2.43 -17.43 11.23
N LYS D 21 -3.18 -16.36 11.08
CA LYS D 21 -4.59 -16.40 10.84
C LYS D 21 -4.95 -15.06 10.18
N ASP D 22 -5.66 -15.08 9.07
CA ASP D 22 -5.96 -13.81 8.36
C ASP D 22 -7.34 -13.24 8.67
N ASN D 23 -8.28 -14.00 9.23
CA ASN D 23 -9.68 -13.54 9.43
C ASN D 23 -10.34 -12.91 8.21
N SER D 24 -10.08 -13.45 7.03
CA SER D 24 -10.45 -12.74 5.79
C SER D 24 -11.94 -12.52 5.58
N VAL D 25 -12.70 -13.52 5.93
CA VAL D 25 -14.18 -13.45 5.77
C VAL D 25 -14.78 -12.41 6.75
N ARG D 26 -14.33 -12.44 8.01
CA ARG D 26 -14.79 -11.44 9.02
C ARG D 26 -14.49 -10.02 8.57
N ILE D 27 -13.28 -9.80 8.04
CA ILE D 27 -12.84 -8.49 7.58
C ILE D 27 -13.59 -8.06 6.32
N GLY D 28 -13.79 -9.01 5.40
CA GLY D 28 -14.51 -8.76 4.14
C GLY D 28 -16.00 -8.43 4.22
N SER D 29 -16.60 -8.59 5.39
CA SER D 29 -17.92 -8.06 5.64
C SER D 29 -18.04 -6.51 5.37
N LYS D 30 -16.96 -5.77 5.62
CA LYS D 30 -16.87 -4.33 5.31
C LYS D 30 -15.69 -3.96 4.40
N GLY D 31 -14.53 -4.53 4.67
CA GLY D 31 -13.32 -4.28 3.88
C GLY D 31 -13.37 -4.84 2.47
N ASP D 32 -12.38 -4.46 1.69
CA ASP D 32 -12.30 -4.91 0.29
C ASP D 32 -11.45 -6.14 0.23
N VAL D 33 -12.10 -7.30 0.32
CA VAL D 33 -11.38 -8.57 0.42
C VAL D 33 -11.87 -9.40 -0.73
N PHE D 34 -10.95 -9.98 -1.47
CA PHE D 34 -11.30 -10.89 -2.55
C PHE D 34 -12.09 -12.09 -2.06
N VAL D 35 -13.05 -12.56 -2.87
CA VAL D 35 -13.60 -13.85 -2.72
C VAL D 35 -12.55 -14.80 -3.24
N ILE D 36 -12.23 -15.81 -2.47
CA ILE D 36 -11.13 -16.70 -2.87
C ILE D 36 -11.48 -18.09 -2.49
N ARG D 37 -10.76 -19.03 -3.06
CA ARG D 37 -10.65 -20.39 -2.50
C ARG D 37 -9.25 -20.92 -2.84
N GLU D 38 -8.90 -22.13 -2.40
CA GLU D 38 -7.64 -22.74 -2.75
C GLU D 38 -6.41 -21.87 -2.37
N PRO D 39 -6.39 -21.33 -1.13
CA PRO D 39 -5.19 -20.67 -0.66
C PRO D 39 -4.07 -21.66 -0.28
N PHE D 40 -2.86 -21.15 -0.28
CA PHE D 40 -1.74 -21.96 0.14
C PHE D 40 -0.61 -21.05 0.50
N ILE D 41 0.33 -21.57 1.28
CA ILE D 41 1.46 -20.77 1.72
C ILE D 41 2.71 -21.31 1.06
N SER D 42 3.62 -20.39 0.74
CA SER D 42 4.94 -20.76 0.23
C SER D 42 5.96 -19.71 0.63
N CYS D 43 7.21 -20.12 0.88
CA CYS D 43 8.22 -19.22 1.40
C CYS D 43 9.40 -19.10 0.47
N SER D 44 10.01 -17.91 0.46
CA SER D 44 11.31 -17.71 -0.19
C SER D 44 12.37 -17.83 0.92
N PRO D 45 13.66 -17.62 0.59
CA PRO D 45 14.63 -17.42 1.66
C PRO D 45 14.41 -16.14 2.52
N LEU D 46 13.55 -15.21 2.10
CA LEU D 46 13.30 -13.96 2.85
C LEU D 46 11.88 -13.77 3.45
N GLU D 47 10.84 -14.36 2.87
CA GLU D 47 9.47 -14.17 3.38
C GLU D 47 8.53 -15.32 3.07
N CYS D 48 7.42 -15.41 3.80
CA CYS D 48 6.37 -16.38 3.52
C CYS D 48 5.20 -15.58 2.96
N ARG D 49 4.55 -16.12 1.93
CA ARG D 49 3.42 -15.47 1.25
C ARG D 49 2.29 -16.43 1.14
N THR D 50 1.07 -15.89 1.15
CA THR D 50 -0.12 -16.64 0.87
C THR D 50 -0.53 -16.40 -0.59
N PHE D 51 -0.74 -17.49 -1.30
CA PHE D 51 -1.12 -17.54 -2.69
C PHE D 51 -2.57 -17.99 -2.61
N PHE D 52 -3.38 -17.58 -3.55
CA PHE D 52 -4.81 -17.97 -3.56
C PHE D 52 -5.39 -17.68 -4.91
N LEU D 53 -6.52 -18.35 -5.21
CA LEU D 53 -7.24 -18.17 -6.46
C LEU D 53 -8.46 -17.32 -6.18
N THR D 54 -8.42 -16.06 -6.62
CA THR D 54 -9.56 -15.17 -6.47
C THR D 54 -10.67 -15.59 -7.41
N GLN D 55 -11.86 -15.03 -7.19
CA GLN D 55 -12.96 -15.23 -8.12
C GLN D 55 -13.18 -13.93 -8.92
N GLY D 56 -12.20 -13.03 -8.88
CA GLY D 56 -12.32 -11.78 -9.63
C GLY D 56 -13.42 -10.85 -9.15
N ALA D 57 -13.76 -10.96 -7.84
CA ALA D 57 -14.91 -10.32 -7.15
C ALA D 57 -14.54 -10.04 -5.69
N LEU D 58 -15.15 -9.04 -5.07
CA LEU D 58 -14.97 -8.83 -3.64
C LEU D 58 -16.14 -9.40 -2.82
N LEU D 59 -15.85 -9.83 -1.59
CA LEU D 59 -16.92 -10.18 -0.60
C LEU D 59 -17.96 -9.06 -0.37
N ASN D 60 -19.19 -9.51 -0.20
CA ASN D 60 -20.34 -8.67 0.00
C ASN D 60 -20.66 -7.76 -1.19
N ASP D 61 -20.10 -8.04 -2.38
CA ASP D 61 -20.48 -7.40 -3.61
C ASP D 61 -21.29 -8.43 -4.45
N LYS D 62 -22.14 -7.95 -5.36
CA LYS D 62 -23.02 -8.84 -6.13
C LYS D 62 -22.21 -9.76 -7.06
N HIS D 63 -20.98 -9.35 -7.42
CA HIS D 63 -20.15 -10.23 -8.29
C HIS D 63 -19.65 -11.51 -7.59
N SER D 64 -19.79 -11.57 -6.27
CA SER D 64 -19.54 -12.82 -5.52
C SER D 64 -20.61 -13.88 -5.77
N ASN D 65 -21.74 -13.51 -6.36
CA ASN D 65 -22.81 -14.47 -6.69
C ASN D 65 -22.30 -15.64 -7.56
N GLY D 66 -22.63 -16.86 -7.18
CA GLY D 66 -22.31 -18.03 -7.98
C GLY D 66 -20.88 -18.50 -7.84
N THR D 67 -20.17 -18.02 -6.79
CA THR D 67 -18.76 -18.37 -6.62
C THR D 67 -18.56 -19.76 -6.04
N ILE D 68 -19.65 -20.53 -5.88
CA ILE D 68 -19.47 -22.00 -5.76
C ILE D 68 -18.73 -22.56 -6.99
N LYS D 69 -18.93 -21.94 -8.15
CA LYS D 69 -18.38 -22.44 -9.41
C LYS D 69 -16.86 -22.43 -9.42
N ASP D 70 -16.26 -23.56 -9.76
CA ASP D 70 -14.81 -23.71 -9.67
C ASP D 70 -14.00 -22.98 -10.74
N ARG D 71 -14.49 -22.99 -11.99
CA ARG D 71 -13.61 -22.59 -13.07
C ARG D 71 -14.33 -21.51 -13.90
N SER D 72 -13.69 -20.35 -14.03
CA SER D 72 -14.21 -19.26 -14.86
C SER D 72 -13.03 -18.52 -15.49
N PRO D 73 -13.29 -17.66 -16.45
CA PRO D 73 -12.20 -16.85 -16.97
C PRO D 73 -11.76 -15.68 -16.05
N TYR D 74 -12.47 -15.47 -14.95
CA TYR D 74 -12.21 -14.35 -14.05
C TYR D 74 -11.24 -14.74 -12.96
N ARG D 75 -11.02 -16.03 -12.75
CA ARG D 75 -10.24 -16.44 -11.62
C ARG D 75 -8.78 -16.12 -11.84
N THR D 76 -8.14 -15.52 -10.83
CA THR D 76 -6.69 -15.16 -10.93
C THR D 76 -5.89 -15.66 -9.74
N LEU D 77 -4.67 -16.17 -9.97
CA LEU D 77 -3.70 -16.47 -8.91
C LEU D 77 -3.02 -15.18 -8.45
N MET D 78 -3.17 -14.86 -7.17
CA MET D 78 -2.52 -13.65 -6.57
C MET D 78 -1.87 -14.13 -5.28
N SER D 79 -1.10 -13.25 -4.67
CA SER D 79 -0.43 -13.54 -3.43
C SER D 79 -0.36 -12.30 -2.57
N CYS D 80 -0.29 -12.53 -1.26
CA CYS D 80 0.01 -11.48 -0.32
C CYS D 80 0.89 -11.96 0.82
N PRO D 81 1.29 -11.06 1.72
CA PRO D 81 2.09 -11.51 2.84
C PRO D 81 1.27 -12.37 3.80
N ILE D 82 1.91 -13.38 4.38
CA ILE D 82 1.21 -14.30 5.26
C ILE D 82 0.49 -13.55 6.39
N GLY D 83 -0.74 -14.00 6.64
CA GLY D 83 -1.57 -13.43 7.66
C GLY D 83 -2.35 -12.16 7.32
N GLU D 84 -2.11 -11.58 6.14
CA GLU D 84 -2.91 -10.43 5.68
C GLU D 84 -4.11 -10.91 4.88
N VAL D 85 -5.20 -10.17 4.97
CA VAL D 85 -6.36 -10.47 4.14
C VAL D 85 -5.98 -10.25 2.66
N PRO D 86 -6.50 -11.10 1.78
CA PRO D 86 -6.32 -10.91 0.36
C PRO D 86 -7.15 -9.71 -0.18
N SER D 87 -6.57 -8.51 -0.28
CA SER D 87 -7.27 -7.32 -0.86
C SER D 87 -6.65 -6.90 -2.22
N PRO D 88 -7.43 -6.26 -3.10
CA PRO D 88 -6.75 -5.73 -4.27
C PRO D 88 -5.64 -4.72 -3.89
N TYR D 89 -5.64 -4.19 -2.66
CA TYR D 89 -4.70 -3.12 -2.26
C TYR D 89 -3.43 -3.65 -1.62
N ASN D 90 -3.33 -4.94 -1.40
CA ASN D 90 -2.07 -5.56 -0.89
C ASN D 90 -1.64 -6.78 -1.65
N SER D 91 -2.33 -7.10 -2.74
CA SER D 91 -2.12 -8.39 -3.39
C SER D 91 -1.37 -8.23 -4.68
N ARG D 92 -0.38 -9.09 -4.89
CA ARG D 92 0.46 -9.10 -6.06
C ARG D 92 -0.21 -9.99 -7.03
N PHE D 93 -0.42 -9.50 -8.26
CA PHE D 93 -0.96 -10.33 -9.32
C PHE D 93 0.04 -11.44 -9.78
N GLU D 94 -0.38 -12.70 -9.88
CA GLU D 94 0.56 -13.72 -10.36
C GLU D 94 0.24 -14.27 -11.76
N SER D 95 -1.01 -14.64 -12.00
CA SER D 95 -1.36 -15.37 -13.20
C SER D 95 -2.86 -15.48 -13.27
N VAL D 96 -3.34 -15.73 -14.48
CA VAL D 96 -4.75 -15.97 -14.69
C VAL D 96 -4.88 -17.49 -14.47
N ALA D 97 -5.80 -17.91 -13.58
CA ALA D 97 -5.81 -19.31 -13.12
C ALA D 97 -7.09 -19.69 -12.36
N TRP D 98 -7.60 -20.87 -12.72
CA TRP D 98 -8.53 -21.58 -11.93
C TRP D 98 -7.95 -22.85 -11.24
N SER D 99 -6.64 -23.10 -11.38
CA SER D 99 -5.89 -24.11 -10.61
C SER D 99 -4.42 -23.69 -10.69
N ALA D 100 -3.64 -23.91 -9.64
CA ALA D 100 -2.31 -23.27 -9.55
C ALA D 100 -1.33 -23.99 -8.63
N SER D 101 -0.06 -23.61 -8.77
CA SER D 101 0.98 -23.95 -7.83
C SER D 101 1.99 -22.81 -7.87
N ALA D 102 2.81 -22.71 -6.81
CA ALA D 102 3.95 -21.81 -6.79
C ALA D 102 4.99 -22.27 -5.78
N CYS D 103 6.25 -21.91 -6.04
CA CYS D 103 7.36 -22.16 -5.15
C CYS D 103 8.59 -21.32 -5.56
N HIS D 104 9.50 -21.14 -4.60
CA HIS D 104 10.66 -20.30 -4.77
C HIS D 104 11.90 -21.20 -4.74
N ASP D 105 12.77 -21.07 -5.73
CA ASP D 105 13.94 -21.98 -5.88
C ASP D 105 15.17 -21.51 -5.09
N GLY D 106 15.02 -20.38 -4.41
CA GLY D 106 16.11 -19.68 -3.73
C GLY D 106 16.58 -18.44 -4.48
N ILE D 107 16.29 -18.37 -5.78
CA ILE D 107 16.59 -17.21 -6.61
C ILE D 107 15.30 -16.40 -6.95
N ASN D 108 14.28 -17.07 -7.53
CA ASN D 108 13.03 -16.42 -7.95
C ASN D 108 11.82 -17.32 -7.72
N TRP D 109 10.64 -16.72 -7.82
CA TRP D 109 9.36 -17.42 -7.75
C TRP D 109 9.07 -18.09 -9.08
N LEU D 110 8.69 -19.36 -9.01
CA LEU D 110 7.94 -20.06 -10.07
C LEU D 110 6.46 -20.00 -9.73
N THR D 111 5.64 -19.60 -10.69
CA THR D 111 4.18 -19.69 -10.60
C THR D 111 3.63 -20.46 -11.79
N ILE D 112 2.60 -21.24 -11.50
CA ILE D 112 1.93 -22.12 -12.45
C ILE D 112 0.43 -21.82 -12.38
N GLY D 113 -0.14 -21.44 -13.51
CA GLY D 113 -1.51 -20.95 -13.58
C GLY D 113 -2.21 -21.62 -14.75
N ILE D 114 -3.19 -22.45 -14.42
CA ILE D 114 -3.99 -23.13 -15.45
C ILE D 114 -5.31 -22.42 -15.70
N SER D 115 -5.53 -21.98 -16.94
CA SER D 115 -6.79 -21.39 -17.40
C SER D 115 -7.14 -21.95 -18.80
N GLY D 116 -8.22 -21.40 -19.38
CA GLY D 116 -8.78 -21.95 -20.59
C GLY D 116 -9.92 -22.92 -20.35
N PRO D 117 -10.42 -23.53 -21.45
CA PRO D 117 -11.59 -24.42 -21.36
C PRO D 117 -11.28 -25.80 -20.76
N ASP D 118 -12.30 -26.45 -20.22
CA ASP D 118 -12.16 -27.78 -19.63
C ASP D 118 -11.55 -28.82 -20.59
N ASN D 119 -11.84 -28.72 -21.88
CA ASN D 119 -11.38 -29.67 -22.88
C ASN D 119 -10.03 -29.31 -23.50
N GLY D 120 -9.41 -28.21 -23.07
CA GLY D 120 -8.11 -27.80 -23.59
C GLY D 120 -7.38 -26.79 -22.74
N ALA D 121 -7.27 -27.07 -21.45
CA ALA D 121 -6.66 -26.13 -20.52
C ALA D 121 -5.15 -26.02 -20.72
N VAL D 122 -4.60 -24.85 -20.39
CA VAL D 122 -3.17 -24.56 -20.51
C VAL D 122 -2.63 -24.01 -19.19
N ALA D 123 -1.66 -24.72 -18.65
CA ALA D 123 -0.75 -24.21 -17.61
C ALA D 123 0.24 -23.19 -18.17
N VAL D 124 0.22 -21.97 -17.63
CA VAL D 124 1.21 -20.95 -17.97
C VAL D 124 2.25 -20.94 -16.83
N LEU D 125 3.52 -21.05 -17.17
CA LEU D 125 4.62 -21.09 -16.19
C LEU D 125 5.34 -19.79 -16.27
N LYS D 126 5.59 -19.21 -15.11
CA LYS D 126 6.30 -17.95 -15.04
C LYS D 126 7.43 -18.12 -14.06
N TYR D 127 8.55 -17.50 -14.39
CA TYR D 127 9.69 -17.43 -13.47
C TYR D 127 10.01 -15.93 -13.32
N ASN D 128 10.01 -15.43 -12.08
CA ASN D 128 10.09 -13.99 -11.78
C ASN D 128 9.02 -13.18 -12.55
N GLY D 129 7.83 -13.73 -12.70
CA GLY D 129 6.77 -13.01 -13.42
C GLY D 129 6.90 -12.93 -14.93
N ILE D 130 7.87 -13.62 -15.52
CA ILE D 130 7.97 -13.67 -16.97
C ILE D 130 7.52 -15.03 -17.38
N ILE D 131 6.69 -15.09 -18.43
CA ILE D 131 6.31 -16.36 -18.99
C ILE D 131 7.55 -17.07 -19.56
N THR D 132 7.79 -18.28 -19.08
CA THR D 132 8.89 -19.14 -19.47
C THR D 132 8.54 -20.48 -20.07
N ASP D 133 7.27 -20.90 -19.92
CA ASP D 133 6.78 -22.11 -20.59
C ASP D 133 5.26 -22.28 -20.46
N THR D 134 4.72 -23.28 -21.20
CA THR D 134 3.33 -23.66 -21.11
C THR D 134 3.17 -25.16 -21.30
N ILE D 135 2.13 -25.70 -20.68
CA ILE D 135 1.81 -27.06 -21.00
C ILE D 135 0.30 -27.21 -21.08
N LYS D 136 -0.14 -27.90 -22.10
CA LYS D 136 -1.53 -27.99 -22.40
C LYS D 136 -2.07 -29.33 -21.97
N SER D 137 -3.37 -29.37 -21.75
CA SER D 137 -4.13 -30.58 -21.46
C SER D 137 -3.80 -31.68 -22.48
N TRP D 138 -3.45 -32.88 -22.00
CA TRP D 138 -3.13 -34.03 -22.85
C TRP D 138 -4.24 -35.12 -22.81
N ARG D 139 -5.24 -34.98 -21.94
CA ARG D 139 -6.45 -35.82 -21.96
C ARG D 139 -7.74 -35.04 -22.20
N ASN D 140 -7.63 -33.72 -22.37
CA ASN D 140 -8.76 -32.84 -22.68
C ASN D 140 -9.83 -32.88 -21.61
N ASN D 141 -9.43 -33.01 -20.35
CA ASN D 141 -10.44 -33.17 -19.30
C ASN D 141 -10.00 -32.57 -17.97
N ILE D 142 -10.10 -31.24 -17.94
CA ILE D 142 -9.74 -30.39 -16.79
C ILE D 142 -8.32 -30.66 -16.27
N LEU D 143 -7.31 -30.30 -17.07
CA LEU D 143 -5.92 -30.22 -16.60
C LEU D 143 -5.94 -29.49 -15.28
N ARG D 144 -5.34 -30.07 -14.27
CA ARG D 144 -5.37 -29.49 -12.93
C ARG D 144 -4.14 -29.81 -12.10
N THR D 145 -3.75 -28.91 -11.19
CA THR D 145 -2.55 -29.16 -10.39
C THR D 145 -2.76 -29.07 -8.88
N GLN D 146 -1.69 -28.81 -8.13
CA GLN D 146 -1.65 -29.02 -6.68
C GLN D 146 -2.62 -28.21 -5.80
N GLU D 147 -2.76 -26.91 -6.08
CA GLU D 147 -3.37 -25.94 -5.13
C GLU D 147 -2.48 -25.77 -3.85
N SER D 148 -1.22 -26.07 -3.99
CA SER D 148 -0.27 -25.86 -2.93
C SER D 148 1.11 -25.69 -3.53
N GLU D 149 2.08 -25.47 -2.68
CA GLU D 149 3.40 -25.16 -3.15
C GLU D 149 4.03 -26.35 -3.83
N CYS D 150 4.68 -26.06 -4.95
CA CYS D 150 5.65 -27.00 -5.53
C CYS D 150 6.86 -27.13 -4.61
N ALA D 151 7.73 -28.09 -4.92
CA ALA D 151 8.90 -28.40 -4.09
C ALA D 151 10.20 -28.24 -4.86
N CYS D 152 11.22 -27.63 -4.22
CA CYS D 152 12.47 -27.33 -4.90
C CYS D 152 13.68 -27.97 -4.21
N VAL D 153 14.59 -28.46 -5.06
CA VAL D 153 15.85 -29.07 -4.63
C VAL D 153 16.94 -28.64 -5.62
N ASN D 154 17.96 -27.97 -5.10
CA ASN D 154 19.14 -27.59 -5.85
C ASN D 154 18.85 -27.00 -7.24
N GLY D 155 17.90 -26.07 -7.29
CA GLY D 155 17.64 -25.34 -8.52
C GLY D 155 16.59 -25.93 -9.43
N SER D 156 16.07 -27.10 -9.08
CA SER D 156 14.98 -27.73 -9.83
C SER D 156 13.74 -27.69 -8.95
N CYS D 157 12.58 -27.41 -9.54
CA CYS D 157 11.31 -27.44 -8.84
C CYS D 157 10.40 -28.46 -9.48
N PHE D 158 9.54 -29.03 -8.66
CA PHE D 158 8.78 -30.20 -9.08
C PHE D 158 7.32 -30.01 -8.73
N THR D 159 6.44 -30.49 -9.62
CA THR D 159 5.02 -30.51 -9.32
C THR D 159 4.33 -31.71 -9.96
N VAL D 160 3.06 -31.91 -9.62
CA VAL D 160 2.26 -33.01 -10.18
C VAL D 160 1.00 -32.37 -10.82
N MET D 161 0.57 -32.91 -11.96
CA MET D 161 -0.69 -32.48 -12.60
C MET D 161 -1.52 -33.67 -13.01
N THR D 162 -2.82 -33.47 -12.99
CA THR D 162 -3.79 -34.53 -13.32
C THR D 162 -4.65 -34.11 -14.50
N ASP D 163 -4.98 -35.05 -15.37
CA ASP D 163 -5.91 -34.78 -16.47
C ASP D 163 -6.72 -36.04 -16.66
N GLY D 164 -8.03 -35.91 -16.76
CA GLY D 164 -8.95 -37.05 -16.91
C GLY D 164 -10.09 -36.95 -15.92
N PRO D 165 -10.93 -38.01 -15.85
CA PRO D 165 -12.06 -38.10 -14.91
C PRO D 165 -11.68 -37.89 -13.43
N SER D 166 -12.59 -37.29 -12.68
CA SER D 166 -12.49 -37.17 -11.20
C SER D 166 -13.26 -38.28 -10.46
N ASN D 167 -13.94 -39.14 -11.21
CA ASN D 167 -14.65 -40.30 -10.66
C ASN D 167 -14.18 -41.64 -11.24
N GLY D 168 -12.91 -41.72 -11.61
CA GLY D 168 -12.36 -42.91 -12.21
C GLY D 168 -10.87 -42.77 -12.42
N GLN D 169 -10.29 -43.77 -13.07
CA GLN D 169 -8.91 -43.71 -13.49
C GLN D 169 -8.66 -42.42 -14.25
N ALA D 170 -7.57 -41.71 -13.94
CA ALA D 170 -7.16 -40.54 -14.75
C ALA D 170 -5.68 -40.67 -15.05
N SER D 171 -5.05 -39.62 -15.60
CA SER D 171 -3.64 -39.61 -15.95
C SER D 171 -2.86 -38.62 -15.04
N TYR D 172 -1.68 -39.02 -14.60
CA TYR D 172 -0.93 -38.24 -13.58
C TYR D 172 0.49 -38.06 -14.05
N LYS D 173 0.95 -36.82 -14.08
CA LYS D 173 2.27 -36.52 -14.61
C LYS D 173 3.07 -35.73 -13.58
N ILE D 174 4.36 -36.00 -13.51
CA ILE D 174 5.27 -35.28 -12.64
C ILE D 174 6.21 -34.49 -13.54
N PHE D 175 6.60 -33.31 -13.08
CA PHE D 175 7.38 -32.38 -13.89
C PHE D 175 8.62 -31.88 -13.14
N ARG D 176 9.72 -31.75 -13.88
CA ARG D 176 10.92 -31.08 -13.38
C ARG D 176 11.05 -29.77 -14.11
N ILE D 177 11.15 -28.68 -13.35
CA ILE D 177 11.12 -27.31 -13.87
C ILE D 177 12.36 -26.57 -13.37
N GLU D 178 13.17 -26.06 -14.30
CA GLU D 178 14.33 -25.25 -13.92
C GLU D 178 14.21 -23.87 -14.54
N LYS D 179 14.19 -22.90 -13.65
CA LYS D 179 14.00 -21.52 -14.02
C LYS D 179 12.74 -21.33 -14.87
N GLY D 180 11.69 -22.04 -14.52
CA GLY D 180 10.40 -21.96 -15.26
C GLY D 180 10.25 -22.76 -16.55
N LYS D 181 11.31 -23.46 -16.94
CA LYS D 181 11.26 -24.29 -18.10
C LYS D 181 11.14 -25.75 -17.68
N ILE D 182 10.18 -26.44 -18.32
CA ILE D 182 9.98 -27.84 -18.04
C ILE D 182 11.18 -28.53 -18.71
N VAL D 183 12.02 -29.16 -17.90
CA VAL D 183 13.15 -29.93 -18.44
C VAL D 183 12.90 -31.43 -18.52
N LYS D 184 11.95 -31.93 -17.75
CA LYS D 184 11.56 -33.32 -17.87
C LYS D 184 10.14 -33.52 -17.33
N SER D 185 9.41 -34.45 -17.93
CA SER D 185 8.11 -34.89 -17.40
C SER D 185 7.91 -36.41 -17.61
N VAL D 186 7.16 -37.04 -16.74
CA VAL D 186 7.00 -38.49 -16.79
C VAL D 186 5.55 -38.72 -16.45
N GLU D 187 4.91 -39.65 -17.14
CA GLU D 187 3.54 -40.03 -16.81
C GLU D 187 3.59 -41.19 -15.84
N MET D 188 2.91 -41.05 -14.72
CA MET D 188 2.87 -42.11 -13.72
C MET D 188 2.07 -43.34 -14.21
N ASN D 189 2.73 -44.50 -14.15
CA ASN D 189 2.09 -45.79 -14.36
C ASN D 189 1.44 -46.15 -13.04
N ALA D 190 0.13 -45.88 -12.90
CA ALA D 190 -0.53 -46.01 -11.61
C ALA D 190 -1.94 -46.55 -11.75
N PRO D 191 -2.04 -47.81 -12.22
CA PRO D 191 -3.36 -48.34 -12.50
C PRO D 191 -4.09 -48.64 -11.19
N ASN D 192 -5.36 -48.27 -11.14
CA ASN D 192 -6.18 -48.36 -9.92
C ASN D 192 -5.77 -47.36 -8.80
N TYR D 193 -4.90 -46.40 -9.13
CA TYR D 193 -4.52 -45.32 -8.21
C TYR D 193 -5.20 -44.07 -8.77
N TYR D 194 -5.51 -43.11 -7.89
CA TYR D 194 -5.93 -41.77 -8.31
C TYR D 194 -5.21 -40.70 -7.48
N TYR D 195 -4.61 -39.74 -8.16
CA TYR D 195 -3.86 -38.64 -7.54
C TYR D 195 -4.40 -37.31 -8.06
N GLU D 196 -4.64 -36.38 -7.14
CA GLU D 196 -4.81 -34.95 -7.49
C GLU D 196 -4.59 -34.07 -6.26
N GLU D 197 -4.53 -32.76 -6.49
CA GLU D 197 -4.28 -31.77 -5.42
C GLU D 197 -3.18 -32.23 -4.47
N CYS D 198 -2.07 -32.66 -5.06
CA CYS D 198 -0.95 -33.19 -4.30
C CYS D 198 -0.30 -32.15 -3.40
N SER D 199 0.03 -32.56 -2.18
CA SER D 199 0.84 -31.69 -1.30
C SER D 199 2.26 -32.29 -1.29
N CYS D 200 3.21 -31.56 -1.83
CA CYS D 200 4.58 -32.09 -2.03
C CYS D 200 5.63 -31.28 -1.28
N TYR D 201 6.58 -31.97 -0.65
CA TYR D 201 7.66 -31.29 0.08
C TYR D 201 9.01 -31.98 -0.17
N PRO D 202 10.12 -31.23 -0.06
CA PRO D 202 11.45 -31.82 -0.19
C PRO D 202 11.92 -32.38 1.16
N ASP D 203 12.75 -33.40 1.09
CA ASP D 203 13.22 -34.11 2.27
C ASP D 203 14.40 -34.95 1.78
N SER D 204 15.62 -34.56 2.14
CA SER D 204 16.85 -35.30 1.79
C SER D 204 17.06 -35.42 0.27
N SER D 205 16.85 -34.30 -0.44
CA SER D 205 17.00 -34.22 -1.91
C SER D 205 15.94 -34.94 -2.77
N GLU D 206 14.92 -35.49 -2.13
CA GLU D 206 13.85 -36.20 -2.83
C GLU D 206 12.50 -35.54 -2.49
N ILE D 207 11.49 -35.84 -3.31
CA ILE D 207 10.17 -35.19 -3.15
C ILE D 207 9.18 -36.23 -2.68
N THR D 208 8.45 -35.93 -1.62
CA THR D 208 7.28 -36.73 -1.24
C THR D 208 5.99 -35.95 -1.38
N CYS D 209 5.03 -36.53 -2.08
CA CYS D 209 3.70 -35.94 -2.28
C CYS D 209 2.64 -36.80 -1.63
N VAL D 210 1.68 -36.17 -0.94
CA VAL D 210 0.50 -36.83 -0.40
C VAL D 210 -0.70 -36.11 -1.00
N CYS D 211 -1.63 -36.90 -1.53
CA CYS D 211 -2.61 -36.40 -2.49
C CYS D 211 -4.04 -36.79 -2.14
N ARG D 212 -4.96 -36.50 -3.06
CA ARG D 212 -6.36 -36.82 -2.89
C ARG D 212 -6.79 -37.87 -3.91
N ASP D 213 -7.25 -39.01 -3.39
CA ASP D 213 -7.97 -40.00 -4.19
C ASP D 213 -9.45 -39.68 -4.17
N ASN D 214 -9.93 -39.12 -5.29
CA ASN D 214 -11.33 -38.75 -5.45
C ASN D 214 -12.18 -39.87 -6.00
N TRP D 215 -11.53 -40.91 -6.51
CA TRP D 215 -12.20 -42.04 -7.14
C TRP D 215 -12.74 -43.07 -6.13
N HIS D 216 -11.85 -43.66 -5.36
CA HIS D 216 -12.23 -44.79 -4.52
C HIS D 216 -11.26 -45.04 -3.35
N GLY D 217 -10.81 -43.96 -2.72
CA GLY D 217 -9.81 -44.06 -1.65
C GLY D 217 -10.12 -43.10 -0.53
N SER D 218 -10.31 -43.63 0.68
CA SER D 218 -10.56 -42.79 1.85
C SER D 218 -9.31 -42.63 2.74
N ASN D 219 -8.27 -43.39 2.40
CA ASN D 219 -6.90 -43.08 2.78
C ASN D 219 -6.23 -42.28 1.67
N ARG D 220 -5.08 -41.68 1.98
CA ARG D 220 -4.41 -40.84 0.97
C ARG D 220 -3.35 -41.57 0.14
N PRO D 221 -3.38 -41.38 -1.19
CA PRO D 221 -2.28 -41.84 -2.01
C PRO D 221 -1.01 -41.01 -1.82
N TRP D 222 0.15 -41.64 -2.04
CA TRP D 222 1.44 -40.90 -2.09
C TRP D 222 2.32 -41.26 -3.29
N VAL D 223 3.24 -40.37 -3.62
CA VAL D 223 4.23 -40.61 -4.68
C VAL D 223 5.46 -39.86 -4.22
N SER D 224 6.59 -40.55 -4.31
CA SER D 224 7.83 -39.95 -4.01
C SER D 224 8.77 -40.15 -5.17
N PHE D 225 9.70 -39.23 -5.34
CA PHE D 225 10.58 -39.29 -6.49
C PHE D 225 11.88 -38.53 -6.27
N ASN D 226 12.86 -38.84 -7.10
CA ASN D 226 14.14 -38.16 -7.06
C ASN D 226 14.16 -37.13 -8.16
N GLN D 227 15.28 -36.43 -8.27
CA GLN D 227 15.41 -35.34 -9.22
C GLN D 227 15.28 -35.78 -10.68
N ASN D 228 15.51 -37.07 -10.97
CA ASN D 228 15.32 -37.60 -12.32
C ASN D 228 13.89 -38.13 -12.56
N LEU D 229 12.99 -37.90 -11.61
CA LEU D 229 11.61 -38.29 -11.73
C LEU D 229 11.40 -39.79 -11.75
N GLU D 230 12.38 -40.55 -11.23
CA GLU D 230 12.20 -41.97 -10.97
C GLU D 230 11.41 -42.05 -9.68
N TYR D 231 10.27 -42.72 -9.72
CA TYR D 231 9.29 -42.60 -8.64
C TYR D 231 8.90 -43.93 -8.00
N GLN D 232 8.27 -43.82 -6.84
CA GLN D 232 7.60 -44.92 -6.15
C GLN D 232 6.20 -44.47 -5.72
N ILE D 233 5.27 -45.40 -5.59
CA ILE D 233 3.86 -45.04 -5.32
C ILE D 233 3.23 -45.92 -4.27
N GLY D 234 2.18 -45.42 -3.62
CA GLY D 234 1.50 -46.19 -2.56
C GLY D 234 0.40 -45.41 -1.90
N TYR D 235 -0.24 -46.00 -0.88
CA TYR D 235 -1.23 -45.28 -0.06
C TYR D 235 -0.83 -45.40 1.41
N ILE D 236 -1.16 -44.39 2.19
CA ILE D 236 -0.84 -44.33 3.61
C ILE D 236 -1.61 -45.46 4.31
N CYS D 237 -0.88 -46.34 4.97
CA CYS D 237 -1.47 -47.62 5.46
C CYS D 237 -2.35 -47.47 6.70
N SER D 238 -2.14 -46.41 7.46
CA SER D 238 -2.84 -46.17 8.73
C SER D 238 -4.34 -46.35 8.65
N GLY D 239 -4.87 -47.01 9.67
CA GLY D 239 -6.31 -47.11 9.90
C GLY D 239 -6.97 -45.81 10.36
N ILE D 240 -6.14 -44.79 10.64
CA ILE D 240 -6.55 -43.40 10.84
C ILE D 240 -6.63 -42.74 9.44
N PHE D 241 -7.82 -42.85 8.85
CA PHE D 241 -8.02 -42.50 7.44
C PHE D 241 -7.96 -40.99 7.28
N GLY D 242 -7.26 -40.55 6.25
CA GLY D 242 -6.95 -39.13 6.06
C GLY D 242 -7.88 -38.28 5.22
N ASP D 243 -8.63 -38.90 4.30
CA ASP D 243 -9.52 -38.14 3.40
C ASP D 243 -10.83 -37.71 4.09
N ASN D 244 -11.61 -36.90 3.40
CA ASN D 244 -12.97 -36.58 3.78
C ASN D 244 -13.83 -36.58 2.48
N PRO D 245 -14.86 -37.41 2.36
CA PRO D 245 -15.36 -38.29 3.40
C PRO D 245 -14.50 -39.54 3.63
N ARG D 246 -14.82 -40.28 4.67
CA ARG D 246 -14.09 -41.48 5.05
C ARG D 246 -14.98 -42.25 6.03
N PRO D 247 -14.65 -43.52 6.30
CA PRO D 247 -15.34 -44.23 7.36
C PRO D 247 -14.69 -43.90 8.70
N ASN D 248 -15.32 -44.39 9.77
CA ASN D 248 -14.72 -44.38 11.10
C ASN D 248 -13.45 -45.20 11.05
N ASP D 249 -12.50 -44.86 11.90
CA ASP D 249 -11.18 -45.50 11.92
C ASP D 249 -11.34 -46.98 12.25
N LYS D 250 -10.52 -47.79 11.59
CA LYS D 250 -10.56 -49.26 11.71
C LYS D 250 -9.30 -49.71 11.00
N THR D 251 -9.13 -51.01 10.73
CA THR D 251 -7.96 -51.49 10.00
C THR D 251 -7.83 -50.84 8.62
N GLY D 252 -6.64 -50.33 8.32
CA GLY D 252 -6.38 -49.63 7.07
C GLY D 252 -5.94 -50.54 5.95
N SER D 253 -5.40 -49.95 4.89
CA SER D 253 -4.88 -50.72 3.74
C SER D 253 -3.75 -49.96 3.10
N CYS D 254 -2.77 -50.68 2.55
CA CYS D 254 -1.67 -50.05 1.83
C CYS D 254 -2.00 -49.76 0.35
N GLY D 255 -3.20 -50.15 -0.10
CA GLY D 255 -3.82 -49.63 -1.34
C GLY D 255 -5.05 -48.77 -1.03
N PRO D 256 -5.84 -48.39 -2.06
CA PRO D 256 -6.99 -47.51 -1.78
C PRO D 256 -8.06 -48.18 -0.90
N VAL D 257 -8.55 -47.47 0.12
CA VAL D 257 -9.66 -47.95 0.96
C VAL D 257 -10.97 -47.50 0.32
N SER D 258 -11.73 -48.45 -0.24
CA SER D 258 -12.88 -48.11 -1.08
C SER D 258 -14.06 -47.58 -0.29
N SER D 259 -14.18 -47.97 0.98
CA SER D 259 -15.25 -47.50 1.85
C SER D 259 -15.24 -45.98 2.00
N ASN D 260 -16.35 -45.36 1.62
CA ASN D 260 -16.50 -43.91 1.52
C ASN D 260 -15.41 -43.27 0.65
N GLY D 261 -14.88 -44.05 -0.32
CA GLY D 261 -13.68 -43.66 -1.04
C GLY D 261 -13.90 -42.57 -2.06
N ALA D 262 -15.10 -42.52 -2.64
CA ALA D 262 -15.36 -41.56 -3.71
C ALA D 262 -15.44 -40.19 -3.08
N ASN D 263 -15.10 -39.18 -3.88
CA ASN D 263 -14.99 -37.82 -3.40
C ASN D 263 -13.79 -37.68 -2.44
N GLY D 264 -13.62 -36.51 -1.83
CA GLY D 264 -12.41 -36.26 -1.02
C GLY D 264 -12.22 -34.78 -0.71
N VAL D 265 -11.05 -34.46 -0.20
CA VAL D 265 -10.63 -33.09 0.07
C VAL D 265 -9.11 -33.04 -0.10
N LYS D 266 -8.56 -31.90 -0.55
CA LYS D 266 -7.11 -31.74 -0.62
C LYS D 266 -6.56 -31.83 0.80
N GLY D 267 -5.45 -32.53 0.94
CA GLY D 267 -4.80 -32.74 2.22
C GLY D 267 -3.33 -33.00 2.13
N PHE D 268 -2.77 -33.30 3.31
CA PHE D 268 -1.34 -33.54 3.39
C PHE D 268 -1.02 -34.54 4.52
N SER D 269 0.21 -35.03 4.48
CA SER D 269 0.81 -35.72 5.63
C SER D 269 2.32 -35.63 5.54
N PHE D 270 3.01 -35.85 6.65
CA PHE D 270 4.48 -35.81 6.66
C PHE D 270 4.99 -37.19 7.12
N LYS D 271 5.90 -37.72 6.31
CA LYS D 271 6.52 -39.03 6.53
C LYS D 271 7.77 -38.88 7.38
N TYR D 272 7.85 -39.69 8.43
CA TYR D 272 9.03 -39.79 9.27
C TYR D 272 9.32 -41.29 9.45
N GLY D 273 10.09 -41.84 8.53
CA GLY D 273 10.32 -43.31 8.49
C GLY D 273 9.04 -44.12 8.29
N ASN D 274 8.73 -44.98 9.26
CA ASN D 274 7.48 -45.73 9.31
C ASN D 274 6.33 -44.95 9.94
N GLY D 275 6.61 -43.79 10.52
CA GLY D 275 5.55 -42.95 11.10
C GLY D 275 5.08 -41.84 10.18
N VAL D 276 4.00 -41.18 10.60
CA VAL D 276 3.28 -40.21 9.80
C VAL D 276 2.55 -39.22 10.73
N TRP D 277 2.71 -37.94 10.43
CA TRP D 277 1.88 -36.85 10.98
C TRP D 277 0.77 -36.65 9.98
N ILE D 278 -0.47 -36.86 10.42
CA ILE D 278 -1.63 -36.77 9.56
C ILE D 278 -2.35 -35.48 9.96
N GLY D 279 -2.66 -34.63 8.99
CA GLY D 279 -3.69 -33.60 9.18
C GLY D 279 -4.97 -34.09 8.56
N ARG D 280 -6.09 -33.90 9.26
CA ARG D 280 -7.37 -34.27 8.67
C ARG D 280 -8.51 -33.55 9.35
N THR D 281 -9.67 -33.66 8.73
CA THR D 281 -10.90 -33.10 9.27
C THR D 281 -11.31 -33.92 10.51
N LYS D 282 -12.17 -33.38 11.38
CA LYS D 282 -12.66 -34.13 12.56
C LYS D 282 -13.94 -34.90 12.21
N SER D 283 -14.75 -34.35 11.32
CA SER D 283 -15.93 -35.03 10.82
C SER D 283 -15.51 -36.05 9.76
N ILE D 284 -16.19 -37.20 9.72
CA ILE D 284 -15.96 -38.24 8.70
C ILE D 284 -16.77 -38.00 7.40
N SER D 285 -17.76 -37.11 7.47
CA SER D 285 -18.67 -36.89 6.35
C SER D 285 -18.63 -35.52 5.75
N SER D 286 -18.24 -34.49 6.49
CA SER D 286 -18.14 -33.15 5.89
C SER D 286 -16.90 -32.38 6.32
N ARG D 287 -16.67 -31.25 5.66
CA ARG D 287 -15.47 -30.47 5.92
C ARG D 287 -15.63 -29.65 7.21
N ASN D 288 -15.52 -30.33 8.34
CA ASN D 288 -15.68 -29.73 9.65
C ASN D 288 -14.56 -30.18 10.57
N GLY D 289 -13.99 -29.22 11.26
CA GLY D 289 -12.93 -29.52 12.18
C GLY D 289 -11.61 -29.79 11.47
N PHE D 290 -10.58 -29.79 12.27
CA PHE D 290 -9.29 -30.23 11.82
C PHE D 290 -8.46 -30.66 13.05
N GLU D 291 -7.60 -31.65 12.85
CA GLU D 291 -6.74 -32.16 13.92
C GLU D 291 -5.51 -32.72 13.31
N MET D 292 -4.38 -32.66 14.03
CA MET D 292 -3.15 -33.30 13.67
C MET D 292 -2.95 -34.54 14.54
N ILE D 293 -2.56 -35.66 13.91
CA ILE D 293 -2.40 -36.96 14.59
C ILE D 293 -1.04 -37.55 14.27
N TRP D 294 -0.22 -37.80 15.29
CA TRP D 294 1.06 -38.50 15.09
C TRP D 294 0.85 -40.00 15.25
N ASP D 295 1.09 -40.74 14.18
CA ASP D 295 0.94 -42.20 14.21
C ASP D 295 2.32 -42.79 13.91
N PRO D 296 3.02 -43.27 14.95
CA PRO D 296 4.43 -43.68 14.79
C PRO D 296 4.69 -44.87 13.84
N ASN D 297 3.65 -45.61 13.44
CA ASN D 297 3.79 -46.64 12.38
C ASN D 297 2.73 -46.52 11.26
N GLY D 298 2.12 -45.34 11.15
CA GLY D 298 1.01 -45.14 10.23
C GLY D 298 1.37 -45.06 8.75
N TRP D 299 2.61 -44.74 8.41
CA TRP D 299 2.95 -44.74 6.98
C TRP D 299 2.77 -46.14 6.40
N THR D 300 3.33 -47.14 7.09
CA THR D 300 3.40 -48.54 6.60
C THR D 300 2.55 -49.59 7.34
N GLY D 301 2.07 -49.27 8.55
CA GLY D 301 1.18 -50.13 9.32
C GLY D 301 -0.30 -49.75 9.24
N THR D 302 -1.15 -50.78 9.38
CA THR D 302 -2.59 -50.66 9.09
C THR D 302 -3.50 -50.60 10.32
N ASP D 303 -2.95 -50.70 11.52
CA ASP D 303 -3.74 -50.48 12.73
C ASP D 303 -4.22 -49.02 12.83
N ASN D 304 -5.24 -48.81 13.65
CA ASN D 304 -5.80 -47.48 13.92
C ASN D 304 -5.40 -46.97 15.30
N ASN D 305 -4.20 -47.31 15.75
CA ASN D 305 -3.65 -46.76 16.98
C ASN D 305 -2.71 -45.61 16.63
N PHE D 306 -2.75 -44.55 17.44
CA PHE D 306 -1.88 -43.38 17.26
C PHE D 306 -1.44 -42.94 18.62
N SER D 307 -0.42 -42.09 18.66
CA SER D 307 0.15 -41.69 19.91
C SER D 307 -0.18 -40.22 20.31
N ILE D 308 -0.26 -39.27 19.36
CA ILE D 308 -0.57 -37.85 19.68
C ILE D 308 -1.71 -37.34 18.80
N LYS D 309 -2.64 -36.59 19.40
CA LYS D 309 -3.66 -35.82 18.69
C LYS D 309 -3.61 -34.41 19.23
N GLN D 310 -3.60 -33.42 18.32
CA GLN D 310 -3.64 -32.02 18.68
C GLN D 310 -4.79 -31.41 17.92
N ASP D 311 -5.74 -30.83 18.65
CA ASP D 311 -6.86 -30.11 18.07
C ASP D 311 -6.43 -28.79 17.41
N ILE D 312 -7.07 -28.50 16.27
CA ILE D 312 -6.80 -27.29 15.46
C ILE D 312 -8.10 -26.48 15.21
N VAL D 313 -9.14 -27.14 14.74
CA VAL D 313 -10.43 -26.52 14.56
C VAL D 313 -11.43 -27.49 15.17
N GLY D 314 -12.41 -26.93 15.87
CA GLY D 314 -13.44 -27.71 16.56
C GLY D 314 -14.39 -28.36 15.58
N ILE D 315 -14.89 -29.54 15.94
CA ILE D 315 -15.74 -30.37 15.07
C ILE D 315 -16.99 -29.66 14.53
N ASN D 316 -17.53 -28.70 15.27
CA ASN D 316 -18.70 -27.97 14.79
C ASN D 316 -18.35 -26.78 13.88
N GLU D 317 -17.06 -26.54 13.66
CA GLU D 317 -16.60 -25.43 12.84
C GLU D 317 -16.22 -25.89 11.42
N TRP D 318 -16.44 -25.02 10.45
CA TRP D 318 -16.13 -25.35 9.05
C TRP D 318 -14.62 -25.43 8.83
N SER D 319 -14.19 -26.43 8.07
CA SER D 319 -12.79 -26.57 7.65
C SER D 319 -12.74 -26.55 6.13
N GLY D 320 -11.88 -27.34 5.52
CA GLY D 320 -11.74 -27.38 4.06
C GLY D 320 -10.37 -27.88 3.68
N TYR D 321 -9.80 -27.30 2.63
CA TYR D 321 -8.48 -27.73 2.14
C TYR D 321 -7.43 -27.57 3.22
N SER D 322 -6.39 -28.39 3.12
CA SER D 322 -5.20 -28.20 3.91
C SER D 322 -4.00 -28.62 3.07
N GLY D 323 -2.84 -28.06 3.35
CA GLY D 323 -1.64 -28.43 2.55
C GLY D 323 -0.37 -28.16 3.30
N SER D 324 0.65 -28.92 2.98
CA SER D 324 2.00 -28.66 3.52
C SER D 324 2.68 -27.39 2.95
N PHE D 325 3.52 -26.77 3.77
CA PHE D 325 4.58 -25.89 3.26
C PHE D 325 5.78 -26.06 4.14
N VAL D 326 6.95 -25.80 3.57
CA VAL D 326 8.19 -25.95 4.31
C VAL D 326 8.93 -24.64 4.43
N GLN D 327 9.75 -24.58 5.49
CA GLN D 327 10.70 -23.51 5.68
C GLN D 327 12.07 -24.18 5.64
N HIS D 328 12.83 -23.84 4.61
CA HIS D 328 14.17 -24.35 4.39
C HIS D 328 15.18 -23.70 5.36
N PRO D 329 16.28 -24.40 5.68
CA PRO D 329 17.43 -23.86 6.42
C PRO D 329 17.91 -22.47 5.98
N GLU D 330 17.89 -22.21 4.69
CA GLU D 330 18.24 -20.90 4.13
C GLU D 330 17.41 -19.75 4.72
N LEU D 331 16.15 -20.04 5.06
CA LEU D 331 15.23 -19.09 5.71
C LEU D 331 15.36 -19.08 7.23
N THR D 332 15.42 -20.26 7.83
CA THR D 332 15.35 -20.41 9.28
C THR D 332 16.70 -20.41 10.02
N GLY D 333 17.77 -20.75 9.33
CA GLY D 333 19.05 -21.01 9.96
C GLY D 333 19.10 -22.32 10.76
N LEU D 334 18.10 -23.19 10.63
CA LEU D 334 18.15 -24.50 11.28
C LEU D 334 18.98 -25.46 10.41
N ASP D 335 19.20 -26.68 10.88
CA ASP D 335 19.92 -27.69 10.10
C ASP D 335 19.00 -28.75 9.47
N CYS D 336 17.72 -28.42 9.34
CA CYS D 336 16.71 -29.35 8.81
C CYS D 336 15.60 -28.55 8.13
N ILE D 337 14.79 -29.25 7.34
CA ILE D 337 13.66 -28.62 6.64
C ILE D 337 12.48 -28.63 7.64
N ARG D 338 11.91 -27.47 7.93
CA ARG D 338 10.84 -27.40 8.96
C ARG D 338 9.49 -27.59 8.27
N PRO D 339 8.67 -28.56 8.73
CA PRO D 339 7.32 -28.71 8.16
C PRO D 339 6.38 -27.70 8.79
N CYS D 340 5.50 -27.17 7.96
CA CYS D 340 4.42 -26.30 8.38
C CYS D 340 3.20 -26.78 7.61
N PHE D 341 2.00 -26.33 8.03
CA PHE D 341 0.78 -26.57 7.26
C PHE D 341 -0.20 -25.38 7.36
N TRP D 342 -1.17 -25.38 6.47
CA TRP D 342 -2.18 -24.36 6.46
C TRP D 342 -3.53 -25.10 6.39
N VAL D 343 -4.59 -24.41 6.76
CA VAL D 343 -5.92 -24.97 6.63
C VAL D 343 -6.79 -23.88 6.04
N GLU D 344 -7.50 -24.22 4.99
CA GLU D 344 -8.51 -23.35 4.39
C GLU D 344 -9.85 -23.51 5.16
N LEU D 345 -10.37 -22.40 5.66
CA LEU D 345 -11.63 -22.40 6.39
C LEU D 345 -12.74 -21.90 5.45
N ILE D 346 -13.55 -22.83 4.93
CA ILE D 346 -14.45 -22.51 3.81
C ILE D 346 -15.77 -22.07 4.36
N ARG D 347 -16.29 -20.98 3.84
CA ARG D 347 -17.55 -20.39 4.24
C ARG D 347 -18.44 -20.19 3.05
N GLY D 348 -19.75 -20.34 3.28
CA GLY D 348 -20.76 -20.11 2.25
C GLY D 348 -21.26 -21.40 1.65
N ARG D 349 -21.48 -21.42 0.33
CA ARG D 349 -22.03 -22.63 -0.32
C ARG D 349 -21.01 -23.77 -0.37
N PRO D 350 -21.42 -25.04 -0.35
CA PRO D 350 -22.83 -25.48 -0.41
C PRO D 350 -23.50 -25.57 0.96
N LYS D 351 -22.73 -25.50 2.05
CA LYS D 351 -23.31 -25.80 3.35
C LYS D 351 -24.03 -24.67 4.02
N GLU D 352 -23.89 -23.44 3.53
CA GLU D 352 -24.52 -22.28 4.18
C GLU D 352 -25.33 -21.52 3.17
N ASN D 353 -26.29 -20.74 3.67
CA ASN D 353 -27.33 -20.14 2.83
C ASN D 353 -26.90 -18.76 2.34
N THR D 354 -25.96 -18.77 1.41
CA THR D 354 -25.38 -17.58 0.83
C THR D 354 -25.39 -17.70 -0.68
N ILE D 355 -25.11 -16.60 -1.37
CA ILE D 355 -24.94 -16.64 -2.83
C ILE D 355 -23.49 -16.96 -3.23
N TRP D 356 -22.58 -17.02 -2.25
CA TRP D 356 -21.15 -17.02 -2.48
C TRP D 356 -20.44 -18.13 -1.70
N THR D 357 -19.20 -18.40 -2.08
CA THR D 357 -18.31 -19.28 -1.37
C THR D 357 -16.96 -18.56 -1.31
N SER D 358 -16.37 -18.53 -0.11
CA SER D 358 -15.03 -17.97 0.10
C SER D 358 -14.39 -18.63 1.31
N GLY D 359 -13.12 -18.32 1.55
CA GLY D 359 -12.29 -19.03 2.52
C GLY D 359 -11.36 -18.09 3.26
N SER D 360 -11.10 -18.36 4.54
CA SER D 360 -10.02 -17.67 5.24
C SER D 360 -8.96 -18.76 5.49
N SER D 361 -7.87 -18.40 6.15
CA SER D 361 -6.82 -19.41 6.44
C SER D 361 -6.27 -19.30 7.81
N ILE D 362 -5.69 -20.41 8.24
CA ILE D 362 -4.86 -20.48 9.48
C ILE D 362 -3.65 -21.35 9.12
N SER D 363 -2.49 -21.09 9.74
CA SER D 363 -1.32 -21.91 9.51
C SER D 363 -0.47 -22.06 10.77
N PHE D 364 0.24 -23.18 10.79
CA PHE D 364 0.87 -23.71 11.96
C PHE D 364 2.26 -24.20 11.55
N CYS D 365 3.24 -24.09 12.43
CA CYS D 365 4.57 -24.63 12.17
C CYS D 365 4.98 -25.68 13.22
N GLY D 366 5.67 -26.72 12.75
CA GLY D 366 6.14 -27.79 13.59
C GLY D 366 7.24 -27.30 14.53
N VAL D 367 7.11 -27.66 15.80
CA VAL D 367 8.13 -27.39 16.81
C VAL D 367 8.31 -28.60 17.71
N ASN D 368 9.35 -28.55 18.53
CA ASN D 368 9.60 -29.52 19.59
C ASN D 368 9.48 -28.86 20.95
N SER D 369 8.85 -27.71 21.00
CA SER D 369 8.61 -27.04 22.25
C SER D 369 7.14 -27.28 22.54
N ASP D 370 6.70 -26.75 23.67
CA ASP D 370 5.34 -26.98 24.15
C ASP D 370 4.28 -26.28 23.29
N THR D 371 3.19 -27.00 23.03
CA THR D 371 2.11 -26.51 22.18
C THR D 371 0.80 -26.80 22.89
N VAL D 372 -0.32 -26.41 22.28
CA VAL D 372 -1.64 -26.72 22.81
C VAL D 372 -2.69 -26.91 21.72
N GLY D 373 -3.64 -27.78 22.02
CA GLY D 373 -4.85 -27.93 21.23
C GLY D 373 -5.82 -26.80 21.47
N TRP D 374 -6.47 -26.32 20.41
CA TRP D 374 -7.56 -25.36 20.59
C TRP D 374 -8.42 -25.35 19.36
N SER D 375 -9.27 -24.34 19.21
CA SER D 375 -10.02 -24.15 17.96
C SER D 375 -9.86 -22.70 17.48
N TRP D 376 -9.29 -22.55 16.28
CA TRP D 376 -9.11 -21.25 15.61
C TRP D 376 -9.98 -21.24 14.35
N PRO D 377 -11.31 -21.09 14.48
CA PRO D 377 -12.17 -21.21 13.30
C PRO D 377 -12.26 -19.90 12.52
N ASP D 378 -13.03 -19.88 11.42
CA ASP D 378 -13.12 -18.70 10.56
C ASP D 378 -13.71 -17.50 11.34
N GLY D 379 -14.87 -17.71 11.97
CA GLY D 379 -15.48 -16.73 12.86
C GLY D 379 -16.44 -15.73 12.27
N ALA D 380 -16.68 -15.77 10.96
CA ALA D 380 -17.64 -14.90 10.32
C ALA D 380 -19.08 -15.32 10.67
N GLU D 381 -19.98 -14.34 10.83
CA GLU D 381 -21.42 -14.55 10.97
C GLU D 381 -22.11 -14.46 9.63
N LEU D 382 -22.56 -15.59 9.14
CA LEU D 382 -23.30 -15.68 7.89
C LEU D 382 -24.80 -15.78 8.17
N PRO D 383 -25.66 -15.39 7.23
CA PRO D 383 -25.28 -14.78 5.96
C PRO D 383 -24.80 -13.33 6.09
N PHE D 384 -24.33 -12.80 4.96
CA PHE D 384 -23.90 -11.40 4.83
C PHE D 384 -25.00 -10.55 4.22
N THR D 385 -24.83 -9.24 4.29
CA THR D 385 -25.76 -8.24 3.68
C THR D 385 -26.20 -8.58 2.24
N ILE D 386 -25.24 -9.00 1.41
CA ILE D 386 -25.48 -9.31 0.00
C ILE D 386 -26.39 -10.54 -0.21
N ASP D 387 -26.49 -11.39 0.81
CA ASP D 387 -27.32 -12.59 0.74
C ASP D 387 -28.80 -12.38 1.08
N LYS D 388 -29.18 -11.14 1.44
CA LYS D 388 -30.43 -10.84 2.18
C LYS D 388 -31.30 -9.74 1.53
C1 NAG E . -25.58 12.49 -14.52
C2 NAG E . -26.76 12.63 -13.54
C3 NAG E . -27.93 13.40 -14.13
C4 NAG E . -27.39 14.64 -14.80
C5 NAG E . -26.36 14.24 -15.87
C6 NAG E . -25.96 15.39 -16.80
C7 NAG E . -26.88 10.74 -12.01
C8 NAG E . -27.47 9.40 -11.72
N2 NAG E . -27.27 11.33 -13.14
O3 NAG E . -28.85 13.71 -13.08
O4 NAG E . -28.50 15.38 -15.36
O5 NAG E . -25.21 13.69 -15.19
O6 NAG E . -25.65 16.49 -15.95
O7 NAG E . -26.09 11.23 -11.23
C1 NAG E . -28.60 16.67 -14.71
C2 NAG E . -29.28 17.70 -15.59
C3 NAG E . -29.40 19.04 -14.84
C4 NAG E . -29.94 18.87 -13.42
C5 NAG E . -29.26 17.72 -12.70
C6 NAG E . -29.89 17.43 -11.34
C7 NAG E . -29.01 17.54 -18.03
C8 NAG E . -28.09 17.86 -19.17
N2 NAG E . -28.54 17.91 -16.83
O3 NAG E . -30.25 19.94 -15.58
O4 NAG E . -29.67 20.05 -12.66
O5 NAG E . -29.36 16.55 -13.51
O6 NAG E . -31.29 17.22 -11.54
O7 NAG E . -30.09 16.98 -18.20
C1 BMA E . -30.85 20.62 -12.08
C2 BMA E . -30.48 21.67 -11.02
C3 BMA E . -31.73 22.33 -10.42
C4 BMA E . -32.60 22.89 -11.56
C5 BMA E . -32.87 21.78 -12.59
C6 BMA E . -33.73 22.24 -13.76
O2 BMA E . -29.67 22.66 -11.67
O3 BMA E . -31.44 23.38 -9.47
O4 BMA E . -33.86 23.36 -11.08
O5 BMA E . -31.63 21.25 -13.10
O6 BMA E . -33.35 23.58 -14.04
C1 MAN E . -33.57 24.05 -15.39
C2 MAN E . -32.51 25.06 -15.73
C3 MAN E . -32.55 26.25 -14.75
C4 MAN E . -33.96 26.80 -14.52
C5 MAN E . -34.98 25.67 -14.40
C6 MAN E . -36.41 26.17 -14.40
O2 MAN E . -32.64 25.56 -17.07
O3 MAN E . -31.75 27.33 -15.27
O4 MAN E . -33.97 27.58 -13.31
O5 MAN E . -34.82 24.72 -15.48
O6 MAN E . -37.11 25.17 -13.66
C1 FUC E . -24.51 17.32 -16.34
C2 FUC E . -24.67 18.68 -15.67
C3 FUC E . -24.55 18.54 -14.17
C4 FUC E . -23.28 17.74 -13.79
C5 FUC E . -23.17 16.44 -14.58
C6 FUC E . -21.89 15.68 -14.22
O2 FUC E . -25.97 19.23 -15.95
O3 FUC E . -24.59 19.86 -13.64
O4 FUC E . -22.12 18.53 -14.03
O5 FUC E . -23.20 16.85 -15.96
C1 NAG F . 28.94 1.16 25.81
C2 NAG F . 30.25 1.74 26.36
C3 NAG F . 31.34 1.96 25.27
C4 NAG F . 31.44 0.78 24.28
C5 NAG F . 30.08 0.27 23.81
C6 NAG F . 30.22 -1.09 23.13
C7 NAG F . 29.41 3.12 28.20
C8 NAG F . 28.81 4.48 28.46
N2 NAG F . 29.75 2.96 26.92
O3 NAG F . 32.62 2.09 25.90
O4 NAG F . 32.23 1.20 23.15
O5 NAG F . 29.17 0.07 24.91
O6 NAG F . 29.34 -1.17 22.02
O7 NAG F . 29.57 2.28 29.08
C1 NAG F . 33.46 0.43 22.95
C2 NAG F . 34.00 0.95 21.61
C3 NAG F . 35.31 0.30 21.20
C4 NAG F . 36.34 0.29 22.33
C5 NAG F . 35.73 -0.10 23.68
C6 NAG F . 36.73 0.21 24.79
C7 NAG F . 32.29 1.73 19.99
C8 NAG F . 31.38 1.28 18.87
N2 NAG F . 33.04 0.75 20.53
O3 NAG F . 35.85 1.02 20.07
O4 NAG F . 37.34 -0.68 21.95
O5 NAG F . 34.47 0.57 23.98
O6 NAG F . 36.33 -0.51 25.98
O7 NAG F . 32.31 2.91 20.37
CA CA G . -11.01 3.05 -40.17
CA CA H . -3.07 -14.36 -46.80
C1 G39 I . -12.43 6.15 -29.36
O1A G39 I . -12.77 5.38 -28.44
O1B G39 I . -12.77 5.92 -30.55
C2 G39 I . -11.61 7.33 -29.06
C3 G39 I . -11.28 7.66 -27.61
C4 G39 I . -10.00 8.49 -27.41
C5 G39 I . -10.08 9.72 -28.31
N5 G39 I . -8.87 10.55 -28.19
C10 G39 I . -8.88 11.82 -27.74
O10 G39 I . -9.83 12.38 -27.28
C11 G39 I . -7.57 12.59 -27.87
C6 G39 I . -10.29 9.36 -29.79
C7 G39 I . -11.17 8.14 -30.05
O7 G39 I . -10.83 10.47 -30.54
C8 G39 I . -10.00 10.80 -31.67
C9 G39 I . -10.32 9.86 -32.87
C81 G39 I . -10.11 12.27 -32.07
C82 G39 I . -9.42 13.22 -31.06
C91 G39 I . -11.79 9.83 -33.26
N4 G39 I . -9.90 8.86 -25.99
C1 NAG J . 23.41 -5.95 -30.17
C2 NAG J . 24.57 -6.62 -30.93
C3 NAG J . 25.69 -7.11 -29.96
C4 NAG J . 26.00 -6.08 -28.86
C5 NAG J . 24.71 -5.66 -28.18
C6 NAG J . 24.91 -4.73 -26.98
C7 NAG J . 23.63 -7.56 -33.02
C8 NAG J . 23.05 -8.79 -33.68
N2 NAG J . 24.02 -7.70 -31.75
O3 NAG J . 26.93 -7.29 -30.67
O4 NAG J . 26.95 -6.63 -27.92
O5 NAG J . 23.89 -5.03 -29.19
O6 NAG J . 25.53 -3.49 -27.37
O7 NAG J . 23.72 -6.51 -33.67
C1 NAG K . 24.44 3.49 -29.19
C2 NAG K . 25.34 3.36 -30.41
C3 NAG K . 26.75 3.82 -30.08
C4 NAG K . 26.77 5.18 -29.37
C5 NAG K . 25.81 5.21 -28.18
C6 NAG K . 25.76 6.59 -27.55
C7 NAG K . 25.01 1.49 -31.99
C8 NAG K . 25.27 0.02 -32.21
N2 NAG K . 25.46 1.98 -30.83
O3 NAG K . 27.55 3.90 -31.27
O4 NAG K . 28.12 5.45 -28.92
O5 NAG K . 24.49 4.82 -28.63
O6 NAG K . 25.38 7.57 -28.53
O7 NAG K . 24.43 2.17 -32.84
CA CA L . -3.80 41.51 2.77
CA CA M . 5.54 46.60 -14.65
C1 G39 N . -7.14 31.20 5.80
O1A G39 N . -7.60 30.35 4.99
O1B G39 N . -7.19 32.42 5.45
C2 G39 N . -6.47 30.79 7.06
C3 G39 N . -6.10 29.31 7.22
C4 G39 N . -4.92 29.02 8.19
C5 G39 N . -4.99 29.90 9.42
N5 G39 N . -3.87 29.58 10.30
C10 G39 N . -4.00 29.04 11.51
O10 G39 N . -5.05 28.76 12.02
C11 G39 N . -2.73 28.82 12.29
C6 G39 N . -4.96 31.37 9.01
C7 G39 N . -6.05 31.68 7.98
O7 G39 N . -5.18 32.11 10.22
C8 G39 N . -4.27 33.23 10.45
C9 G39 N . -4.58 34.44 9.57
C81 G39 N . -4.31 33.66 11.90
C82 G39 N . -4.26 32.42 12.77
C91 G39 N . -6.00 34.94 9.67
N4 G39 N . -5.00 27.66 8.62
C1 NAG O . 28.27 25.31 -6.05
C2 NAG O . 29.56 25.97 -6.57
C3 NAG O . 30.55 24.90 -7.06
C4 NAG O . 30.68 23.76 -6.04
C5 NAG O . 29.32 23.21 -5.63
C6 NAG O . 29.37 22.03 -4.66
C7 NAG O . 29.03 28.30 -7.31
C8 NAG O . 28.58 29.14 -8.46
N2 NAG O . 29.15 26.98 -7.56
O3 NAG O . 31.85 25.49 -7.20
O4 NAG O . 31.52 22.72 -6.58
O5 NAG O . 28.57 24.31 -5.08
O6 NAG O . 30.12 22.34 -3.46
O7 NAG O . 29.26 28.84 -6.22
C1 NAG P . -21.54 20.14 13.36
C2 NAG P . -22.33 19.81 14.65
C3 NAG P . -22.52 21.01 15.64
C4 NAG P . -21.27 21.89 15.70
C5 NAG P . -21.01 22.36 14.27
C6 NAG P . -20.00 23.50 14.17
C7 NAG P . -23.81 17.89 14.03
C8 NAG P . -25.21 17.50 13.60
N2 NAG P . -23.61 19.22 14.23
O3 NAG P . -22.77 20.58 16.98
O4 NAG P . -21.41 22.97 16.67
O5 NAG P . -20.54 21.19 13.57
O6 NAG P . -20.28 24.32 13.02
O7 NAG P . -22.94 17.02 14.19
C1 NAG Q . 29.21 24.20 3.53
C2 NAG Q . 30.34 25.21 3.46
C3 NAG Q . 31.68 24.64 3.92
C4 NAG Q . 31.52 24.10 5.33
C5 NAG Q . 30.40 23.04 5.32
C6 NAG Q . 30.21 22.41 6.69
C7 NAG Q . 30.01 26.92 1.77
C8 NAG Q . 30.12 27.30 0.32
N2 NAG Q . 30.41 25.70 2.10
O3 NAG Q . 32.68 25.68 3.87
O4 NAG Q . 32.75 23.61 5.90
O5 NAG Q . 29.16 23.64 4.86
O6 NAG Q . 29.91 23.43 7.67
O7 NAG Q . 29.59 27.72 2.61
CA CA R . -4.55 -1.69 41.46
CA CA S . 7.37 14.04 46.39
C1 G39 T . -8.27 -4.27 31.14
O1A G39 T . -8.26 -3.98 32.37
O1B G39 T . -8.63 -3.44 30.29
C2 G39 T . -7.81 -5.59 30.71
C3 G39 T . -7.58 -5.86 29.23
C4 G39 T . -6.55 -6.98 28.90
C5 G39 T . -6.74 -8.18 29.81
N5 G39 T . -5.72 -9.20 29.51
C10 G39 T . -6.01 -10.41 29.01
O10 G39 T . -7.14 -10.75 28.73
C11 G39 T . -4.87 -11.39 28.79
C6 G39 T . -6.72 -7.79 31.28
C7 G39 T . -7.52 -6.54 31.64
O7 G39 T . -7.17 -8.88 32.09
C8 G39 T . -6.21 -9.25 33.09
C9 G39 T . -6.28 -8.26 34.26
C81 G39 T . -6.43 -10.69 33.54
C82 G39 T . -6.29 -11.68 32.39
C91 G39 T . -7.66 -8.15 34.89
N4 G39 T . -6.73 -7.40 27.49
C1 NAG U . -24.68 -8.06 18.84
C2 NAG U . -25.89 -7.92 17.88
C3 NAG U . -27.15 -8.39 18.59
C4 NAG U . -26.91 -9.79 19.19
C5 NAG U . -25.69 -9.80 20.11
C6 NAG U . -25.38 -11.20 20.64
C7 NAG U . -25.73 -6.04 16.29
C8 NAG U . -25.92 -4.57 16.13
N2 NAG U . -26.02 -6.53 17.50
O3 NAG U . -28.23 -8.39 17.65
O4 NAG U . -28.05 -10.18 19.97
O5 NAG U . -24.53 -9.35 19.41
O6 NAG U . -25.29 -11.08 22.06
O7 NAG U . -25.34 -6.70 15.32
C1 NAG V . 28.00 -8.16 24.73
C2 NAG V . 29.04 -8.33 25.85
C3 NAG V . 30.28 -9.10 25.40
C4 NAG V . 29.91 -10.39 24.70
C5 NAG V . 28.87 -10.13 23.60
C6 NAG V . 28.40 -11.43 22.97
C7 NAG V . 29.08 -6.58 27.56
C8 NAG V . 29.62 -5.24 27.97
N2 NAG V . 29.48 -7.04 26.38
O3 NAG V . 31.08 -9.40 26.55
O4 NAG V . 31.09 -11.03 24.15
O5 NAG V . 27.72 -9.43 24.12
O6 NAG V . 27.99 -12.31 24.03
O7 NAG V . 28.29 -7.19 28.28
CA CA W . -11.62 -40.11 -1.46
CA CA X . -0.52 -47.01 14.28
C1 G39 Y . -13.50 -29.29 -4.00
O1A G39 Y . -13.63 -30.51 -3.60
O1B G39 Y . -13.64 -28.35 -3.15
C2 G39 Y . -13.04 -28.98 -5.39
C3 G39 Y . -12.44 -27.58 -5.64
C4 G39 Y . -11.41 -27.50 -6.79
C5 G39 Y . -11.86 -28.31 -7.98
N5 G39 Y . -10.85 -28.18 -9.02
C10 G39 Y . -11.03 -27.65 -10.22
O10 G39 Y . -12.08 -27.22 -10.59
C11 G39 Y . -9.85 -27.58 -11.14
C6 G39 Y . -12.05 -29.76 -7.57
C7 G39 Y . -13.01 -29.91 -6.37
O7 G39 Y . -12.51 -30.45 -8.73
C8 G39 Y . -11.87 -31.72 -9.04
C9 G39 Y . -12.22 -32.84 -8.06
C81 G39 Y . -12.18 -32.15 -10.46
C82 G39 Y . -12.19 -30.95 -11.40
C91 G39 Y . -13.71 -33.20 -8.05
N4 G39 Y . -11.26 -26.13 -7.23
C1 NAG Z . 24.02 -29.98 1.36
C2 NAG Z . 25.29 -30.63 1.97
C3 NAG Z . 26.41 -29.62 2.26
C4 NAG Z . 26.58 -28.60 1.14
C5 NAG Z . 25.22 -27.96 0.83
C6 NAG Z . 25.27 -26.83 -0.22
C7 NAG Z . 24.52 -32.67 3.19
C8 NAG Z . 23.83 -33.14 4.43
N2 NAG Z . 24.69 -31.34 3.11
O3 NAG Z . 27.68 -30.28 2.38
O4 NAG Z . 27.59 -27.63 1.50
O5 NAG Z . 24.37 -29.02 0.37
O6 NAG Z . 25.61 -27.33 -1.53
O7 NAG Z . 24.89 -33.47 2.34
C1 NAG AA . -27.55 -14.29 -8.19
C2 NAG AA . -28.37 -12.99 -8.21
C3 NAG AA . -29.82 -13.28 -8.60
C4 NAG AA . -29.89 -14.09 -9.89
C5 NAG AA . -29.01 -15.36 -9.78
C6 NAG AA . -29.00 -16.16 -11.08
C7 NAG AA . -27.50 -11.11 -6.83
C8 NAG AA . -27.41 -10.46 -5.48
N2 NAG AA . -28.24 -12.27 -6.93
O3 NAG AA . -30.47 -12.04 -8.86
O4 NAG AA . -31.26 -14.39 -10.18
O5 NAG AA . -27.64 -15.02 -9.42
O6 NAG AA . -28.68 -15.31 -12.19
O7 NAG AA . -26.92 -10.61 -7.77
C1 NAG BA . 23.28 -28.92 -8.06
C2 NAG BA . 24.25 -30.09 -8.14
C3 NAG BA . 25.58 -29.62 -8.71
C4 NAG BA . 25.35 -28.95 -10.08
C5 NAG BA . 24.20 -27.92 -10.04
C6 NAG BA . 23.81 -27.48 -11.46
C7 NAG BA . 23.80 -31.83 -6.45
C8 NAG BA . 23.98 -32.25 -5.01
N2 NAG BA . 24.37 -30.66 -6.79
O3 NAG BA . 26.44 -30.75 -8.85
O4 NAG BA . 26.56 -28.30 -10.52
O5 NAG BA . 23.03 -28.43 -9.38
O6 NAG BA . 23.34 -28.63 -12.17
O7 NAG BA . 23.19 -32.53 -7.25
#